data_3P2H
# 
_entry.id   3P2H 
# 
_audit_conform.dict_name       mmcif_pdbx.dic 
_audit_conform.dict_version    5.388 
_audit_conform.dict_location   http://mmcif.pdb.org/dictionaries/ascii/mmcif_pdbx.dic 
# 
loop_
_database_2.database_id 
_database_2.database_code 
_database_2.pdbx_database_accession 
_database_2.pdbx_DOI 
PDB   3P2H         pdb_00003p2h 10.2210/pdb3p2h/pdb 
RCSB  RCSB061873   ?            ?                   
WWPDB D_1000061873 ?            ?                   
# 
loop_
_pdbx_audit_revision_history.ordinal 
_pdbx_audit_revision_history.data_content_type 
_pdbx_audit_revision_history.major_revision 
_pdbx_audit_revision_history.minor_revision 
_pdbx_audit_revision_history.revision_date 
1 'Structure model' 1 0 2011-07-06 
2 'Structure model' 1 1 2011-07-13 
3 'Structure model' 1 2 2011-08-10 
4 'Structure model' 1 3 2024-03-20 
# 
_pdbx_audit_revision_details.ordinal             1 
_pdbx_audit_revision_details.revision_ordinal    1 
_pdbx_audit_revision_details.data_content_type   'Structure model' 
_pdbx_audit_revision_details.provider            repository 
_pdbx_audit_revision_details.type                'Initial release' 
_pdbx_audit_revision_details.description         ? 
_pdbx_audit_revision_details.details             ? 
# 
loop_
_pdbx_audit_revision_group.ordinal 
_pdbx_audit_revision_group.revision_ordinal 
_pdbx_audit_revision_group.data_content_type 
_pdbx_audit_revision_group.group 
1 2 'Structure model' 'Version format compliance' 
2 3 'Structure model' 'Database references'       
3 4 'Structure model' 'Data collection'           
4 4 'Structure model' 'Database references'       
5 4 'Structure model' 'Derived calculations'      
# 
loop_
_pdbx_audit_revision_category.ordinal 
_pdbx_audit_revision_category.revision_ordinal 
_pdbx_audit_revision_category.data_content_type 
_pdbx_audit_revision_category.category 
1 4 'Structure model' chem_comp_atom     
2 4 'Structure model' chem_comp_bond     
3 4 'Structure model' database_2         
4 4 'Structure model' struct_ref_seq_dif 
5 4 'Structure model' struct_site        
# 
loop_
_pdbx_audit_revision_item.ordinal 
_pdbx_audit_revision_item.revision_ordinal 
_pdbx_audit_revision_item.data_content_type 
_pdbx_audit_revision_item.item 
1 4 'Structure model' '_database_2.pdbx_DOI'                
2 4 'Structure model' '_database_2.pdbx_database_accession' 
3 4 'Structure model' '_struct_ref_seq_dif.details'         
4 4 'Structure model' '_struct_site.pdbx_auth_asym_id'      
5 4 'Structure model' '_struct_site.pdbx_auth_comp_id'      
6 4 'Structure model' '_struct_site.pdbx_auth_seq_id'       
# 
_pdbx_database_status.entry_id                        3P2H 
_pdbx_database_status.deposit_site                    RCSB 
_pdbx_database_status.process_site                    PDBJ 
_pdbx_database_status.recvd_initial_deposition_date   2010-10-02 
_pdbx_database_status.status_code                     REL 
_pdbx_database_status.status_code_sf                  REL 
_pdbx_database_status.status_code_mr                  ? 
_pdbx_database_status.SG_entry                        ? 
_pdbx_database_status.status_code_cs                  ? 
_pdbx_database_status.pdb_format_compatible           Y 
_pdbx_database_status.status_code_nmr_data            ? 
_pdbx_database_status.methods_development_category    ? 
# 
_pdbx_database_related.db_name        PDB 
_pdbx_database_related.db_id          3P2F 
_pdbx_database_related.details        . 
_pdbx_database_related.content_type   unspecified 
# 
loop_
_audit_author.name 
_audit_author.pdbx_ordinal 
'Yu, S.'   1 
'Rhee, S.' 2 
# 
_citation.id                        primary 
_citation.title                     'Small-molecule inhibitor binding to an N-acyl-homoserine lactone synthase' 
_citation.journal_abbrev            Proc.Natl.Acad.Sci.USA 
_citation.journal_volume            108 
_citation.page_first                12089 
_citation.page_last                 12094 
_citation.year                      2011 
_citation.journal_id_ASTM           PNASA6 
_citation.country                   US 
_citation.journal_id_ISSN           0027-8424 
_citation.journal_id_CSD            0040 
_citation.book_publisher            ? 
_citation.pdbx_database_id_PubMed   21730159 
_citation.pdbx_database_id_DOI      10.1073/pnas.1103165108 
# 
loop_
_citation_author.citation_id 
_citation_author.name 
_citation_author.ordinal 
_citation_author.identifier_ORCID 
primary 'Chung, J.'    1  ? 
primary 'Goo, E.'      2  ? 
primary 'Yu, S.'       3  ? 
primary 'Choi, O.'     4  ? 
primary 'Lee, J.'      5  ? 
primary 'Kim, J.'      6  ? 
primary 'Kim, H.'      7  ? 
primary 'Igarashi, J.' 8  ? 
primary 'Suga, H.'     9  ? 
primary 'Moon, J.S.'   10 ? 
primary 'Hwang, I.'    11 ? 
primary 'Rhee, S.'     12 ? 
# 
loop_
_entity.id 
_entity.type 
_entity.src_method 
_entity.pdbx_description 
_entity.formula_weight 
_entity.pdbx_number_of_molecules 
_entity.pdbx_ec 
_entity.pdbx_mutation 
_entity.pdbx_fragment 
_entity.details 
1 polymer     man 'AHL synthase'                          22219.258 1  ? 'F42M, I149M, L152M, deletion H91, deletion P92' ? ? 
2 non-polymer syn "5'-DEOXY-5'-METHYLTHIOADENOSINE"       297.334   1  ? ?                                                ? ? 
3 non-polymer syn 'N-(3-oxocyclohex-1-en-1-yl)octanamide' 237.338   1  ? ?                                                ? ? 
4 water       nat water                                   18.015    95 ? ?                                                ? ? 
# 
_entity_name_com.entity_id   1 
_entity_name_com.name        'Acyl homoserine lactone synthase' 
# 
_entity_poly.entity_id                      1 
_entity_poly.type                           'polypeptide(L)' 
_entity_poly.nstd_linkage                   no 
_entity_poly.nstd_monomer                   no 
_entity_poly.pdbx_seq_one_letter_code       
;MQTFVHEAGRLPAHIAAELGSYRYRVFVEQLGWQLPSEDEKMERDQYDRDDTVYVLGRDANGEICGCARLLPTTRPYLLQ
EVFPHLLADEAPRSAHVWELSRFAATPEEGADAGSLAWSVRPMLAAAVECAARRGARQLIGVTFCSMERMFRRIGVHAHR
AGAPVSIDGRMVVACWIDIDAQTLAALDLDPALCASQPEAA
;
_entity_poly.pdbx_seq_one_letter_code_can   
;MQTFVHEAGRLPAHIAAELGSYRYRVFVEQLGWQLPSEDEKMERDQYDRDDTVYVLGRDANGEICGCARLLPTTRPYLLQ
EVFPHLLADEAPRSAHVWELSRFAATPEEGADAGSLAWSVRPMLAAAVECAARRGARQLIGVTFCSMERMFRRIGVHAHR
AGAPVSIDGRMVVACWIDIDAQTLAALDLDPALCASQPEAA
;
_entity_poly.pdbx_strand_id                 A 
_entity_poly.pdbx_target_identifier         ? 
# 
loop_
_pdbx_entity_nonpoly.entity_id 
_pdbx_entity_nonpoly.name 
_pdbx_entity_nonpoly.comp_id 
2 "5'-DEOXY-5'-METHYLTHIOADENOSINE"       MTA 
3 'N-(3-oxocyclohex-1-en-1-yl)octanamide' NOO 
4 water                                   HOH 
# 
loop_
_entity_poly_seq.entity_id 
_entity_poly_seq.num 
_entity_poly_seq.mon_id 
_entity_poly_seq.hetero 
1 1   MET n 
1 2   GLN n 
1 3   THR n 
1 4   PHE n 
1 5   VAL n 
1 6   HIS n 
1 7   GLU n 
1 8   ALA n 
1 9   GLY n 
1 10  ARG n 
1 11  LEU n 
1 12  PRO n 
1 13  ALA n 
1 14  HIS n 
1 15  ILE n 
1 16  ALA n 
1 17  ALA n 
1 18  GLU n 
1 19  LEU n 
1 20  GLY n 
1 21  SER n 
1 22  TYR n 
1 23  ARG n 
1 24  TYR n 
1 25  ARG n 
1 26  VAL n 
1 27  PHE n 
1 28  VAL n 
1 29  GLU n 
1 30  GLN n 
1 31  LEU n 
1 32  GLY n 
1 33  TRP n 
1 34  GLN n 
1 35  LEU n 
1 36  PRO n 
1 37  SER n 
1 38  GLU n 
1 39  ASP n 
1 40  GLU n 
1 41  LYS n 
1 42  MET n 
1 43  GLU n 
1 44  ARG n 
1 45  ASP n 
1 46  GLN n 
1 47  TYR n 
1 48  ASP n 
1 49  ARG n 
1 50  ASP n 
1 51  ASP n 
1 52  THR n 
1 53  VAL n 
1 54  TYR n 
1 55  VAL n 
1 56  LEU n 
1 57  GLY n 
1 58  ARG n 
1 59  ASP n 
1 60  ALA n 
1 61  ASN n 
1 62  GLY n 
1 63  GLU n 
1 64  ILE n 
1 65  CYS n 
1 66  GLY n 
1 67  CYS n 
1 68  ALA n 
1 69  ARG n 
1 70  LEU n 
1 71  LEU n 
1 72  PRO n 
1 73  THR n 
1 74  THR n 
1 75  ARG n 
1 76  PRO n 
1 77  TYR n 
1 78  LEU n 
1 79  LEU n 
1 80  GLN n 
1 81  GLU n 
1 82  VAL n 
1 83  PHE n 
1 84  PRO n 
1 85  HIS n 
1 86  LEU n 
1 87  LEU n 
1 88  ALA n 
1 89  ASP n 
1 90  GLU n 
1 91  ALA n 
1 92  PRO n 
1 93  ARG n 
1 94  SER n 
1 95  ALA n 
1 96  HIS n 
1 97  VAL n 
1 98  TRP n 
1 99  GLU n 
1 100 LEU n 
1 101 SER n 
1 102 ARG n 
1 103 PHE n 
1 104 ALA n 
1 105 ALA n 
1 106 THR n 
1 107 PRO n 
1 108 GLU n 
1 109 GLU n 
1 110 GLY n 
1 111 ALA n 
1 112 ASP n 
1 113 ALA n 
1 114 GLY n 
1 115 SER n 
1 116 LEU n 
1 117 ALA n 
1 118 TRP n 
1 119 SER n 
1 120 VAL n 
1 121 ARG n 
1 122 PRO n 
1 123 MET n 
1 124 LEU n 
1 125 ALA n 
1 126 ALA n 
1 127 ALA n 
1 128 VAL n 
1 129 GLU n 
1 130 CYS n 
1 131 ALA n 
1 132 ALA n 
1 133 ARG n 
1 134 ARG n 
1 135 GLY n 
1 136 ALA n 
1 137 ARG n 
1 138 GLN n 
1 139 LEU n 
1 140 ILE n 
1 141 GLY n 
1 142 VAL n 
1 143 THR n 
1 144 PHE n 
1 145 CYS n 
1 146 SER n 
1 147 MET n 
1 148 GLU n 
1 149 ARG n 
1 150 MET n 
1 151 PHE n 
1 152 ARG n 
1 153 ARG n 
1 154 ILE n 
1 155 GLY n 
1 156 VAL n 
1 157 HIS n 
1 158 ALA n 
1 159 HIS n 
1 160 ARG n 
1 161 ALA n 
1 162 GLY n 
1 163 ALA n 
1 164 PRO n 
1 165 VAL n 
1 166 SER n 
1 167 ILE n 
1 168 ASP n 
1 169 GLY n 
1 170 ARG n 
1 171 MET n 
1 172 VAL n 
1 173 VAL n 
1 174 ALA n 
1 175 CYS n 
1 176 TRP n 
1 177 ILE n 
1 178 ASP n 
1 179 ILE n 
1 180 ASP n 
1 181 ALA n 
1 182 GLN n 
1 183 THR n 
1 184 LEU n 
1 185 ALA n 
1 186 ALA n 
1 187 LEU n 
1 188 ASP n 
1 189 LEU n 
1 190 ASP n 
1 191 PRO n 
1 192 ALA n 
1 193 LEU n 
1 194 CYS n 
1 195 ALA n 
1 196 SER n 
1 197 GLN n 
1 198 PRO n 
1 199 GLU n 
1 200 ALA n 
1 201 ALA n 
# 
_entity_src_gen.entity_id                          1 
_entity_src_gen.pdbx_src_id                        1 
_entity_src_gen.pdbx_alt_source_flag               sample 
_entity_src_gen.pdbx_seq_type                      ? 
_entity_src_gen.pdbx_beg_seq_num                   ? 
_entity_src_gen.pdbx_end_seq_num                   ? 
_entity_src_gen.gene_src_common_name               'Pseudomonas glumae' 
_entity_src_gen.gene_src_genus                     ? 
_entity_src_gen.pdbx_gene_src_gene                 tofI 
_entity_src_gen.gene_src_species                   ? 
_entity_src_gen.gene_src_strain                    ? 
_entity_src_gen.gene_src_tissue                    ? 
_entity_src_gen.gene_src_tissue_fraction           ? 
_entity_src_gen.gene_src_details                   ? 
_entity_src_gen.pdbx_gene_src_fragment             ? 
_entity_src_gen.pdbx_gene_src_scientific_name      'Burkholderia glumae' 
_entity_src_gen.pdbx_gene_src_ncbi_taxonomy_id     337 
_entity_src_gen.pdbx_gene_src_variant              ? 
_entity_src_gen.pdbx_gene_src_cell_line            ? 
_entity_src_gen.pdbx_gene_src_atcc                 ? 
_entity_src_gen.pdbx_gene_src_organ                ? 
_entity_src_gen.pdbx_gene_src_organelle            ? 
_entity_src_gen.pdbx_gene_src_cell                 ? 
_entity_src_gen.pdbx_gene_src_cellular_location    ? 
_entity_src_gen.host_org_common_name               ? 
_entity_src_gen.pdbx_host_org_scientific_name      'Escherichia coli' 
_entity_src_gen.pdbx_host_org_ncbi_taxonomy_id     562 
_entity_src_gen.host_org_genus                     ? 
_entity_src_gen.pdbx_host_org_gene                 ? 
_entity_src_gen.pdbx_host_org_organ                ? 
_entity_src_gen.host_org_species                   ? 
_entity_src_gen.pdbx_host_org_tissue               ? 
_entity_src_gen.pdbx_host_org_tissue_fraction      ? 
_entity_src_gen.pdbx_host_org_strain               'BL21(DE3)pLysS' 
_entity_src_gen.pdbx_host_org_variant              ? 
_entity_src_gen.pdbx_host_org_cell_line            ? 
_entity_src_gen.pdbx_host_org_atcc                 ? 
_entity_src_gen.pdbx_host_org_culture_collection   ? 
_entity_src_gen.pdbx_host_org_cell                 ? 
_entity_src_gen.pdbx_host_org_organelle            ? 
_entity_src_gen.pdbx_host_org_cellular_location    ? 
_entity_src_gen.pdbx_host_org_vector_type          plasmid 
_entity_src_gen.pdbx_host_org_vector               ? 
_entity_src_gen.host_org_details                   ? 
_entity_src_gen.expression_system_id               ? 
_entity_src_gen.plasmid_name                       pET28a 
_entity_src_gen.plasmid_details                    ? 
_entity_src_gen.pdbx_description                   ? 
# 
loop_
_chem_comp.id 
_chem_comp.type 
_chem_comp.mon_nstd_flag 
_chem_comp.name 
_chem_comp.pdbx_synonyms 
_chem_comp.formula 
_chem_comp.formula_weight 
ALA 'L-peptide linking' y ALANINE                                 ? 'C3 H7 N O2'      89.093  
ARG 'L-peptide linking' y ARGININE                                ? 'C6 H15 N4 O2 1'  175.209 
ASN 'L-peptide linking' y ASPARAGINE                              ? 'C4 H8 N2 O3'     132.118 
ASP 'L-peptide linking' y 'ASPARTIC ACID'                         ? 'C4 H7 N O4'      133.103 
CYS 'L-peptide linking' y CYSTEINE                                ? 'C3 H7 N O2 S'    121.158 
GLN 'L-peptide linking' y GLUTAMINE                               ? 'C5 H10 N2 O3'    146.144 
GLU 'L-peptide linking' y 'GLUTAMIC ACID'                         ? 'C5 H9 N O4'      147.129 
GLY 'peptide linking'   y GLYCINE                                 ? 'C2 H5 N O2'      75.067  
HIS 'L-peptide linking' y HISTIDINE                               ? 'C6 H10 N3 O2 1'  156.162 
HOH non-polymer         . WATER                                   ? 'H2 O'            18.015  
ILE 'L-peptide linking' y ISOLEUCINE                              ? 'C6 H13 N O2'     131.173 
LEU 'L-peptide linking' y LEUCINE                                 ? 'C6 H13 N O2'     131.173 
LYS 'L-peptide linking' y LYSINE                                  ? 'C6 H15 N2 O2 1'  147.195 
MET 'L-peptide linking' y METHIONINE                              ? 'C5 H11 N O2 S'   149.211 
MTA non-polymer         . "5'-DEOXY-5'-METHYLTHIOADENOSINE"       ? 'C11 H15 N5 O3 S' 297.334 
NOO non-polymer         . 'N-(3-oxocyclohex-1-en-1-yl)octanamide' ? 'C14 H23 N O2'    237.338 
PHE 'L-peptide linking' y PHENYLALANINE                           ? 'C9 H11 N O2'     165.189 
PRO 'L-peptide linking' y PROLINE                                 ? 'C5 H9 N O2'      115.130 
SER 'L-peptide linking' y SERINE                                  ? 'C3 H7 N O3'      105.093 
THR 'L-peptide linking' y THREONINE                               ? 'C4 H9 N O3'      119.119 
TRP 'L-peptide linking' y TRYPTOPHAN                              ? 'C11 H12 N2 O2'   204.225 
TYR 'L-peptide linking' y TYROSINE                                ? 'C9 H11 N O3'     181.189 
VAL 'L-peptide linking' y VALINE                                  ? 'C5 H11 N O2'     117.146 
# 
loop_
_pdbx_poly_seq_scheme.asym_id 
_pdbx_poly_seq_scheme.entity_id 
_pdbx_poly_seq_scheme.seq_id 
_pdbx_poly_seq_scheme.mon_id 
_pdbx_poly_seq_scheme.ndb_seq_num 
_pdbx_poly_seq_scheme.pdb_seq_num 
_pdbx_poly_seq_scheme.auth_seq_num 
_pdbx_poly_seq_scheme.pdb_mon_id 
_pdbx_poly_seq_scheme.auth_mon_id 
_pdbx_poly_seq_scheme.pdb_strand_id 
_pdbx_poly_seq_scheme.pdb_ins_code 
_pdbx_poly_seq_scheme.hetero 
A 1 1   MET 1   1   1   MET MET A . n 
A 1 2   GLN 2   2   2   GLN GLN A . n 
A 1 3   THR 3   3   3   THR THR A . n 
A 1 4   PHE 4   4   4   PHE PHE A . n 
A 1 5   VAL 5   5   5   VAL VAL A . n 
A 1 6   HIS 6   6   6   HIS HIS A . n 
A 1 7   GLU 7   7   7   GLU GLU A . n 
A 1 8   ALA 8   8   8   ALA ALA A . n 
A 1 9   GLY 9   9   9   GLY GLY A . n 
A 1 10  ARG 10  10  10  ARG ARG A . n 
A 1 11  LEU 11  11  11  LEU LEU A . n 
A 1 12  PRO 12  12  12  PRO PRO A . n 
A 1 13  ALA 13  13  13  ALA ALA A . n 
A 1 14  HIS 14  14  14  HIS HIS A . n 
A 1 15  ILE 15  15  15  ILE ILE A . n 
A 1 16  ALA 16  16  16  ALA ALA A . n 
A 1 17  ALA 17  17  17  ALA ALA A . n 
A 1 18  GLU 18  18  18  GLU GLU A . n 
A 1 19  LEU 19  19  19  LEU LEU A . n 
A 1 20  GLY 20  20  20  GLY GLY A . n 
A 1 21  SER 21  21  21  SER SER A . n 
A 1 22  TYR 22  22  22  TYR TYR A . n 
A 1 23  ARG 23  23  23  ARG ARG A . n 
A 1 24  TYR 24  24  24  TYR TYR A . n 
A 1 25  ARG 25  25  25  ARG ARG A . n 
A 1 26  VAL 26  26  26  VAL VAL A . n 
A 1 27  PHE 27  27  27  PHE PHE A . n 
A 1 28  VAL 28  28  28  VAL VAL A . n 
A 1 29  GLU 29  29  29  GLU GLU A . n 
A 1 30  GLN 30  30  30  GLN GLN A . n 
A 1 31  LEU 31  31  31  LEU LEU A . n 
A 1 32  GLY 32  32  32  GLY GLY A . n 
A 1 33  TRP 33  33  33  TRP TRP A . n 
A 1 34  GLN 34  34  34  GLN GLN A . n 
A 1 35  LEU 35  35  35  LEU LEU A . n 
A 1 36  PRO 36  36  36  PRO PRO A . n 
A 1 37  SER 37  37  37  SER SER A . n 
A 1 38  GLU 38  38  38  GLU GLU A . n 
A 1 39  ASP 39  39  39  ASP ASP A . n 
A 1 40  GLU 40  40  40  GLU GLU A . n 
A 1 41  LYS 41  41  41  LYS LYS A . n 
A 1 42  MET 42  42  42  MET MET A . n 
A 1 43  GLU 43  43  43  GLU GLU A . n 
A 1 44  ARG 44  44  44  ARG ARG A . n 
A 1 45  ASP 45  45  45  ASP ASP A . n 
A 1 46  GLN 46  46  46  GLN GLN A . n 
A 1 47  TYR 47  47  47  TYR TYR A . n 
A 1 48  ASP 48  48  48  ASP ASP A . n 
A 1 49  ARG 49  49  49  ARG ARG A . n 
A 1 50  ASP 50  50  50  ASP ASP A . n 
A 1 51  ASP 51  51  51  ASP ASP A . n 
A 1 52  THR 52  52  52  THR THR A . n 
A 1 53  VAL 53  53  53  VAL VAL A . n 
A 1 54  TYR 54  54  54  TYR TYR A . n 
A 1 55  VAL 55  55  55  VAL VAL A . n 
A 1 56  LEU 56  56  56  LEU LEU A . n 
A 1 57  GLY 57  57  57  GLY GLY A . n 
A 1 58  ARG 58  58  58  ARG ARG A . n 
A 1 59  ASP 59  59  59  ASP ASP A . n 
A 1 60  ALA 60  60  60  ALA ALA A . n 
A 1 61  ASN 61  61  61  ASN ASN A . n 
A 1 62  GLY 62  62  62  GLY GLY A . n 
A 1 63  GLU 63  63  63  GLU GLU A . n 
A 1 64  ILE 64  64  64  ILE ILE A . n 
A 1 65  CYS 65  65  65  CYS CYS A . n 
A 1 66  GLY 66  66  66  GLY GLY A . n 
A 1 67  CYS 67  67  67  CYS CYS A . n 
A 1 68  ALA 68  68  68  ALA ALA A . n 
A 1 69  ARG 69  69  69  ARG ARG A . n 
A 1 70  LEU 70  70  70  LEU LEU A . n 
A 1 71  LEU 71  71  71  LEU LEU A . n 
A 1 72  PRO 72  72  72  PRO PRO A . n 
A 1 73  THR 73  73  73  THR THR A . n 
A 1 74  THR 74  74  74  THR THR A . n 
A 1 75  ARG 75  75  75  ARG ARG A . n 
A 1 76  PRO 76  76  76  PRO PRO A . n 
A 1 77  TYR 77  77  77  TYR TYR A . n 
A 1 78  LEU 78  78  78  LEU LEU A . n 
A 1 79  LEU 79  79  79  LEU LEU A . n 
A 1 80  GLN 80  80  80  GLN GLN A . n 
A 1 81  GLU 81  81  81  GLU GLU A . n 
A 1 82  VAL 82  82  82  VAL VAL A . n 
A 1 83  PHE 83  83  83  PHE PHE A . n 
A 1 84  PRO 84  84  84  PRO PRO A . n 
A 1 85  HIS 85  85  85  HIS HIS A . n 
A 1 86  LEU 86  86  86  LEU LEU A . n 
A 1 87  LEU 87  87  87  LEU LEU A . n 
A 1 88  ALA 88  88  88  ALA ALA A . n 
A 1 89  ASP 89  89  89  ASP ASP A . n 
A 1 90  GLU 90  90  90  GLU GLU A . n 
A 1 91  ALA 91  93  93  ALA ALA A . n 
A 1 92  PRO 92  94  94  PRO PRO A . n 
A 1 93  ARG 93  95  95  ARG ARG A . n 
A 1 94  SER 94  96  96  SER SER A . n 
A 1 95  ALA 95  97  97  ALA ALA A . n 
A 1 96  HIS 96  98  98  HIS HIS A . n 
A 1 97  VAL 97  99  99  VAL VAL A . n 
A 1 98  TRP 98  100 100 TRP TRP A . n 
A 1 99  GLU 99  101 101 GLU GLU A . n 
A 1 100 LEU 100 102 102 LEU LEU A . n 
A 1 101 SER 101 103 103 SER SER A . n 
A 1 102 ARG 102 104 104 ARG ARG A . n 
A 1 103 PHE 103 105 105 PHE PHE A . n 
A 1 104 ALA 104 106 106 ALA ALA A . n 
A 1 105 ALA 105 107 107 ALA ALA A . n 
A 1 106 THR 106 108 108 THR THR A . n 
A 1 107 PRO 107 109 ?   ?   ?   A . n 
A 1 108 GLU 108 110 ?   ?   ?   A . n 
A 1 109 GLU 109 111 ?   ?   ?   A . n 
A 1 110 GLY 110 112 ?   ?   ?   A . n 
A 1 111 ALA 111 113 ?   ?   ?   A . n 
A 1 112 ASP 112 114 ?   ?   ?   A . n 
A 1 113 ALA 113 115 ?   ?   ?   A . n 
A 1 114 GLY 114 116 ?   ?   ?   A . n 
A 1 115 SER 115 117 ?   ?   ?   A . n 
A 1 116 LEU 116 118 ?   ?   ?   A . n 
A 1 117 ALA 117 119 119 ALA ALA A . n 
A 1 118 TRP 118 120 120 TRP TRP A . n 
A 1 119 SER 119 121 121 SER SER A . n 
A 1 120 VAL 120 122 122 VAL VAL A . n 
A 1 121 ARG 121 123 123 ARG ARG A . n 
A 1 122 PRO 122 124 124 PRO PRO A . n 
A 1 123 MET 123 125 125 MET MET A . n 
A 1 124 LEU 124 126 126 LEU LEU A . n 
A 1 125 ALA 125 127 127 ALA ALA A . n 
A 1 126 ALA 126 128 128 ALA ALA A . n 
A 1 127 ALA 127 129 129 ALA ALA A . n 
A 1 128 VAL 128 130 130 VAL VAL A . n 
A 1 129 GLU 129 131 131 GLU GLU A . n 
A 1 130 CYS 130 132 132 CYS CYS A . n 
A 1 131 ALA 131 133 133 ALA ALA A . n 
A 1 132 ALA 132 134 134 ALA ALA A . n 
A 1 133 ARG 133 135 135 ARG ARG A . n 
A 1 134 ARG 134 136 136 ARG ARG A . n 
A 1 135 GLY 135 137 137 GLY GLY A . n 
A 1 136 ALA 136 138 138 ALA ALA A . n 
A 1 137 ARG 137 139 139 ARG ARG A . n 
A 1 138 GLN 138 140 140 GLN GLN A . n 
A 1 139 LEU 139 141 141 LEU LEU A . n 
A 1 140 ILE 140 142 142 ILE ILE A . n 
A 1 141 GLY 141 143 143 GLY GLY A . n 
A 1 142 VAL 142 144 144 VAL VAL A . n 
A 1 143 THR 143 145 145 THR THR A . n 
A 1 144 PHE 144 146 146 PHE PHE A . n 
A 1 145 CYS 145 147 147 CYS CYS A . n 
A 1 146 SER 146 148 148 SER SER A . n 
A 1 147 MET 147 149 149 MET MET A . n 
A 1 148 GLU 148 150 150 GLU GLU A . n 
A 1 149 ARG 149 151 151 ARG ARG A . n 
A 1 150 MET 150 152 152 MET MET A . n 
A 1 151 PHE 151 153 153 PHE PHE A . n 
A 1 152 ARG 152 154 154 ARG ARG A . n 
A 1 153 ARG 153 155 155 ARG ARG A . n 
A 1 154 ILE 154 156 156 ILE ILE A . n 
A 1 155 GLY 155 157 157 GLY GLY A . n 
A 1 156 VAL 156 158 158 VAL VAL A . n 
A 1 157 HIS 157 159 159 HIS HIS A . n 
A 1 158 ALA 158 160 160 ALA ALA A . n 
A 1 159 HIS 159 161 161 HIS HIS A . n 
A 1 160 ARG 160 162 162 ARG ARG A . n 
A 1 161 ALA 161 163 163 ALA ALA A . n 
A 1 162 GLY 162 164 164 GLY GLY A . n 
A 1 163 ALA 163 165 165 ALA ALA A . n 
A 1 164 PRO 164 166 166 PRO PRO A . n 
A 1 165 VAL 165 167 167 VAL VAL A . n 
A 1 166 SER 166 168 168 SER SER A . n 
A 1 167 ILE 167 169 169 ILE ILE A . n 
A 1 168 ASP 168 170 170 ASP ASP A . n 
A 1 169 GLY 169 171 171 GLY GLY A . n 
A 1 170 ARG 170 172 172 ARG ARG A . n 
A 1 171 MET 171 173 173 MET MET A . n 
A 1 172 VAL 172 174 174 VAL VAL A . n 
A 1 173 VAL 173 175 175 VAL VAL A . n 
A 1 174 ALA 174 176 176 ALA ALA A . n 
A 1 175 CYS 175 177 177 CYS CYS A . n 
A 1 176 TRP 176 178 178 TRP TRP A . n 
A 1 177 ILE 177 179 179 ILE ILE A . n 
A 1 178 ASP 178 180 180 ASP ASP A . n 
A 1 179 ILE 179 181 181 ILE ILE A . n 
A 1 180 ASP 180 182 182 ASP ASP A . n 
A 1 181 ALA 181 183 183 ALA ALA A . n 
A 1 182 GLN 182 184 184 GLN GLN A . n 
A 1 183 THR 183 185 185 THR THR A . n 
A 1 184 LEU 184 186 186 LEU LEU A . n 
A 1 185 ALA 185 187 187 ALA ALA A . n 
A 1 186 ALA 186 188 188 ALA ALA A . n 
A 1 187 LEU 187 189 189 LEU LEU A . n 
A 1 188 ASP 188 190 190 ASP ASP A . n 
A 1 189 LEU 189 191 191 LEU LEU A . n 
A 1 190 ASP 190 192 192 ASP ASP A . n 
A 1 191 PRO 191 193 193 PRO PRO A . n 
A 1 192 ALA 192 194 194 ALA ALA A . n 
A 1 193 LEU 193 195 195 LEU LEU A . n 
A 1 194 CYS 194 196 196 CYS CYS A . n 
A 1 195 ALA 195 197 ?   ?   ?   A . n 
A 1 196 SER 196 198 ?   ?   ?   A . n 
A 1 197 GLN 197 199 ?   ?   ?   A . n 
A 1 198 PRO 198 200 ?   ?   ?   A . n 
A 1 199 GLU 199 201 ?   ?   ?   A . n 
A 1 200 ALA 200 202 ?   ?   ?   A . n 
A 1 201 ALA 201 203 ?   ?   ?   A . n 
# 
loop_
_pdbx_nonpoly_scheme.asym_id 
_pdbx_nonpoly_scheme.entity_id 
_pdbx_nonpoly_scheme.mon_id 
_pdbx_nonpoly_scheme.ndb_seq_num 
_pdbx_nonpoly_scheme.pdb_seq_num 
_pdbx_nonpoly_scheme.auth_seq_num 
_pdbx_nonpoly_scheme.pdb_mon_id 
_pdbx_nonpoly_scheme.auth_mon_id 
_pdbx_nonpoly_scheme.pdb_strand_id 
_pdbx_nonpoly_scheme.pdb_ins_code 
B 2 MTA 1  204 204 MTA MTA A . 
C 3 NOO 1  300 300 NOO NOO A . 
D 4 HOH 1  91  91  HOH HOH A . 
D 4 HOH 2  92  92  HOH HOH A . 
D 4 HOH 3  205 205 HOH HOH A . 
D 4 HOH 4  206 206 HOH HOH A . 
D 4 HOH 5  207 207 HOH HOH A . 
D 4 HOH 6  208 208 HOH HOH A . 
D 4 HOH 7  209 209 HOH HOH A . 
D 4 HOH 8  210 210 HOH HOH A . 
D 4 HOH 9  211 211 HOH HOH A . 
D 4 HOH 10 212 212 HOH HOH A . 
D 4 HOH 11 213 213 HOH HOH A . 
D 4 HOH 12 214 214 HOH HOH A . 
D 4 HOH 13 215 215 HOH HOH A . 
D 4 HOH 14 216 216 HOH HOH A . 
D 4 HOH 15 217 217 HOH HOH A . 
D 4 HOH 16 218 218 HOH HOH A . 
D 4 HOH 17 219 219 HOH HOH A . 
D 4 HOH 18 220 220 HOH HOH A . 
D 4 HOH 19 221 221 HOH HOH A . 
D 4 HOH 20 222 222 HOH HOH A . 
D 4 HOH 21 223 223 HOH HOH A . 
D 4 HOH 22 224 224 HOH HOH A . 
D 4 HOH 23 225 225 HOH HOH A . 
D 4 HOH 24 226 226 HOH HOH A . 
D 4 HOH 25 227 227 HOH HOH A . 
D 4 HOH 26 228 228 HOH HOH A . 
D 4 HOH 27 229 229 HOH HOH A . 
D 4 HOH 28 230 230 HOH HOH A . 
D 4 HOH 29 231 231 HOH HOH A . 
D 4 HOH 30 232 232 HOH HOH A . 
D 4 HOH 31 233 233 HOH HOH A . 
D 4 HOH 32 234 234 HOH HOH A . 
D 4 HOH 33 235 235 HOH HOH A . 
D 4 HOH 34 236 236 HOH HOH A . 
D 4 HOH 35 237 237 HOH HOH A . 
D 4 HOH 36 238 238 HOH HOH A . 
D 4 HOH 37 239 239 HOH HOH A . 
D 4 HOH 38 240 240 HOH HOH A . 
D 4 HOH 39 241 241 HOH HOH A . 
D 4 HOH 40 242 242 HOH HOH A . 
D 4 HOH 41 243 243 HOH HOH A . 
D 4 HOH 42 244 244 HOH HOH A . 
D 4 HOH 43 245 245 HOH HOH A . 
D 4 HOH 44 246 246 HOH HOH A . 
D 4 HOH 45 247 247 HOH HOH A . 
D 4 HOH 46 248 248 HOH HOH A . 
D 4 HOH 47 249 249 HOH HOH A . 
D 4 HOH 48 250 250 HOH HOH A . 
D 4 HOH 49 251 251 HOH HOH A . 
D 4 HOH 50 252 252 HOH HOH A . 
D 4 HOH 51 253 253 HOH HOH A . 
D 4 HOH 52 254 254 HOH HOH A . 
D 4 HOH 53 255 255 HOH HOH A . 
D 4 HOH 54 256 256 HOH HOH A . 
D 4 HOH 55 257 257 HOH HOH A . 
D 4 HOH 56 258 258 HOH HOH A . 
D 4 HOH 57 259 259 HOH HOH A . 
D 4 HOH 58 260 260 HOH HOH A . 
D 4 HOH 59 261 261 HOH HOH A . 
D 4 HOH 60 262 262 HOH HOH A . 
D 4 HOH 61 263 263 HOH HOH A . 
D 4 HOH 62 264 264 HOH HOH A . 
D 4 HOH 63 265 265 HOH HOH A . 
D 4 HOH 64 266 266 HOH HOH A . 
D 4 HOH 65 267 267 HOH HOH A . 
D 4 HOH 66 268 268 HOH HOH A . 
D 4 HOH 67 269 269 HOH HOH A . 
D 4 HOH 68 270 270 HOH HOH A . 
D 4 HOH 69 271 271 HOH HOH A . 
D 4 HOH 70 272 272 HOH HOH A . 
D 4 HOH 71 273 273 HOH HOH A . 
D 4 HOH 72 274 274 HOH HOH A . 
D 4 HOH 73 275 275 HOH HOH A . 
D 4 HOH 74 276 276 HOH HOH A . 
D 4 HOH 75 277 277 HOH HOH A . 
D 4 HOH 76 278 278 HOH HOH A . 
D 4 HOH 77 279 279 HOH HOH A . 
D 4 HOH 78 280 280 HOH HOH A . 
D 4 HOH 79 281 281 HOH HOH A . 
D 4 HOH 80 282 282 HOH HOH A . 
D 4 HOH 81 283 283 HOH HOH A . 
D 4 HOH 82 284 284 HOH HOH A . 
D 4 HOH 83 285 285 HOH HOH A . 
D 4 HOH 84 286 286 HOH HOH A . 
D 4 HOH 85 287 287 HOH HOH A . 
D 4 HOH 86 288 288 HOH HOH A . 
D 4 HOH 87 289 289 HOH HOH A . 
D 4 HOH 88 290 290 HOH HOH A . 
D 4 HOH 89 291 291 HOH HOH A . 
D 4 HOH 90 292 292 HOH HOH A . 
D 4 HOH 91 293 293 HOH HOH A . 
D 4 HOH 92 294 294 HOH HOH A . 
D 4 HOH 93 295 295 HOH HOH A . 
D 4 HOH 94 296 296 HOH HOH A . 
D 4 HOH 95 297 297 HOH HOH A . 
# 
loop_
_software.pdbx_ordinal 
_software.name 
_software.version 
_software.date 
_software.type 
_software.contact_author 
_software.contact_author_email 
_software.classification 
_software.location 
_software.language 
_software.citation_id 
1 CNS         1.1  ?               package 'Axel T. Brunger' axel.brunger@yale.edu    refinement        http://cns-online.org/ 
Fortran_77 ? 
2 PDB_EXTRACT 3.10 'June 10, 2010' package PDB               deposit@deposit.rcsb.org 'data extraction' 
http://sw-tools.pdb.org/apps/PDB_EXTRACT/ C++        ? 
3 HKL-2000    .    ?               ?       ?                 ?                        'data collection' ? ?          ? 
4 HKL-2000    .    ?               ?       ?                 ?                        'data reduction'  ? ?          ? 
5 HKL-2000    .    ?               ?       ?                 ?                        'data scaling'    ? ?          ? 
6 CNS         .    ?               ?       ?                 ?                        phasing           ? ?          ? 
# 
_cell.entry_id           3P2H 
_cell.length_a           66.100 
_cell.length_b           66.100 
_cell.length_c           104.200 
_cell.angle_alpha        90.00 
_cell.angle_beta         90.00 
_cell.angle_gamma        120.00 
_cell.Z_PDB              6 
_cell.pdbx_unique_axis   ? 
_cell.length_a_esd       ? 
_cell.length_b_esd       ? 
_cell.length_c_esd       ? 
_cell.angle_alpha_esd    ? 
_cell.angle_beta_esd     ? 
_cell.angle_gamma_esd    ? 
# 
_symmetry.entry_id                         3P2H 
_symmetry.space_group_name_H-M             'P 32 2 1' 
_symmetry.pdbx_full_space_group_name_H-M   ? 
_symmetry.cell_setting                     ? 
_symmetry.Int_Tables_number                154 
_symmetry.space_group_name_Hall            ? 
# 
_exptl.entry_id          3P2H 
_exptl.method            'X-RAY DIFFRACTION' 
_exptl.crystals_number   1 
# 
_exptl_crystal.id                    1 
_exptl_crystal.density_meas          ? 
_exptl_crystal.density_Matthews      2.96 
_exptl_crystal.density_percent_sol   58.41 
_exptl_crystal.description           ? 
_exptl_crystal.F_000                 ? 
_exptl_crystal.preparation           ? 
# 
_exptl_crystal_grow.crystal_id      1 
_exptl_crystal_grow.method          'VAPOR DIFFUSION, HANGING DROP' 
_exptl_crystal_grow.temp            295 
_exptl_crystal_grow.temp_details    ? 
_exptl_crystal_grow.pH              7.5 
_exptl_crystal_grow.pdbx_pH_range   ? 
_exptl_crystal_grow.pdbx_details    
'0.1M HEPES (pH 7.5), 20mM MgCl2, 21% polyacrylic acid 5100, VAPOR DIFFUSION, HANGING DROP, temperature 295K' 
# 
_diffrn.id                     1 
_diffrn.ambient_temp           100 
_diffrn.ambient_temp_details   ? 
_diffrn.crystal_id             1 
# 
_diffrn_detector.diffrn_id              1 
_diffrn_detector.detector               CCD 
_diffrn_detector.type                   'ADSC QUANTUM 315r' 
_diffrn_detector.pdbx_collection_date   2009-12-13 
_diffrn_detector.details                ? 
# 
_diffrn_radiation.diffrn_id                        1 
_diffrn_radiation.wavelength_id                    1 
_diffrn_radiation.pdbx_monochromatic_or_laue_m_l   M 
_diffrn_radiation.monochromator                    MIRROR 
_diffrn_radiation.pdbx_diffrn_protocol             'SINGLE WAVELENGTH' 
_diffrn_radiation.pdbx_scattering_type             x-ray 
# 
_diffrn_radiation_wavelength.id           1 
_diffrn_radiation_wavelength.wavelength   1.0 
_diffrn_radiation_wavelength.wt           1.0 
# 
_diffrn_source.diffrn_id                   1 
_diffrn_source.source                      SYNCHROTRON 
_diffrn_source.type                        'PAL/PLS BEAMLINE 4A' 
_diffrn_source.pdbx_synchrotron_site       PAL/PLS 
_diffrn_source.pdbx_synchrotron_beamline   4A 
_diffrn_source.pdbx_wavelength             ? 
_diffrn_source.pdbx_wavelength_list        1.0 
# 
_reflns.pdbx_diffrn_id               1 
_reflns.pdbx_ordinal                 1 
_reflns.entry_id                     3P2H 
_reflns.observed_criterion_sigma_I   ? 
_reflns.observed_criterion_sigma_F   2.0 
_reflns.d_resolution_low             50.0 
_reflns.d_resolution_high            1.8 
_reflns.number_obs                   25136 
_reflns.number_all                   25028 
_reflns.percent_possible_obs         100.0 
_reflns.pdbx_Rmerge_I_obs            0.107 
_reflns.pdbx_Rsym_value              ? 
_reflns.pdbx_netI_over_sigmaI        ? 
_reflns.B_iso_Wilson_estimate        ? 
_reflns.pdbx_redundancy              10.7 
_reflns.R_free_details               ? 
_reflns.limit_h_max                  ? 
_reflns.limit_h_min                  ? 
_reflns.limit_k_max                  ? 
_reflns.limit_k_min                  ? 
_reflns.limit_l_max                  ? 
_reflns.limit_l_min                  ? 
_reflns.observed_criterion_F_max     ? 
_reflns.observed_criterion_F_min     ? 
_reflns.pdbx_chi_squared             ? 
_reflns.pdbx_scaling_rejects         ? 
# 
_reflns_shell.pdbx_diffrn_id         1 
_reflns_shell.pdbx_ordinal           1 
_reflns_shell.d_res_high             1.8 
_reflns_shell.d_res_low              1.86 
_reflns_shell.percent_possible_all   100.0 
_reflns_shell.Rmerge_I_obs           0.601 
_reflns_shell.pdbx_Rsym_value        ? 
_reflns_shell.meanI_over_sigI_obs    ? 
_reflns_shell.pdbx_redundancy        10.8 
_reflns_shell.percent_possible_obs   ? 
_reflns_shell.number_unique_all      ? 
_reflns_shell.number_measured_all    ? 
_reflns_shell.number_measured_obs    ? 
_reflns_shell.number_unique_obs      ? 
_reflns_shell.pdbx_chi_squared       ? 
# 
_refine.pdbx_refine_id                           'X-RAY DIFFRACTION' 
_refine.entry_id                                 3P2H 
_refine.pdbx_diffrn_id                           1 
_refine.pdbx_TLS_residual_ADP_flag               ? 
_refine.ls_number_reflns_obs                     16457 
_refine.ls_number_reflns_all                     24015 
_refine.pdbx_ls_sigma_I                          ? 
_refine.pdbx_ls_sigma_F                          2.0 
_refine.pdbx_data_cutoff_high_absF               ? 
_refine.pdbx_data_cutoff_low_absF                ? 
_refine.pdbx_data_cutoff_high_rms_absF           ? 
_refine.ls_d_res_low                             33.05 
_refine.ls_d_res_high                            2.000 
_refine.ls_percent_reflns_obs                    87.4000 
_refine.ls_R_factor_obs                          0.2087 
_refine.ls_R_factor_all                          ? 
_refine.ls_R_factor_R_work                       0.1998 
_refine.ls_R_factor_R_free                       0.2306 
_refine.ls_R_factor_R_free_error                 ? 
_refine.ls_R_factor_R_free_error_details         ? 
_refine.ls_percent_reflns_R_free                 8.9000 
_refine.ls_number_reflns_R_free                  1629 
_refine.ls_number_parameters                     ? 
_refine.ls_number_restraints                     ? 
_refine.occupancy_min                            1.000 
_refine.occupancy_max                            1.000 
_refine.correlation_coeff_Fo_to_Fc               ? 
_refine.correlation_coeff_Fo_to_Fc_free          ? 
_refine.B_iso_mean                               21.4197 
_refine.aniso_B[1][1]                            -2.4430 
_refine.aniso_B[2][2]                            -2.4430 
_refine.aniso_B[3][3]                            4.8850 
_refine.aniso_B[1][2]                            -3.2650 
_refine.aniso_B[1][3]                            0.0000 
_refine.aniso_B[2][3]                            0.0000 
_refine.solvent_model_details                    ? 
_refine.solvent_model_param_ksol                 ? 
_refine.solvent_model_param_bsol                 35.4087 
_refine.pdbx_solvent_vdw_probe_radii             ? 
_refine.pdbx_solvent_ion_probe_radii             ? 
_refine.pdbx_solvent_shrinkage_radii             ? 
_refine.pdbx_ls_cross_valid_method               THROUGHOUT 
_refine.details                                  ? 
_refine.pdbx_starting_model                      ? 
_refine.pdbx_method_to_determine_struct          'MOLECULAR REPLACEMENT' 
_refine.pdbx_isotropic_thermal_model             ? 
_refine.pdbx_stereochemistry_target_values       'Engh & Huber' 
_refine.pdbx_stereochem_target_val_spec_case     ? 
_refine.pdbx_R_Free_selection_details            RANDOM 
_refine.pdbx_overall_ESU_R_Free                  ? 
_refine.overall_SU_ML                            ? 
_refine.pdbx_overall_phase_error                 ? 
_refine.overall_SU_B                             ? 
_refine.overall_SU_R_Cruickshank_DPI             ? 
_refine.pdbx_overall_SU_R_free_Cruickshank_DPI   ? 
_refine.pdbx_overall_SU_R_Blow_DPI               ? 
_refine.pdbx_overall_SU_R_free_Blow_DPI          ? 
_refine.ls_redundancy_reflns_obs                 ? 
_refine.B_iso_min                                ? 
_refine.B_iso_max                                ? 
_refine.overall_SU_R_free                        ? 
_refine.ls_wR_factor_R_free                      ? 
_refine.ls_wR_factor_R_work                      ? 
_refine.overall_FOM_free_R_set                   ? 
_refine.overall_FOM_work_R_set                   ? 
_refine.pdbx_overall_ESU_R                       ? 
# 
_refine_hist.pdbx_refine_id                   'X-RAY DIFFRACTION' 
_refine_hist.cycle_id                         LAST 
_refine_hist.pdbx_number_atoms_protein        1445 
_refine_hist.pdbx_number_atoms_nucleic_acid   0 
_refine_hist.pdbx_number_atoms_ligand         37 
_refine_hist.number_atoms_solvent             95 
_refine_hist.number_atoms_total               1577 
_refine_hist.d_res_high                       2.000 
_refine_hist.d_res_low                        33.05 
# 
loop_
_refine_ls_restr.type 
_refine_ls_restr.dev_ideal 
_refine_ls_restr.dev_ideal_target 
_refine_ls_restr.weight 
_refine_ls_restr.number 
_refine_ls_restr.pdbx_refine_id 
_refine_ls_restr.pdbx_restraint_function 
c_bond_d                0.006 ?     ? ? 'X-RAY DIFFRACTION' ? 
c_bond_d_na             ?     ?     ? ? 'X-RAY DIFFRACTION' ? 
c_bond_d_prot           ?     ?     ? ? 'X-RAY DIFFRACTION' ? 
c_angle_d               1.283 ?     ? ? 'X-RAY DIFFRACTION' ? 
c_angle_d_na            ?     ?     ? ? 'X-RAY DIFFRACTION' ? 
c_angle_d_prot          ?     ?     ? ? 'X-RAY DIFFRACTION' ? 
c_angle_deg             ?     ?     ? ? 'X-RAY DIFFRACTION' ? 
c_angle_deg_na          ?     ?     ? ? 'X-RAY DIFFRACTION' ? 
c_angle_deg_prot        ?     ?     ? ? 'X-RAY DIFFRACTION' ? 
c_dihedral_angle_d      ?     ?     ? ? 'X-RAY DIFFRACTION' ? 
c_dihedral_angle_d_na   ?     ?     ? ? 'X-RAY DIFFRACTION' ? 
c_dihedral_angle_d_prot ?     ?     ? ? 'X-RAY DIFFRACTION' ? 
c_improper_angle_d      ?     ?     ? ? 'X-RAY DIFFRACTION' ? 
c_improper_angle_d_na   ?     ?     ? ? 'X-RAY DIFFRACTION' ? 
c_improper_angle_d_prot ?     ?     ? ? 'X-RAY DIFFRACTION' ? 
c_mcbond_it             1.009 1.500 ? ? 'X-RAY DIFFRACTION' ? 
c_scbond_it             1.712 2.000 ? ? 'X-RAY DIFFRACTION' ? 
c_mcangle_it            1.524 2.000 ? ? 'X-RAY DIFFRACTION' ? 
c_scangle_it            2.530 2.500 ? ? 'X-RAY DIFFRACTION' ? 
# 
loop_
_pdbx_xplor_file.pdbx_refine_id 
_pdbx_xplor_file.serial_no 
_pdbx_xplor_file.param_file 
_pdbx_xplor_file.topol_file 
'X-RAY DIFFRACTION' 1 CNS_TOPPAR:protein_rep.param ? 
'X-RAY DIFFRACTION' 2 CNS_TOPPAR:water_rep.param   ? 
'X-RAY DIFFRACTION' 3 inb_mta.param                ? 
'X-RAY DIFFRACTION' 4 CNS_TOPPAR:ion.param         ? 
# 
_struct.entry_id                  3P2H 
_struct.title                     'Crystal structure of TofI in a ternary complex with an inhibitor and MTA' 
_struct.pdbx_model_details        ? 
_struct.pdbx_CASP_flag            ? 
_struct.pdbx_model_type_details   ? 
# 
_struct_keywords.entry_id        3P2H 
_struct_keywords.pdbx_keywords   'SIGNALING PROTEIN/Inhibitor' 
_struct_keywords.text            
'synthase, acyl-ACP binding, SAM binding, SIGNALING PROTEIN-Inhibitor-MTA complex, SIGNALING PROTEIN-Inhibitor complex' 
# 
loop_
_struct_asym.id 
_struct_asym.pdbx_blank_PDB_chainid_flag 
_struct_asym.pdbx_modified 
_struct_asym.entity_id 
_struct_asym.details 
A N N 1 ? 
B N N 2 ? 
C N N 3 ? 
D N N 4 ? 
# 
_struct_ref.id                         1 
_struct_ref.db_name                    UNP 
_struct_ref.db_code                    Q4VSJ8_BURGL 
_struct_ref.pdbx_db_accession          Q4VSJ8 
_struct_ref.entity_id                  1 
_struct_ref.pdbx_seq_one_letter_code   
;MQTFVHEAGRLPAHIAAELGSYRYRVFVEQLGWQLPSEDEKFERDQYDRDDTVYVLGRDANGEICGCARLLPTTRPYLLQ
EVFPHLLADEHPAPRSAHVWELSRFAATPEEGADAGSLAWSVRPMLAAAVECAARRGARQLIGVTFCSIERLFRRIGVHA
HRAGAPVSIDGRMVVACWIDIDAQTLAALDLDPALCASQPEAA
;
_struct_ref.pdbx_align_begin           1 
_struct_ref.pdbx_db_isoform            ? 
# 
_struct_ref_seq.align_id                      1 
_struct_ref_seq.ref_id                        1 
_struct_ref_seq.pdbx_PDB_id_code              3P2H 
_struct_ref_seq.pdbx_strand_id                A 
_struct_ref_seq.seq_align_beg                 1 
_struct_ref_seq.pdbx_seq_align_beg_ins_code   ? 
_struct_ref_seq.seq_align_end                 201 
_struct_ref_seq.pdbx_seq_align_end_ins_code   ? 
_struct_ref_seq.pdbx_db_accession             Q4VSJ8 
_struct_ref_seq.db_align_beg                  1 
_struct_ref_seq.pdbx_db_align_beg_ins_code    ? 
_struct_ref_seq.db_align_end                  203 
_struct_ref_seq.pdbx_db_align_end_ins_code    ? 
_struct_ref_seq.pdbx_auth_seq_align_beg       1 
_struct_ref_seq.pdbx_auth_seq_align_end       203 
# 
loop_
_struct_ref_seq_dif.align_id 
_struct_ref_seq_dif.pdbx_pdb_id_code 
_struct_ref_seq_dif.mon_id 
_struct_ref_seq_dif.pdbx_pdb_strand_id 
_struct_ref_seq_dif.seq_num 
_struct_ref_seq_dif.pdbx_pdb_ins_code 
_struct_ref_seq_dif.pdbx_seq_db_name 
_struct_ref_seq_dif.pdbx_seq_db_accession_code 
_struct_ref_seq_dif.db_mon_id 
_struct_ref_seq_dif.pdbx_seq_db_seq_num 
_struct_ref_seq_dif.details 
_struct_ref_seq_dif.pdbx_auth_seq_num 
_struct_ref_seq_dif.pdbx_ordinal 
1 3P2H MET A 42  ? UNP Q4VSJ8 PHE 42  'engineered mutation' 42  1 
1 3P2H ?   A ?   ? UNP Q4VSJ8 HIS 91  deletion              ?   2 
1 3P2H ?   A ?   ? UNP Q4VSJ8 PRO 92  deletion              ?   3 
1 3P2H MET A 147 ? UNP Q4VSJ8 ILE 149 'engineered mutation' 149 4 
1 3P2H MET A 150 ? UNP Q4VSJ8 LEU 152 'engineered mutation' 152 5 
# 
_pdbx_struct_assembly.id                   1 
_pdbx_struct_assembly.details              author_and_software_defined_assembly 
_pdbx_struct_assembly.method_details       PISA 
_pdbx_struct_assembly.oligomeric_details   monomeric 
_pdbx_struct_assembly.oligomeric_count     1 
# 
_pdbx_struct_assembly_gen.assembly_id       1 
_pdbx_struct_assembly_gen.oper_expression   1 
_pdbx_struct_assembly_gen.asym_id_list      A,B,C,D 
# 
_pdbx_struct_oper_list.id                   1 
_pdbx_struct_oper_list.type                 'identity operation' 
_pdbx_struct_oper_list.name                 1_555 
_pdbx_struct_oper_list.symmetry_operation   x,y,z 
_pdbx_struct_oper_list.matrix[1][1]         1.0000000000 
_pdbx_struct_oper_list.matrix[1][2]         0.0000000000 
_pdbx_struct_oper_list.matrix[1][3]         0.0000000000 
_pdbx_struct_oper_list.vector[1]            0.0000000000 
_pdbx_struct_oper_list.matrix[2][1]         0.0000000000 
_pdbx_struct_oper_list.matrix[2][2]         1.0000000000 
_pdbx_struct_oper_list.matrix[2][3]         0.0000000000 
_pdbx_struct_oper_list.vector[2]            0.0000000000 
_pdbx_struct_oper_list.matrix[3][1]         0.0000000000 
_pdbx_struct_oper_list.matrix[3][2]         0.0000000000 
_pdbx_struct_oper_list.matrix[3][3]         1.0000000000 
_pdbx_struct_oper_list.vector[3]            0.0000000000 
# 
_struct_biol.id        1 
_struct_biol.details   ? 
# 
loop_
_struct_conf.conf_type_id 
_struct_conf.id 
_struct_conf.pdbx_PDB_helix_id 
_struct_conf.beg_label_comp_id 
_struct_conf.beg_label_asym_id 
_struct_conf.beg_label_seq_id 
_struct_conf.pdbx_beg_PDB_ins_code 
_struct_conf.end_label_comp_id 
_struct_conf.end_label_asym_id 
_struct_conf.end_label_seq_id 
_struct_conf.pdbx_end_PDB_ins_code 
_struct_conf.beg_auth_comp_id 
_struct_conf.beg_auth_asym_id 
_struct_conf.beg_auth_seq_id 
_struct_conf.end_auth_comp_id 
_struct_conf.end_auth_asym_id 
_struct_conf.end_auth_seq_id 
_struct_conf.pdbx_PDB_helix_class 
_struct_conf.details 
_struct_conf.pdbx_PDB_helix_length 
HELX_P HELX_P1 1 PRO A 12  ? VAL A 28  ? PRO A 12  VAL A 28  1 ? 17 
HELX_P HELX_P2 2 TYR A 77  ? VAL A 82  ? TYR A 77  VAL A 82  1 ? 6  
HELX_P HELX_P3 3 PHE A 83  ? LEU A 87  ? PHE A 83  LEU A 87  5 ? 5  
HELX_P HELX_P4 4 SER A 119 ? ARG A 134 ? SER A 121 ARG A 136 1 ? 16 
HELX_P HELX_P5 5 CYS A 145 ? GLY A 155 ? CYS A 147 GLY A 157 1 ? 11 
HELX_P HELX_P6 6 ASP A 180 ? LEU A 187 ? ASP A 182 LEU A 189 1 ? 8  
HELX_P HELX_P7 7 ASP A 190 ? CYS A 194 ? ASP A 192 CYS A 196 5 ? 5  
# 
_struct_conf_type.id          HELX_P 
_struct_conf_type.criteria    ? 
_struct_conf_type.reference   ? 
# 
loop_
_struct_sheet.id 
_struct_sheet.type 
_struct_sheet.number_strands 
_struct_sheet.details 
A ? 7 ? 
B ? 7 ? 
# 
loop_
_struct_sheet_order.sheet_id 
_struct_sheet_order.range_id_1 
_struct_sheet_order.range_id_2 
_struct_sheet_order.offset 
_struct_sheet_order.sense 
A 1 2 ? anti-parallel 
A 2 3 ? anti-parallel 
A 3 4 ? anti-parallel 
A 4 5 ? parallel      
A 5 6 ? anti-parallel 
A 6 7 ? anti-parallel 
B 1 2 ? anti-parallel 
B 2 3 ? anti-parallel 
B 3 4 ? anti-parallel 
B 4 5 ? parallel      
B 5 6 ? anti-parallel 
B 6 7 ? anti-parallel 
# 
loop_
_struct_sheet_range.sheet_id 
_struct_sheet_range.id 
_struct_sheet_range.beg_label_comp_id 
_struct_sheet_range.beg_label_asym_id 
_struct_sheet_range.beg_label_seq_id 
_struct_sheet_range.pdbx_beg_PDB_ins_code 
_struct_sheet_range.end_label_comp_id 
_struct_sheet_range.end_label_asym_id 
_struct_sheet_range.end_label_seq_id 
_struct_sheet_range.pdbx_end_PDB_ins_code 
_struct_sheet_range.beg_auth_comp_id 
_struct_sheet_range.beg_auth_asym_id 
_struct_sheet_range.beg_auth_seq_id 
_struct_sheet_range.end_auth_comp_id 
_struct_sheet_range.end_auth_asym_id 
_struct_sheet_range.end_auth_seq_id 
A 1 GLN A 2   ? HIS A 6   ? GLN A 2   HIS A 6   
A 2 VAL A 53  ? ARG A 58  ? VAL A 53  ARG A 58  
A 3 ILE A 64  ? PRO A 72  ? ILE A 64  PRO A 72  
A 4 VAL A 97  ? ALA A 105 ? VAL A 99  ALA A 107 
A 5 GLN A 138 ? PHE A 144 ? GLN A 140 PHE A 146 
A 6 ARG A 170 ? ASP A 178 ? ARG A 172 ASP A 180 
A 7 HIS A 157 ? ARG A 160 ? HIS A 159 ARG A 162 
B 1 GLN A 2   ? HIS A 6   ? GLN A 2   HIS A 6   
B 2 VAL A 53  ? ARG A 58  ? VAL A 53  ARG A 58  
B 3 ILE A 64  ? PRO A 72  ? ILE A 64  PRO A 72  
B 4 VAL A 97  ? ALA A 105 ? VAL A 99  ALA A 107 
B 5 GLN A 138 ? PHE A 144 ? GLN A 140 PHE A 146 
B 6 ARG A 170 ? ASP A 178 ? ARG A 172 ASP A 180 
B 7 VAL A 165 ? ILE A 167 ? VAL A 167 ILE A 169 
# 
loop_
_pdbx_struct_sheet_hbond.sheet_id 
_pdbx_struct_sheet_hbond.range_id_1 
_pdbx_struct_sheet_hbond.range_id_2 
_pdbx_struct_sheet_hbond.range_1_label_atom_id 
_pdbx_struct_sheet_hbond.range_1_label_comp_id 
_pdbx_struct_sheet_hbond.range_1_label_asym_id 
_pdbx_struct_sheet_hbond.range_1_label_seq_id 
_pdbx_struct_sheet_hbond.range_1_PDB_ins_code 
_pdbx_struct_sheet_hbond.range_1_auth_atom_id 
_pdbx_struct_sheet_hbond.range_1_auth_comp_id 
_pdbx_struct_sheet_hbond.range_1_auth_asym_id 
_pdbx_struct_sheet_hbond.range_1_auth_seq_id 
_pdbx_struct_sheet_hbond.range_2_label_atom_id 
_pdbx_struct_sheet_hbond.range_2_label_comp_id 
_pdbx_struct_sheet_hbond.range_2_label_asym_id 
_pdbx_struct_sheet_hbond.range_2_label_seq_id 
_pdbx_struct_sheet_hbond.range_2_PDB_ins_code 
_pdbx_struct_sheet_hbond.range_2_auth_atom_id 
_pdbx_struct_sheet_hbond.range_2_auth_comp_id 
_pdbx_struct_sheet_hbond.range_2_auth_asym_id 
_pdbx_struct_sheet_hbond.range_2_auth_seq_id 
A 1 2 N HIS A 6   ? N HIS A 6   O TYR A 54  ? O TYR A 54  
A 2 3 N GLY A 57  ? N GLY A 57  O CYS A 65  ? O CYS A 65  
A 3 4 N LEU A 71  ? N LEU A 71  O GLU A 99  ? O GLU A 101 
A 4 5 N LEU A 100 ? N LEU A 102 O ILE A 140 ? O ILE A 142 
A 5 6 N GLY A 141 ? N GLY A 143 O CYS A 175 ? O CYS A 177 
A 6 7 O TRP A 176 ? O TRP A 178 N HIS A 159 ? N HIS A 161 
B 1 2 N HIS A 6   ? N HIS A 6   O TYR A 54  ? O TYR A 54  
B 2 3 N GLY A 57  ? N GLY A 57  O CYS A 65  ? O CYS A 65  
B 3 4 N LEU A 71  ? N LEU A 71  O GLU A 99  ? O GLU A 101 
B 4 5 N LEU A 100 ? N LEU A 102 O ILE A 140 ? O ILE A 142 
B 5 6 N GLY A 141 ? N GLY A 143 O CYS A 175 ? O CYS A 177 
B 6 7 O VAL A 172 ? O VAL A 174 N VAL A 165 ? N VAL A 167 
# 
loop_
_struct_site.id 
_struct_site.pdbx_evidence_code 
_struct_site.pdbx_auth_asym_id 
_struct_site.pdbx_auth_comp_id 
_struct_site.pdbx_auth_seq_id 
_struct_site.pdbx_auth_ins_code 
_struct_site.pdbx_num_residues 
_struct_site.details 
AC1 Software A MTA 204 ? 9  'BINDING SITE FOR RESIDUE MTA A 204' 
AC2 Software A NOO 300 ? 15 'BINDING SITE FOR RESIDUE NOO A 300' 
# 
loop_
_struct_site_gen.id 
_struct_site_gen.site_id 
_struct_site_gen.pdbx_num_res 
_struct_site_gen.label_comp_id 
_struct_site_gen.label_asym_id 
_struct_site_gen.label_seq_id 
_struct_site_gen.pdbx_auth_ins_code 
_struct_site_gen.auth_comp_id 
_struct_site_gen.auth_asym_id 
_struct_site_gen.auth_seq_id 
_struct_site_gen.label_atom_id 
_struct_site_gen.label_alt_id 
_struct_site_gen.symmetry 
_struct_site_gen.details 
1  AC1 9  GLN A 2   ? GLN A 2   . ? 3_575 ? 
2  AC1 9  TRP A 33  ? TRP A 33  . ? 1_555 ? 
3  AC1 9  ASP A 45  ? ASP A 45  . ? 1_555 ? 
4  AC1 9  GLN A 46  ? GLN A 46  . ? 1_555 ? 
5  AC1 9  LEU A 78  ? LEU A 78  . ? 1_555 ? 
6  AC1 9  PHE A 83  ? PHE A 83  . ? 1_555 ? 
7  AC1 9  ARG A 102 ? ARG A 104 . ? 1_555 ? 
8  AC1 9  HOH D .   ? HOH A 231 . ? 1_555 ? 
9  AC1 9  HOH D .   ? HOH A 253 . ? 3_575 ? 
10 AC2 15 PHE A 27  ? PHE A 27  . ? 1_555 ? 
11 AC2 15 LEU A 31  ? LEU A 31  . ? 1_555 ? 
12 AC2 15 LEU A 100 ? LEU A 102 . ? 1_555 ? 
13 AC2 15 ARG A 102 ? ARG A 104 . ? 1_555 ? 
14 AC2 15 PHE A 103 ? PHE A 105 . ? 1_555 ? 
15 AC2 15 ALA A 104 ? ALA A 106 . ? 1_555 ? 
16 AC2 15 ILE A 140 ? ILE A 142 . ? 1_555 ? 
17 AC2 15 GLY A 141 ? GLY A 143 . ? 1_555 ? 
18 AC2 15 VAL A 142 ? VAL A 144 . ? 1_555 ? 
19 AC2 15 THR A 143 ? THR A 145 . ? 1_555 ? 
20 AC2 15 MET A 147 ? MET A 149 . ? 1_555 ? 
21 AC2 15 CYS A 175 ? CYS A 177 . ? 1_555 ? 
22 AC2 15 HOH D .   ? HOH A 205 . ? 1_555 ? 
23 AC2 15 HOH D .   ? HOH A 224 . ? 1_555 ? 
24 AC2 15 HOH D .   ? HOH A 267 . ? 1_555 ? 
# 
loop_
_pdbx_validate_torsion.id 
_pdbx_validate_torsion.PDB_model_num 
_pdbx_validate_torsion.auth_comp_id 
_pdbx_validate_torsion.auth_asym_id 
_pdbx_validate_torsion.auth_seq_id 
_pdbx_validate_torsion.PDB_ins_code 
_pdbx_validate_torsion.label_alt_id 
_pdbx_validate_torsion.phi 
_pdbx_validate_torsion.psi 
1 1 ASP A 39  ? ? 65.18 -138.70 
2 1 ARG A 104 ? ? 39.73 55.26   
# 
loop_
_pdbx_unobs_or_zero_occ_residues.id 
_pdbx_unobs_or_zero_occ_residues.PDB_model_num 
_pdbx_unobs_or_zero_occ_residues.polymer_flag 
_pdbx_unobs_or_zero_occ_residues.occupancy_flag 
_pdbx_unobs_or_zero_occ_residues.auth_asym_id 
_pdbx_unobs_or_zero_occ_residues.auth_comp_id 
_pdbx_unobs_or_zero_occ_residues.auth_seq_id 
_pdbx_unobs_or_zero_occ_residues.PDB_ins_code 
_pdbx_unobs_or_zero_occ_residues.label_asym_id 
_pdbx_unobs_or_zero_occ_residues.label_comp_id 
_pdbx_unobs_or_zero_occ_residues.label_seq_id 
1  1 Y 1 A PRO 109 ? A PRO 107 
2  1 Y 1 A GLU 110 ? A GLU 108 
3  1 Y 1 A GLU 111 ? A GLU 109 
4  1 Y 1 A GLY 112 ? A GLY 110 
5  1 Y 1 A ALA 113 ? A ALA 111 
6  1 Y 1 A ASP 114 ? A ASP 112 
7  1 Y 1 A ALA 115 ? A ALA 113 
8  1 Y 1 A GLY 116 ? A GLY 114 
9  1 Y 1 A SER 117 ? A SER 115 
10 1 Y 1 A LEU 118 ? A LEU 116 
11 1 Y 1 A ALA 197 ? A ALA 195 
12 1 Y 1 A SER 198 ? A SER 196 
13 1 Y 1 A GLN 199 ? A GLN 197 
14 1 Y 1 A PRO 200 ? A PRO 198 
15 1 Y 1 A GLU 201 ? A GLU 199 
16 1 Y 1 A ALA 202 ? A ALA 200 
17 1 Y 1 A ALA 203 ? A ALA 201 
# 
loop_
_chem_comp_atom.comp_id 
_chem_comp_atom.atom_id 
_chem_comp_atom.type_symbol 
_chem_comp_atom.pdbx_aromatic_flag 
_chem_comp_atom.pdbx_stereo_config 
_chem_comp_atom.pdbx_ordinal 
ALA N      N N N 1   
ALA CA     C N S 2   
ALA C      C N N 3   
ALA O      O N N 4   
ALA CB     C N N 5   
ALA OXT    O N N 6   
ALA H      H N N 7   
ALA H2     H N N 8   
ALA HA     H N N 9   
ALA HB1    H N N 10  
ALA HB2    H N N 11  
ALA HB3    H N N 12  
ALA HXT    H N N 13  
ARG N      N N N 14  
ARG CA     C N S 15  
ARG C      C N N 16  
ARG O      O N N 17  
ARG CB     C N N 18  
ARG CG     C N N 19  
ARG CD     C N N 20  
ARG NE     N N N 21  
ARG CZ     C N N 22  
ARG NH1    N N N 23  
ARG NH2    N N N 24  
ARG OXT    O N N 25  
ARG H      H N N 26  
ARG H2     H N N 27  
ARG HA     H N N 28  
ARG HB2    H N N 29  
ARG HB3    H N N 30  
ARG HG2    H N N 31  
ARG HG3    H N N 32  
ARG HD2    H N N 33  
ARG HD3    H N N 34  
ARG HE     H N N 35  
ARG HH11   H N N 36  
ARG HH12   H N N 37  
ARG HH21   H N N 38  
ARG HH22   H N N 39  
ARG HXT    H N N 40  
ASN N      N N N 41  
ASN CA     C N S 42  
ASN C      C N N 43  
ASN O      O N N 44  
ASN CB     C N N 45  
ASN CG     C N N 46  
ASN OD1    O N N 47  
ASN ND2    N N N 48  
ASN OXT    O N N 49  
ASN H      H N N 50  
ASN H2     H N N 51  
ASN HA     H N N 52  
ASN HB2    H N N 53  
ASN HB3    H N N 54  
ASN HD21   H N N 55  
ASN HD22   H N N 56  
ASN HXT    H N N 57  
ASP N      N N N 58  
ASP CA     C N S 59  
ASP C      C N N 60  
ASP O      O N N 61  
ASP CB     C N N 62  
ASP CG     C N N 63  
ASP OD1    O N N 64  
ASP OD2    O N N 65  
ASP OXT    O N N 66  
ASP H      H N N 67  
ASP H2     H N N 68  
ASP HA     H N N 69  
ASP HB2    H N N 70  
ASP HB3    H N N 71  
ASP HD2    H N N 72  
ASP HXT    H N N 73  
CYS N      N N N 74  
CYS CA     C N R 75  
CYS C      C N N 76  
CYS O      O N N 77  
CYS CB     C N N 78  
CYS SG     S N N 79  
CYS OXT    O N N 80  
CYS H      H N N 81  
CYS H2     H N N 82  
CYS HA     H N N 83  
CYS HB2    H N N 84  
CYS HB3    H N N 85  
CYS HG     H N N 86  
CYS HXT    H N N 87  
GLN N      N N N 88  
GLN CA     C N S 89  
GLN C      C N N 90  
GLN O      O N N 91  
GLN CB     C N N 92  
GLN CG     C N N 93  
GLN CD     C N N 94  
GLN OE1    O N N 95  
GLN NE2    N N N 96  
GLN OXT    O N N 97  
GLN H      H N N 98  
GLN H2     H N N 99  
GLN HA     H N N 100 
GLN HB2    H N N 101 
GLN HB3    H N N 102 
GLN HG2    H N N 103 
GLN HG3    H N N 104 
GLN HE21   H N N 105 
GLN HE22   H N N 106 
GLN HXT    H N N 107 
GLU N      N N N 108 
GLU CA     C N S 109 
GLU C      C N N 110 
GLU O      O N N 111 
GLU CB     C N N 112 
GLU CG     C N N 113 
GLU CD     C N N 114 
GLU OE1    O N N 115 
GLU OE2    O N N 116 
GLU OXT    O N N 117 
GLU H      H N N 118 
GLU H2     H N N 119 
GLU HA     H N N 120 
GLU HB2    H N N 121 
GLU HB3    H N N 122 
GLU HG2    H N N 123 
GLU HG3    H N N 124 
GLU HE2    H N N 125 
GLU HXT    H N N 126 
GLY N      N N N 127 
GLY CA     C N N 128 
GLY C      C N N 129 
GLY O      O N N 130 
GLY OXT    O N N 131 
GLY H      H N N 132 
GLY H2     H N N 133 
GLY HA2    H N N 134 
GLY HA3    H N N 135 
GLY HXT    H N N 136 
HIS N      N N N 137 
HIS CA     C N S 138 
HIS C      C N N 139 
HIS O      O N N 140 
HIS CB     C N N 141 
HIS CG     C Y N 142 
HIS ND1    N Y N 143 
HIS CD2    C Y N 144 
HIS CE1    C Y N 145 
HIS NE2    N Y N 146 
HIS OXT    O N N 147 
HIS H      H N N 148 
HIS H2     H N N 149 
HIS HA     H N N 150 
HIS HB2    H N N 151 
HIS HB3    H N N 152 
HIS HD1    H N N 153 
HIS HD2    H N N 154 
HIS HE1    H N N 155 
HIS HE2    H N N 156 
HIS HXT    H N N 157 
HOH O      O N N 158 
HOH H1     H N N 159 
HOH H2     H N N 160 
ILE N      N N N 161 
ILE CA     C N S 162 
ILE C      C N N 163 
ILE O      O N N 164 
ILE CB     C N S 165 
ILE CG1    C N N 166 
ILE CG2    C N N 167 
ILE CD1    C N N 168 
ILE OXT    O N N 169 
ILE H      H N N 170 
ILE H2     H N N 171 
ILE HA     H N N 172 
ILE HB     H N N 173 
ILE HG12   H N N 174 
ILE HG13   H N N 175 
ILE HG21   H N N 176 
ILE HG22   H N N 177 
ILE HG23   H N N 178 
ILE HD11   H N N 179 
ILE HD12   H N N 180 
ILE HD13   H N N 181 
ILE HXT    H N N 182 
LEU N      N N N 183 
LEU CA     C N S 184 
LEU C      C N N 185 
LEU O      O N N 186 
LEU CB     C N N 187 
LEU CG     C N N 188 
LEU CD1    C N N 189 
LEU CD2    C N N 190 
LEU OXT    O N N 191 
LEU H      H N N 192 
LEU H2     H N N 193 
LEU HA     H N N 194 
LEU HB2    H N N 195 
LEU HB3    H N N 196 
LEU HG     H N N 197 
LEU HD11   H N N 198 
LEU HD12   H N N 199 
LEU HD13   H N N 200 
LEU HD21   H N N 201 
LEU HD22   H N N 202 
LEU HD23   H N N 203 
LEU HXT    H N N 204 
LYS N      N N N 205 
LYS CA     C N S 206 
LYS C      C N N 207 
LYS O      O N N 208 
LYS CB     C N N 209 
LYS CG     C N N 210 
LYS CD     C N N 211 
LYS CE     C N N 212 
LYS NZ     N N N 213 
LYS OXT    O N N 214 
LYS H      H N N 215 
LYS H2     H N N 216 
LYS HA     H N N 217 
LYS HB2    H N N 218 
LYS HB3    H N N 219 
LYS HG2    H N N 220 
LYS HG3    H N N 221 
LYS HD2    H N N 222 
LYS HD3    H N N 223 
LYS HE2    H N N 224 
LYS HE3    H N N 225 
LYS HZ1    H N N 226 
LYS HZ2    H N N 227 
LYS HZ3    H N N 228 
LYS HXT    H N N 229 
MET N      N N N 230 
MET CA     C N S 231 
MET C      C N N 232 
MET O      O N N 233 
MET CB     C N N 234 
MET CG     C N N 235 
MET SD     S N N 236 
MET CE     C N N 237 
MET OXT    O N N 238 
MET H      H N N 239 
MET H2     H N N 240 
MET HA     H N N 241 
MET HB2    H N N 242 
MET HB3    H N N 243 
MET HG2    H N N 244 
MET HG3    H N N 245 
MET HE1    H N N 246 
MET HE2    H N N 247 
MET HE3    H N N 248 
MET HXT    H N N 249 
MTA CS     C N N 250 
MTA "S5'"  S N N 251 
MTA "C5'"  C N N 252 
MTA "C4'"  C N S 253 
MTA "O4'"  O N N 254 
MTA "C2'"  C N R 255 
MTA "O2'"  O N N 256 
MTA "C3'"  C N S 257 
MTA "O3'"  O N N 258 
MTA "C1'"  C N R 259 
MTA N9     N Y N 260 
MTA C8     C Y N 261 
MTA N7     N Y N 262 
MTA C5     C Y N 263 
MTA C6     C Y N 264 
MTA N6     N N N 265 
MTA N1     N Y N 266 
MTA C2     C Y N 267 
MTA N3     N Y N 268 
MTA C4     C Y N 269 
MTA HCS1   H N N 270 
MTA HCS2   H N N 271 
MTA HCS3   H N N 272 
MTA "H5'1" H N N 273 
MTA "H5'2" H N N 274 
MTA "H4'"  H N N 275 
MTA "H2'"  H N N 276 
MTA "HO2'" H N N 277 
MTA "H3'"  H N N 278 
MTA H3T    H N N 279 
MTA "H1'"  H N N 280 
MTA H8     H N N 281 
MTA H61    H N N 282 
MTA H62    H N N 283 
MTA H2     H N N 284 
NOO C1     C N N 285 
NOO O1     O N N 286 
NOO C2     C N N 287 
NOO C3     C N N 288 
NOO C4     C N N 289 
NOO C5     C N N 290 
NOO C6     C N N 291 
NOO N7     N N N 292 
NOO C8     C N N 293 
NOO O8     O N N 294 
NOO C9     C N N 295 
NOO C10    C N N 296 
NOO C11    C N N 297 
NOO C12    C N N 298 
NOO C13    C N N 299 
NOO C14    C N N 300 
NOO C15    C N N 301 
NOO H2     H N N 302 
NOO H4     H N N 303 
NOO H4A    H N N 304 
NOO H5     H N N 305 
NOO H5A    H N N 306 
NOO H6     H N N 307 
NOO H6A    H N N 308 
NOO HN7    H N N 309 
NOO H9     H N N 310 
NOO H9A    H N N 311 
NOO H10    H N N 312 
NOO H10A   H N N 313 
NOO H11    H N N 314 
NOO H11A   H N N 315 
NOO H12    H N N 316 
NOO H12A   H N N 317 
NOO H13    H N N 318 
NOO H13A   H N N 319 
NOO H14    H N N 320 
NOO H14A   H N N 321 
NOO H15    H N N 322 
NOO H15A   H N N 323 
NOO H15B   H N N 324 
PHE N      N N N 325 
PHE CA     C N S 326 
PHE C      C N N 327 
PHE O      O N N 328 
PHE CB     C N N 329 
PHE CG     C Y N 330 
PHE CD1    C Y N 331 
PHE CD2    C Y N 332 
PHE CE1    C Y N 333 
PHE CE2    C Y N 334 
PHE CZ     C Y N 335 
PHE OXT    O N N 336 
PHE H      H N N 337 
PHE H2     H N N 338 
PHE HA     H N N 339 
PHE HB2    H N N 340 
PHE HB3    H N N 341 
PHE HD1    H N N 342 
PHE HD2    H N N 343 
PHE HE1    H N N 344 
PHE HE2    H N N 345 
PHE HZ     H N N 346 
PHE HXT    H N N 347 
PRO N      N N N 348 
PRO CA     C N S 349 
PRO C      C N N 350 
PRO O      O N N 351 
PRO CB     C N N 352 
PRO CG     C N N 353 
PRO CD     C N N 354 
PRO OXT    O N N 355 
PRO H      H N N 356 
PRO HA     H N N 357 
PRO HB2    H N N 358 
PRO HB3    H N N 359 
PRO HG2    H N N 360 
PRO HG3    H N N 361 
PRO HD2    H N N 362 
PRO HD3    H N N 363 
PRO HXT    H N N 364 
SER N      N N N 365 
SER CA     C N S 366 
SER C      C N N 367 
SER O      O N N 368 
SER CB     C N N 369 
SER OG     O N N 370 
SER OXT    O N N 371 
SER H      H N N 372 
SER H2     H N N 373 
SER HA     H N N 374 
SER HB2    H N N 375 
SER HB3    H N N 376 
SER HG     H N N 377 
SER HXT    H N N 378 
THR N      N N N 379 
THR CA     C N S 380 
THR C      C N N 381 
THR O      O N N 382 
THR CB     C N R 383 
THR OG1    O N N 384 
THR CG2    C N N 385 
THR OXT    O N N 386 
THR H      H N N 387 
THR H2     H N N 388 
THR HA     H N N 389 
THR HB     H N N 390 
THR HG1    H N N 391 
THR HG21   H N N 392 
THR HG22   H N N 393 
THR HG23   H N N 394 
THR HXT    H N N 395 
TRP N      N N N 396 
TRP CA     C N S 397 
TRP C      C N N 398 
TRP O      O N N 399 
TRP CB     C N N 400 
TRP CG     C Y N 401 
TRP CD1    C Y N 402 
TRP CD2    C Y N 403 
TRP NE1    N Y N 404 
TRP CE2    C Y N 405 
TRP CE3    C Y N 406 
TRP CZ2    C Y N 407 
TRP CZ3    C Y N 408 
TRP CH2    C Y N 409 
TRP OXT    O N N 410 
TRP H      H N N 411 
TRP H2     H N N 412 
TRP HA     H N N 413 
TRP HB2    H N N 414 
TRP HB3    H N N 415 
TRP HD1    H N N 416 
TRP HE1    H N N 417 
TRP HE3    H N N 418 
TRP HZ2    H N N 419 
TRP HZ3    H N N 420 
TRP HH2    H N N 421 
TRP HXT    H N N 422 
TYR N      N N N 423 
TYR CA     C N S 424 
TYR C      C N N 425 
TYR O      O N N 426 
TYR CB     C N N 427 
TYR CG     C Y N 428 
TYR CD1    C Y N 429 
TYR CD2    C Y N 430 
TYR CE1    C Y N 431 
TYR CE2    C Y N 432 
TYR CZ     C Y N 433 
TYR OH     O N N 434 
TYR OXT    O N N 435 
TYR H      H N N 436 
TYR H2     H N N 437 
TYR HA     H N N 438 
TYR HB2    H N N 439 
TYR HB3    H N N 440 
TYR HD1    H N N 441 
TYR HD2    H N N 442 
TYR HE1    H N N 443 
TYR HE2    H N N 444 
TYR HH     H N N 445 
TYR HXT    H N N 446 
VAL N      N N N 447 
VAL CA     C N S 448 
VAL C      C N N 449 
VAL O      O N N 450 
VAL CB     C N N 451 
VAL CG1    C N N 452 
VAL CG2    C N N 453 
VAL OXT    O N N 454 
VAL H      H N N 455 
VAL H2     H N N 456 
VAL HA     H N N 457 
VAL HB     H N N 458 
VAL HG11   H N N 459 
VAL HG12   H N N 460 
VAL HG13   H N N 461 
VAL HG21   H N N 462 
VAL HG22   H N N 463 
VAL HG23   H N N 464 
VAL HXT    H N N 465 
# 
loop_
_chem_comp_bond.comp_id 
_chem_comp_bond.atom_id_1 
_chem_comp_bond.atom_id_2 
_chem_comp_bond.value_order 
_chem_comp_bond.pdbx_aromatic_flag 
_chem_comp_bond.pdbx_stereo_config 
_chem_comp_bond.pdbx_ordinal 
ALA N     CA     sing N N 1   
ALA N     H      sing N N 2   
ALA N     H2     sing N N 3   
ALA CA    C      sing N N 4   
ALA CA    CB     sing N N 5   
ALA CA    HA     sing N N 6   
ALA C     O      doub N N 7   
ALA C     OXT    sing N N 8   
ALA CB    HB1    sing N N 9   
ALA CB    HB2    sing N N 10  
ALA CB    HB3    sing N N 11  
ALA OXT   HXT    sing N N 12  
ARG N     CA     sing N N 13  
ARG N     H      sing N N 14  
ARG N     H2     sing N N 15  
ARG CA    C      sing N N 16  
ARG CA    CB     sing N N 17  
ARG CA    HA     sing N N 18  
ARG C     O      doub N N 19  
ARG C     OXT    sing N N 20  
ARG CB    CG     sing N N 21  
ARG CB    HB2    sing N N 22  
ARG CB    HB3    sing N N 23  
ARG CG    CD     sing N N 24  
ARG CG    HG2    sing N N 25  
ARG CG    HG3    sing N N 26  
ARG CD    NE     sing N N 27  
ARG CD    HD2    sing N N 28  
ARG CD    HD3    sing N N 29  
ARG NE    CZ     sing N N 30  
ARG NE    HE     sing N N 31  
ARG CZ    NH1    sing N N 32  
ARG CZ    NH2    doub N N 33  
ARG NH1   HH11   sing N N 34  
ARG NH1   HH12   sing N N 35  
ARG NH2   HH21   sing N N 36  
ARG NH2   HH22   sing N N 37  
ARG OXT   HXT    sing N N 38  
ASN N     CA     sing N N 39  
ASN N     H      sing N N 40  
ASN N     H2     sing N N 41  
ASN CA    C      sing N N 42  
ASN CA    CB     sing N N 43  
ASN CA    HA     sing N N 44  
ASN C     O      doub N N 45  
ASN C     OXT    sing N N 46  
ASN CB    CG     sing N N 47  
ASN CB    HB2    sing N N 48  
ASN CB    HB3    sing N N 49  
ASN CG    OD1    doub N N 50  
ASN CG    ND2    sing N N 51  
ASN ND2   HD21   sing N N 52  
ASN ND2   HD22   sing N N 53  
ASN OXT   HXT    sing N N 54  
ASP N     CA     sing N N 55  
ASP N     H      sing N N 56  
ASP N     H2     sing N N 57  
ASP CA    C      sing N N 58  
ASP CA    CB     sing N N 59  
ASP CA    HA     sing N N 60  
ASP C     O      doub N N 61  
ASP C     OXT    sing N N 62  
ASP CB    CG     sing N N 63  
ASP CB    HB2    sing N N 64  
ASP CB    HB3    sing N N 65  
ASP CG    OD1    doub N N 66  
ASP CG    OD2    sing N N 67  
ASP OD2   HD2    sing N N 68  
ASP OXT   HXT    sing N N 69  
CYS N     CA     sing N N 70  
CYS N     H      sing N N 71  
CYS N     H2     sing N N 72  
CYS CA    C      sing N N 73  
CYS CA    CB     sing N N 74  
CYS CA    HA     sing N N 75  
CYS C     O      doub N N 76  
CYS C     OXT    sing N N 77  
CYS CB    SG     sing N N 78  
CYS CB    HB2    sing N N 79  
CYS CB    HB3    sing N N 80  
CYS SG    HG     sing N N 81  
CYS OXT   HXT    sing N N 82  
GLN N     CA     sing N N 83  
GLN N     H      sing N N 84  
GLN N     H2     sing N N 85  
GLN CA    C      sing N N 86  
GLN CA    CB     sing N N 87  
GLN CA    HA     sing N N 88  
GLN C     O      doub N N 89  
GLN C     OXT    sing N N 90  
GLN CB    CG     sing N N 91  
GLN CB    HB2    sing N N 92  
GLN CB    HB3    sing N N 93  
GLN CG    CD     sing N N 94  
GLN CG    HG2    sing N N 95  
GLN CG    HG3    sing N N 96  
GLN CD    OE1    doub N N 97  
GLN CD    NE2    sing N N 98  
GLN NE2   HE21   sing N N 99  
GLN NE2   HE22   sing N N 100 
GLN OXT   HXT    sing N N 101 
GLU N     CA     sing N N 102 
GLU N     H      sing N N 103 
GLU N     H2     sing N N 104 
GLU CA    C      sing N N 105 
GLU CA    CB     sing N N 106 
GLU CA    HA     sing N N 107 
GLU C     O      doub N N 108 
GLU C     OXT    sing N N 109 
GLU CB    CG     sing N N 110 
GLU CB    HB2    sing N N 111 
GLU CB    HB3    sing N N 112 
GLU CG    CD     sing N N 113 
GLU CG    HG2    sing N N 114 
GLU CG    HG3    sing N N 115 
GLU CD    OE1    doub N N 116 
GLU CD    OE2    sing N N 117 
GLU OE2   HE2    sing N N 118 
GLU OXT   HXT    sing N N 119 
GLY N     CA     sing N N 120 
GLY N     H      sing N N 121 
GLY N     H2     sing N N 122 
GLY CA    C      sing N N 123 
GLY CA    HA2    sing N N 124 
GLY CA    HA3    sing N N 125 
GLY C     O      doub N N 126 
GLY C     OXT    sing N N 127 
GLY OXT   HXT    sing N N 128 
HIS N     CA     sing N N 129 
HIS N     H      sing N N 130 
HIS N     H2     sing N N 131 
HIS CA    C      sing N N 132 
HIS CA    CB     sing N N 133 
HIS CA    HA     sing N N 134 
HIS C     O      doub N N 135 
HIS C     OXT    sing N N 136 
HIS CB    CG     sing N N 137 
HIS CB    HB2    sing N N 138 
HIS CB    HB3    sing N N 139 
HIS CG    ND1    sing Y N 140 
HIS CG    CD2    doub Y N 141 
HIS ND1   CE1    doub Y N 142 
HIS ND1   HD1    sing N N 143 
HIS CD2   NE2    sing Y N 144 
HIS CD2   HD2    sing N N 145 
HIS CE1   NE2    sing Y N 146 
HIS CE1   HE1    sing N N 147 
HIS NE2   HE2    sing N N 148 
HIS OXT   HXT    sing N N 149 
HOH O     H1     sing N N 150 
HOH O     H2     sing N N 151 
ILE N     CA     sing N N 152 
ILE N     H      sing N N 153 
ILE N     H2     sing N N 154 
ILE CA    C      sing N N 155 
ILE CA    CB     sing N N 156 
ILE CA    HA     sing N N 157 
ILE C     O      doub N N 158 
ILE C     OXT    sing N N 159 
ILE CB    CG1    sing N N 160 
ILE CB    CG2    sing N N 161 
ILE CB    HB     sing N N 162 
ILE CG1   CD1    sing N N 163 
ILE CG1   HG12   sing N N 164 
ILE CG1   HG13   sing N N 165 
ILE CG2   HG21   sing N N 166 
ILE CG2   HG22   sing N N 167 
ILE CG2   HG23   sing N N 168 
ILE CD1   HD11   sing N N 169 
ILE CD1   HD12   sing N N 170 
ILE CD1   HD13   sing N N 171 
ILE OXT   HXT    sing N N 172 
LEU N     CA     sing N N 173 
LEU N     H      sing N N 174 
LEU N     H2     sing N N 175 
LEU CA    C      sing N N 176 
LEU CA    CB     sing N N 177 
LEU CA    HA     sing N N 178 
LEU C     O      doub N N 179 
LEU C     OXT    sing N N 180 
LEU CB    CG     sing N N 181 
LEU CB    HB2    sing N N 182 
LEU CB    HB3    sing N N 183 
LEU CG    CD1    sing N N 184 
LEU CG    CD2    sing N N 185 
LEU CG    HG     sing N N 186 
LEU CD1   HD11   sing N N 187 
LEU CD1   HD12   sing N N 188 
LEU CD1   HD13   sing N N 189 
LEU CD2   HD21   sing N N 190 
LEU CD2   HD22   sing N N 191 
LEU CD2   HD23   sing N N 192 
LEU OXT   HXT    sing N N 193 
LYS N     CA     sing N N 194 
LYS N     H      sing N N 195 
LYS N     H2     sing N N 196 
LYS CA    C      sing N N 197 
LYS CA    CB     sing N N 198 
LYS CA    HA     sing N N 199 
LYS C     O      doub N N 200 
LYS C     OXT    sing N N 201 
LYS CB    CG     sing N N 202 
LYS CB    HB2    sing N N 203 
LYS CB    HB3    sing N N 204 
LYS CG    CD     sing N N 205 
LYS CG    HG2    sing N N 206 
LYS CG    HG3    sing N N 207 
LYS CD    CE     sing N N 208 
LYS CD    HD2    sing N N 209 
LYS CD    HD3    sing N N 210 
LYS CE    NZ     sing N N 211 
LYS CE    HE2    sing N N 212 
LYS CE    HE3    sing N N 213 
LYS NZ    HZ1    sing N N 214 
LYS NZ    HZ2    sing N N 215 
LYS NZ    HZ3    sing N N 216 
LYS OXT   HXT    sing N N 217 
MET N     CA     sing N N 218 
MET N     H      sing N N 219 
MET N     H2     sing N N 220 
MET CA    C      sing N N 221 
MET CA    CB     sing N N 222 
MET CA    HA     sing N N 223 
MET C     O      doub N N 224 
MET C     OXT    sing N N 225 
MET CB    CG     sing N N 226 
MET CB    HB2    sing N N 227 
MET CB    HB3    sing N N 228 
MET CG    SD     sing N N 229 
MET CG    HG2    sing N N 230 
MET CG    HG3    sing N N 231 
MET SD    CE     sing N N 232 
MET CE    HE1    sing N N 233 
MET CE    HE2    sing N N 234 
MET CE    HE3    sing N N 235 
MET OXT   HXT    sing N N 236 
MTA CS    "S5'"  sing N N 237 
MTA CS    HCS1   sing N N 238 
MTA CS    HCS2   sing N N 239 
MTA CS    HCS3   sing N N 240 
MTA "S5'" "C5'"  sing N N 241 
MTA "C5'" "C4'"  sing N N 242 
MTA "C5'" "H5'1" sing N N 243 
MTA "C5'" "H5'2" sing N N 244 
MTA "C4'" "O4'"  sing N N 245 
MTA "C4'" "C3'"  sing N N 246 
MTA "C4'" "H4'"  sing N N 247 
MTA "O4'" "C1'"  sing N N 248 
MTA "C2'" "O2'"  sing N N 249 
MTA "C2'" "C3'"  sing N N 250 
MTA "C2'" "C1'"  sing N N 251 
MTA "C2'" "H2'"  sing N N 252 
MTA "O2'" "HO2'" sing N N 253 
MTA "C3'" "O3'"  sing N N 254 
MTA "C3'" "H3'"  sing N N 255 
MTA "O3'" H3T    sing N N 256 
MTA "C1'" N9     sing N N 257 
MTA "C1'" "H1'"  sing N N 258 
MTA N9    C8     sing Y N 259 
MTA N9    C4     sing Y N 260 
MTA C8    N7     doub Y N 261 
MTA C8    H8     sing N N 262 
MTA N7    C5     sing Y N 263 
MTA C5    C6     sing Y N 264 
MTA C5    C4     doub Y N 265 
MTA C6    N6     sing N N 266 
MTA C6    N1     doub Y N 267 
MTA N6    H61    sing N N 268 
MTA N6    H62    sing N N 269 
MTA N1    C2     sing Y N 270 
MTA C2    N3     doub Y N 271 
MTA C2    H2     sing N N 272 
MTA N3    C4     sing Y N 273 
NOO C1    O1     doub N N 274 
NOO C1    C2     sing N N 275 
NOO C1    C6     sing N N 276 
NOO C2    C3     doub N N 277 
NOO C3    C4     sing N N 278 
NOO C3    N7     sing N N 279 
NOO C4    C5     sing N N 280 
NOO C5    C6     sing N N 281 
NOO N7    C8     sing N N 282 
NOO C8    O8     doub N N 283 
NOO C8    C9     sing N N 284 
NOO C9    C10    sing N N 285 
NOO C10   C11    sing N N 286 
NOO C11   C12    sing N N 287 
NOO C12   C13    sing N N 288 
NOO C13   C14    sing N N 289 
NOO C14   C15    sing N N 290 
NOO C2    H2     sing N N 291 
NOO C4    H4     sing N N 292 
NOO C4    H4A    sing N N 293 
NOO C5    H5     sing N N 294 
NOO C5    H5A    sing N N 295 
NOO C6    H6     sing N N 296 
NOO C6    H6A    sing N N 297 
NOO N7    HN7    sing N N 298 
NOO C9    H9     sing N N 299 
NOO C9    H9A    sing N N 300 
NOO C10   H10    sing N N 301 
NOO C10   H10A   sing N N 302 
NOO C11   H11    sing N N 303 
NOO C11   H11A   sing N N 304 
NOO C12   H12    sing N N 305 
NOO C12   H12A   sing N N 306 
NOO C13   H13    sing N N 307 
NOO C13   H13A   sing N N 308 
NOO C14   H14    sing N N 309 
NOO C14   H14A   sing N N 310 
NOO C15   H15    sing N N 311 
NOO C15   H15A   sing N N 312 
NOO C15   H15B   sing N N 313 
PHE N     CA     sing N N 314 
PHE N     H      sing N N 315 
PHE N     H2     sing N N 316 
PHE CA    C      sing N N 317 
PHE CA    CB     sing N N 318 
PHE CA    HA     sing N N 319 
PHE C     O      doub N N 320 
PHE C     OXT    sing N N 321 
PHE CB    CG     sing N N 322 
PHE CB    HB2    sing N N 323 
PHE CB    HB3    sing N N 324 
PHE CG    CD1    doub Y N 325 
PHE CG    CD2    sing Y N 326 
PHE CD1   CE1    sing Y N 327 
PHE CD1   HD1    sing N N 328 
PHE CD2   CE2    doub Y N 329 
PHE CD2   HD2    sing N N 330 
PHE CE1   CZ     doub Y N 331 
PHE CE1   HE1    sing N N 332 
PHE CE2   CZ     sing Y N 333 
PHE CE2   HE2    sing N N 334 
PHE CZ    HZ     sing N N 335 
PHE OXT   HXT    sing N N 336 
PRO N     CA     sing N N 337 
PRO N     CD     sing N N 338 
PRO N     H      sing N N 339 
PRO CA    C      sing N N 340 
PRO CA    CB     sing N N 341 
PRO CA    HA     sing N N 342 
PRO C     O      doub N N 343 
PRO C     OXT    sing N N 344 
PRO CB    CG     sing N N 345 
PRO CB    HB2    sing N N 346 
PRO CB    HB3    sing N N 347 
PRO CG    CD     sing N N 348 
PRO CG    HG2    sing N N 349 
PRO CG    HG3    sing N N 350 
PRO CD    HD2    sing N N 351 
PRO CD    HD3    sing N N 352 
PRO OXT   HXT    sing N N 353 
SER N     CA     sing N N 354 
SER N     H      sing N N 355 
SER N     H2     sing N N 356 
SER CA    C      sing N N 357 
SER CA    CB     sing N N 358 
SER CA    HA     sing N N 359 
SER C     O      doub N N 360 
SER C     OXT    sing N N 361 
SER CB    OG     sing N N 362 
SER CB    HB2    sing N N 363 
SER CB    HB3    sing N N 364 
SER OG    HG     sing N N 365 
SER OXT   HXT    sing N N 366 
THR N     CA     sing N N 367 
THR N     H      sing N N 368 
THR N     H2     sing N N 369 
THR CA    C      sing N N 370 
THR CA    CB     sing N N 371 
THR CA    HA     sing N N 372 
THR C     O      doub N N 373 
THR C     OXT    sing N N 374 
THR CB    OG1    sing N N 375 
THR CB    CG2    sing N N 376 
THR CB    HB     sing N N 377 
THR OG1   HG1    sing N N 378 
THR CG2   HG21   sing N N 379 
THR CG2   HG22   sing N N 380 
THR CG2   HG23   sing N N 381 
THR OXT   HXT    sing N N 382 
TRP N     CA     sing N N 383 
TRP N     H      sing N N 384 
TRP N     H2     sing N N 385 
TRP CA    C      sing N N 386 
TRP CA    CB     sing N N 387 
TRP CA    HA     sing N N 388 
TRP C     O      doub N N 389 
TRP C     OXT    sing N N 390 
TRP CB    CG     sing N N 391 
TRP CB    HB2    sing N N 392 
TRP CB    HB3    sing N N 393 
TRP CG    CD1    doub Y N 394 
TRP CG    CD2    sing Y N 395 
TRP CD1   NE1    sing Y N 396 
TRP CD1   HD1    sing N N 397 
TRP CD2   CE2    doub Y N 398 
TRP CD2   CE3    sing Y N 399 
TRP NE1   CE2    sing Y N 400 
TRP NE1   HE1    sing N N 401 
TRP CE2   CZ2    sing Y N 402 
TRP CE3   CZ3    doub Y N 403 
TRP CE3   HE3    sing N N 404 
TRP CZ2   CH2    doub Y N 405 
TRP CZ2   HZ2    sing N N 406 
TRP CZ3   CH2    sing Y N 407 
TRP CZ3   HZ3    sing N N 408 
TRP CH2   HH2    sing N N 409 
TRP OXT   HXT    sing N N 410 
TYR N     CA     sing N N 411 
TYR N     H      sing N N 412 
TYR N     H2     sing N N 413 
TYR CA    C      sing N N 414 
TYR CA    CB     sing N N 415 
TYR CA    HA     sing N N 416 
TYR C     O      doub N N 417 
TYR C     OXT    sing N N 418 
TYR CB    CG     sing N N 419 
TYR CB    HB2    sing N N 420 
TYR CB    HB3    sing N N 421 
TYR CG    CD1    doub Y N 422 
TYR CG    CD2    sing Y N 423 
TYR CD1   CE1    sing Y N 424 
TYR CD1   HD1    sing N N 425 
TYR CD2   CE2    doub Y N 426 
TYR CD2   HD2    sing N N 427 
TYR CE1   CZ     doub Y N 428 
TYR CE1   HE1    sing N N 429 
TYR CE2   CZ     sing Y N 430 
TYR CE2   HE2    sing N N 431 
TYR CZ    OH     sing N N 432 
TYR OH    HH     sing N N 433 
TYR OXT   HXT    sing N N 434 
VAL N     CA     sing N N 435 
VAL N     H      sing N N 436 
VAL N     H2     sing N N 437 
VAL CA    C      sing N N 438 
VAL CA    CB     sing N N 439 
VAL CA    HA     sing N N 440 
VAL C     O      doub N N 441 
VAL C     OXT    sing N N 442 
VAL CB    CG1    sing N N 443 
VAL CB    CG2    sing N N 444 
VAL CB    HB     sing N N 445 
VAL CG1   HG11   sing N N 446 
VAL CG1   HG12   sing N N 447 
VAL CG1   HG13   sing N N 448 
VAL CG2   HG21   sing N N 449 
VAL CG2   HG22   sing N N 450 
VAL CG2   HG23   sing N N 451 
VAL OXT   HXT    sing N N 452 
# 
_atom_sites.entry_id                    3P2H 
_atom_sites.fract_transf_matrix[1][1]   -0.00412862 
_atom_sites.fract_transf_matrix[1][2]   -0.01163680 
_atom_sites.fract_transf_matrix[1][3]   0.01235754 
_atom_sites.fract_transf_matrix[2][1]   -0.01662815 
_atom_sites.fract_transf_matrix[2][2]   -0.00189287 
_atom_sites.fract_transf_matrix[2][3]   0.00500876 
_atom_sites.fract_transf_matrix[3][1]   -0.00126712 
_atom_sites.fract_transf_matrix[3][2]   -0.00671070 
_atom_sites.fract_transf_matrix[3][3]   -0.00674265 
_atom_sites.fract_transf_vector[1]      0.604822 
_atom_sites.fract_transf_vector[2]      1.298222 
_atom_sites.fract_transf_vector[3]      0.457705 
# 
loop_
_atom_type.symbol 
C 
N 
O 
S 
# 
loop_
_atom_site.group_PDB 
_atom_site.id 
_atom_site.type_symbol 
_atom_site.label_atom_id 
_atom_site.label_alt_id 
_atom_site.label_comp_id 
_atom_site.label_asym_id 
_atom_site.label_entity_id 
_atom_site.label_seq_id 
_atom_site.pdbx_PDB_ins_code 
_atom_site.Cartn_x 
_atom_site.Cartn_y 
_atom_site.Cartn_z 
_atom_site.occupancy 
_atom_site.B_iso_or_equiv 
_atom_site.pdbx_formal_charge 
_atom_site.auth_seq_id 
_atom_site.auth_comp_id 
_atom_site.auth_asym_id 
_atom_site.auth_atom_id 
_atom_site.pdbx_PDB_model_num 
ATOM   1    N N     . MET A 1 1   ? -8.966  4.919   14.006  1.00 26.06 ? 1   MET A N     1 
ATOM   2    C CA    . MET A 1 1   ? -7.540  4.566   14.238  1.00 25.28 ? 1   MET A CA    1 
ATOM   3    C C     . MET A 1 1   ? -6.633  5.787   14.102  1.00 24.46 ? 1   MET A C     1 
ATOM   4    O O     . MET A 1 1   ? -7.062  6.855   13.671  1.00 24.88 ? 1   MET A O     1 
ATOM   5    C CB    . MET A 1 1   ? -7.093  3.504   13.234  1.00 25.32 ? 1   MET A CB    1 
ATOM   6    C CG    . MET A 1 1   ? -7.226  3.952   11.788  1.00 26.79 ? 1   MET A CG    1 
ATOM   7    S SD    . MET A 1 1   ? -6.074  3.090   10.727  1.00 27.81 ? 1   MET A SD    1 
ATOM   8    C CE    . MET A 1 1   ? -7.011  1.596   10.343  1.00 27.35 ? 1   MET A CE    1 
ATOM   9    N N     . GLN A 1 2   ? -5.374  5.611   14.481  1.00 22.76 ? 2   GLN A N     1 
ATOM   10   C CA    . GLN A 1 2   ? -4.378  6.670   14.399  1.00 20.66 ? 2   GLN A CA    1 
ATOM   11   C C     . GLN A 1 2   ? -3.286  6.116   13.485  1.00 19.09 ? 2   GLN A C     1 
ATOM   12   O O     . GLN A 1 2   ? -2.927  4.946   13.589  1.00 17.31 ? 2   GLN A O     1 
ATOM   13   C CB    . GLN A 1 2   ? -3.831  6.971   15.800  1.00 21.34 ? 2   GLN A CB    1 
ATOM   14   C CG    . GLN A 1 2   ? -2.849  8.124   15.872  1.00 21.28 ? 2   GLN A CG    1 
ATOM   15   C CD    . GLN A 1 2   ? -2.853  8.803   17.236  1.00 25.22 ? 2   GLN A CD    1 
ATOM   16   O OE1   . GLN A 1 2   ? -2.554  8.180   18.257  1.00 24.20 ? 2   GLN A OE1   1 
ATOM   17   N NE2   . GLN A 1 2   ? -3.203  10.086  17.258  1.00 21.43 ? 2   GLN A NE2   1 
ATOM   18   N N     . THR A 1 3   ? -2.767  6.944   12.586  1.00 17.55 ? 3   THR A N     1 
ATOM   19   C CA    . THR A 1 3   ? -1.746  6.478   11.652  1.00 17.28 ? 3   THR A CA    1 
ATOM   20   C C     . THR A 1 3   ? -0.333  6.953   11.987  1.00 17.43 ? 3   THR A C     1 
ATOM   21   O O     . THR A 1 3   ? -0.133  8.060   12.490  1.00 14.74 ? 3   THR A O     1 
ATOM   22   C CB    . THR A 1 3   ? -2.096  6.903   10.216  1.00 16.17 ? 3   THR A CB    1 
ATOM   23   O OG1   . THR A 1 3   ? -2.099  8.330   10.131  1.00 15.10 ? 3   THR A OG1   1 
ATOM   24   C CG2   . THR A 1 3   ? -3.482  6.377   9.830   1.00 17.39 ? 3   THR A CG2   1 
ATOM   25   N N     . PHE A 1 4   ? 0.639   6.092   11.698  1.00 16.67 ? 4   PHE A N     1 
ATOM   26   C CA    . PHE A 1 4   ? 2.046   6.364   11.962  1.00 16.99 ? 4   PHE A CA    1 
ATOM   27   C C     . PHE A 1 4   ? 2.865   6.052   10.721  1.00 17.22 ? 4   PHE A C     1 
ATOM   28   O O     . PHE A 1 4   ? 2.887   4.912   10.262  1.00 17.16 ? 4   PHE A O     1 
ATOM   29   C CB    . PHE A 1 4   ? 2.553   5.487   13.113  1.00 16.30 ? 4   PHE A CB    1 
ATOM   30   C CG    . PHE A 1 4   ? 1.821   5.698   14.400  1.00 17.13 ? 4   PHE A CG    1 
ATOM   31   C CD1   . PHE A 1 4   ? 0.512   5.242   14.557  1.00 17.40 ? 4   PHE A CD1   1 
ATOM   32   C CD2   . PHE A 1 4   ? 2.427   6.372   15.453  1.00 16.65 ? 4   PHE A CD2   1 
ATOM   33   C CE1   . PHE A 1 4   ? -0.177  5.456   15.742  1.00 15.18 ? 4   PHE A CE1   1 
ATOM   34   C CE2   . PHE A 1 4   ? 1.739   6.592   16.645  1.00 17.47 ? 4   PHE A CE2   1 
ATOM   35   C CZ    . PHE A 1 4   ? 0.439   6.134   16.788  1.00 14.44 ? 4   PHE A CZ    1 
ATOM   36   N N     . VAL A 1 5   ? 3.532   7.068   10.181  1.00 16.92 ? 5   VAL A N     1 
ATOM   37   C CA    . VAL A 1 5   ? 4.359   6.891   8.996   1.00 16.18 ? 5   VAL A CA    1 
ATOM   38   C C     . VAL A 1 5   ? 5.837   6.824   9.385   1.00 16.15 ? 5   VAL A C     1 
ATOM   39   O O     . VAL A 1 5   ? 6.373   7.738   10.017  1.00 14.99 ? 5   VAL A O     1 
ATOM   40   C CB    . VAL A 1 5   ? 4.151   8.045   7.998   1.00 15.55 ? 5   VAL A CB    1 
ATOM   41   C CG1   . VAL A 1 5   ? 4.982   7.815   6.755   1.00 14.72 ? 5   VAL A CG1   1 
ATOM   42   C CG2   . VAL A 1 5   ? 2.679   8.150   7.634   1.00 14.88 ? 5   VAL A CG2   1 
ATOM   43   N N     . HIS A 1 6   ? 6.483   5.731   8.996   1.00 16.23 ? 6   HIS A N     1 
ATOM   44   C CA    . HIS A 1 6   ? 7.891   5.508   9.290   1.00 16.34 ? 6   HIS A CA    1 
ATOM   45   C C     . HIS A 1 6   ? 8.695   5.659   7.999   1.00 17.15 ? 6   HIS A C     1 
ATOM   46   O O     . HIS A 1 6   ? 8.586   4.830   7.097   1.00 14.88 ? 6   HIS A O     1 
ATOM   47   C CB    . HIS A 1 6   ? 8.082   4.100   9.860   1.00 17.13 ? 6   HIS A CB    1 
ATOM   48   C CG    . HIS A 1 6   ? 7.314   3.846   11.122  1.00 17.73 ? 6   HIS A CG    1 
ATOM   49   N ND1   . HIS A 1 6   ? 7.850   4.052   12.377  1.00 17.16 ? 6   HIS A ND1   1 
ATOM   50   C CD2   . HIS A 1 6   ? 6.042   3.424   11.324  1.00 17.36 ? 6   HIS A CD2   1 
ATOM   51   C CE1   . HIS A 1 6   ? 6.942   3.768   13.294  1.00 17.15 ? 6   HIS A CE1   1 
ATOM   52   N NE2   . HIS A 1 6   ? 5.836   3.384   12.682  1.00 16.62 ? 6   HIS A NE2   1 
ATOM   53   N N     . GLU A 1 7   ? 9.487   6.725   7.912   1.00 18.52 ? 7   GLU A N     1 
ATOM   54   C CA    . GLU A 1 7   ? 10.304  6.983   6.725   1.00 19.98 ? 7   GLU A CA    1 
ATOM   55   C C     . GLU A 1 7   ? 11.714  7.443   7.096   1.00 20.44 ? 7   GLU A C     1 
ATOM   56   O O     . GLU A 1 7   ? 12.294  8.289   6.417   1.00 20.89 ? 7   GLU A O     1 
ATOM   57   C CB    . GLU A 1 7   ? 9.621   8.034   5.833   1.00 19.54 ? 7   GLU A CB    1 
ATOM   58   C CG    . GLU A 1 7   ? 9.112   9.245   6.584   1.00 23.10 ? 7   GLU A CG    1 
ATOM   59   C CD    . GLU A 1 7   ? 8.219   10.157  5.747   1.00 24.89 ? 7   GLU A CD    1 
ATOM   60   O OE1   . GLU A 1 7   ? 7.367   10.842  6.346   1.00 25.82 ? 7   GLU A OE1   1 
ATOM   61   O OE2   . GLU A 1 7   ? 8.365   10.211  4.507   1.00 24.87 ? 7   GLU A OE2   1 
ATOM   62   N N     . ALA A 1 8   ? 12.265  6.861   8.162   1.00 20.38 ? 8   ALA A N     1 
ATOM   63   C CA    . ALA A 1 8   ? 13.594  7.222   8.644   1.00 20.70 ? 8   ALA A CA    1 
ATOM   64   C C     . ALA A 1 8   ? 14.657  6.149   8.414   1.00 21.83 ? 8   ALA A C     1 
ATOM   65   O O     . ALA A 1 8   ? 15.581  6.007   9.213   1.00 23.16 ? 8   ALA A O     1 
ATOM   66   C CB    . ALA A 1 8   ? 13.522  7.561   10.134  1.00 20.02 ? 8   ALA A CB    1 
ATOM   67   N N     . GLY A 1 9   ? 14.537  5.399   7.327   1.00 21.93 ? 9   GLY A N     1 
ATOM   68   C CA    . GLY A 1 9   ? 15.511  4.356   7.065   1.00 21.55 ? 9   GLY A CA    1 
ATOM   69   C C     . GLY A 1 9   ? 15.106  3.069   7.754   1.00 22.17 ? 9   GLY A C     1 
ATOM   70   O O     . GLY A 1 9   ? 13.924  2.851   8.017   1.00 21.76 ? 9   GLY A O     1 
ATOM   71   N N     . ARG A 1 10  ? 16.081  2.219   8.065   1.00 21.05 ? 10  ARG A N     1 
ATOM   72   C CA    . ARG A 1 10  ? 15.792  0.945   8.713   1.00 21.75 ? 10  ARG A CA    1 
ATOM   73   C C     . ARG A 1 10  ? 14.870  1.083   9.937   1.00 21.74 ? 10  ARG A C     1 
ATOM   74   O O     . ARG A 1 10  ? 15.139  1.858   10.862  1.00 22.04 ? 10  ARG A O     1 
ATOM   75   C CB    . ARG A 1 10  ? 17.101  0.262   9.113   1.00 21.37 ? 10  ARG A CB    1 
ATOM   76   C CG    . ARG A 1 10  ? 16.935  -1.156  9.645   1.00 23.42 ? 10  ARG A CG    1 
ATOM   77   C CD    . ARG A 1 10  ? 18.297  -1.786  9.893   1.00 24.82 ? 10  ARG A CD    1 
ATOM   78   N NE    . ARG A 1 10  ? 19.113  -1.735  8.686   1.00 25.42 ? 10  ARG A NE    1 
ATOM   79   C CZ    . ARG A 1 10  ? 20.385  -2.108  8.624   1.00 27.33 ? 10  ARG A CZ    1 
ATOM   80   N NH1   . ARG A 1 10  ? 21.003  -2.565  9.708   1.00 28.09 ? 10  ARG A NH1   1 
ATOM   81   N NH2   . ARG A 1 10  ? 21.040  -2.026  7.475   1.00 28.44 ? 10  ARG A NH2   1 
ATOM   82   N N     . LEU A 1 11  ? 13.783  0.320   9.930   1.00 20.57 ? 11  LEU A N     1 
ATOM   83   C CA    . LEU A 1 11  ? 12.812  0.333   11.020  1.00 19.70 ? 11  LEU A CA    1 
ATOM   84   C C     . LEU A 1 11  ? 13.435  -0.132  12.322  1.00 20.45 ? 11  LEU A C     1 
ATOM   85   O O     . LEU A 1 11  ? 14.310  -0.998  12.327  1.00 18.30 ? 11  LEU A O     1 
ATOM   86   C CB    . LEU A 1 11  ? 11.642  -0.605  10.714  1.00 19.68 ? 11  LEU A CB    1 
ATOM   87   C CG    . LEU A 1 11  ? 10.542  -0.202  9.737   1.00 19.64 ? 11  LEU A CG    1 
ATOM   88   C CD1   . LEU A 1 11  ? 9.573   -1.375  9.576   1.00 20.80 ? 11  LEU A CD1   1 
ATOM   89   C CD2   . LEU A 1 11  ? 9.810   1.028   10.263  1.00 18.39 ? 11  LEU A CD2   1 
ATOM   90   N N     . PRO A 1 12  ? 12.999  0.446   13.449  1.00 19.82 ? 12  PRO A N     1 
ATOM   91   C CA    . PRO A 1 12  ? 13.589  -0.020  14.703  1.00 19.96 ? 12  PRO A CA    1 
ATOM   92   C C     . PRO A 1 12  ? 13.151  -1.477  14.875  1.00 19.75 ? 12  PRO A C     1 
ATOM   93   O O     . PRO A 1 12  ? 12.059  -1.855  14.457  1.00 17.25 ? 12  PRO A O     1 
ATOM   94   C CB    . PRO A 1 12  ? 12.992  0.924   15.745  1.00 20.08 ? 12  PRO A CB    1 
ATOM   95   C CG    . PRO A 1 12  ? 11.711  1.385   15.120  1.00 21.84 ? 12  PRO A CG    1 
ATOM   96   C CD    . PRO A 1 12  ? 12.067  1.563   13.673  1.00 19.44 ? 12  PRO A CD    1 
ATOM   97   N N     . ALA A 1 13  ? 14.021  -2.291  15.462  1.00 18.90 ? 13  ALA A N     1 
ATOM   98   C CA    . ALA A 1 13  ? 13.749  -3.711  15.668  1.00 19.27 ? 13  ALA A CA    1 
ATOM   99   C C     . ALA A 1 13  ? 12.334  -4.072  16.126  1.00 18.51 ? 13  ALA A C     1 
ATOM   100  O O     . ALA A 1 13  ? 11.685  -4.931  15.522  1.00 18.41 ? 13  ALA A O     1 
ATOM   101  C CB    . ALA A 1 13  ? 14.769  -4.294  16.653  1.00 20.65 ? 13  ALA A CB    1 
ATOM   102  N N     . HIS A 1 14  ? 11.852  -3.431  17.186  1.00 17.78 ? 14  HIS A N     1 
ATOM   103  C CA    . HIS A 1 14  ? 10.528  -3.761  17.698  1.00 17.87 ? 14  HIS A CA    1 
ATOM   104  C C     . HIS A 1 14  ? 9.389   -3.463  16.725  1.00 17.28 ? 14  HIS A C     1 
ATOM   105  O O     . HIS A 1 14  ? 8.391   -4.176  16.709  1.00 16.13 ? 14  HIS A O     1 
ATOM   106  C CB    . HIS A 1 14  ? 10.270  -3.064  19.040  1.00 17.25 ? 14  HIS A CB    1 
ATOM   107  C CG    . HIS A 1 14  ? 10.278  -1.572  18.963  1.00 17.91 ? 14  HIS A CG    1 
ATOM   108  N ND1   . HIS A 1 14  ? 11.426  -0.843  18.750  1.00 17.56 ? 14  HIS A ND1   1 
ATOM   109  C CD2   . HIS A 1 14  ? 9.273   -0.671  19.071  1.00 16.60 ? 14  HIS A CD2   1 
ATOM   110  C CE1   . HIS A 1 14  ? 11.130  0.445   18.733  1.00 18.34 ? 14  HIS A CE1   1 
ATOM   111  N NE2   . HIS A 1 14  ? 9.830   0.576   18.925  1.00 17.58 ? 14  HIS A NE2   1 
ATOM   112  N N     . ILE A 1 15  ? 9.541   -2.421  15.913  1.00 16.67 ? 15  ILE A N     1 
ATOM   113  C CA    . ILE A 1 15  ? 8.513   -2.069  14.938  1.00 17.11 ? 15  ILE A CA    1 
ATOM   114  C C     . ILE A 1 15  ? 8.534   -3.077  13.791  1.00 17.64 ? 15  ILE A C     1 
ATOM   115  O O     . ILE A 1 15  ? 7.487   -3.475  13.279  1.00 16.20 ? 15  ILE A O     1 
ATOM   116  C CB    . ILE A 1 15  ? 8.740   -0.652  14.363  1.00 17.38 ? 15  ILE A CB    1 
ATOM   117  C CG1   . ILE A 1 15  ? 8.673   0.383   15.485  1.00 17.17 ? 15  ILE A CG1   1 
ATOM   118  C CG2   . ILE A 1 15  ? 7.705   -0.348  13.298  1.00 16.60 ? 15  ILE A CG2   1 
ATOM   119  C CD1   . ILE A 1 15  ? 7.360   0.412   16.222  1.00 19.17 ? 15  ILE A CD1   1 
ATOM   120  N N     . ALA A 1 16  ? 9.737   -3.482  13.392  1.00 16.03 ? 16  ALA A N     1 
ATOM   121  C CA    . ALA A 1 16  ? 9.899   -4.450  12.318  1.00 16.93 ? 16  ALA A CA    1 
ATOM   122  C C     . ALA A 1 16  ? 9.240   -5.770  12.705  1.00 17.09 ? 16  ALA A C     1 
ATOM   123  O O     . ALA A 1 16  ? 8.575   -6.406  11.888  1.00 17.76 ? 16  ALA A O     1 
ATOM   124  C CB    . ALA A 1 16  ? 11.392  -4.663  12.023  1.00 17.92 ? 16  ALA A CB    1 
ATOM   125  N N     . ALA A 1 17  ? 9.413   -6.175  13.960  1.00 16.71 ? 17  ALA A N     1 
ATOM   126  C CA    . ALA A 1 17  ? 8.825   -7.421  14.443  1.00 17.33 ? 17  ALA A CA    1 
ATOM   127  C C     . ALA A 1 17  ? 7.302   -7.311  14.526  1.00 17.58 ? 17  ALA A C     1 
ATOM   128  O O     . ALA A 1 17  ? 6.577   -8.199  14.086  1.00 17.53 ? 17  ALA A O     1 
ATOM   129  C CB    . ALA A 1 17  ? 9.401   -7.773  15.807  1.00 18.84 ? 17  ALA A CB    1 
ATOM   130  N N     . GLU A 1 18  ? 6.823   -6.206  15.079  1.00 18.30 ? 18  GLU A N     1 
ATOM   131  C CA    . GLU A 1 18  ? 5.392   -5.985  15.229  1.00 18.95 ? 18  GLU A CA    1 
ATOM   132  C C     . GLU A 1 18  ? 4.673   -5.890  13.878  1.00 18.60 ? 18  GLU A C     1 
ATOM   133  O O     . GLU A 1 18  ? 3.587   -6.448  13.702  1.00 17.30 ? 18  GLU A O     1 
ATOM   134  C CB    . GLU A 1 18  ? 5.167   -4.716  16.050  1.00 21.11 ? 18  GLU A CB    1 
ATOM   135  C CG    . GLU A 1 18  ? 3.721   -4.390  16.324  1.00 23.28 ? 18  GLU A CG    1 
ATOM   136  C CD    . GLU A 1 18  ? 3.573   -3.184  17.220  1.00 24.96 ? 18  GLU A CD    1 
ATOM   137  O OE1   . GLU A 1 18  ? 4.507   -2.353  17.249  1.00 25.21 ? 18  GLU A OE1   1 
ATOM   138  O OE2   . GLU A 1 18  ? 2.518   -3.063  17.881  1.00 25.55 ? 18  GLU A OE2   1 
ATOM   139  N N     . LEU A 1 19  ? 5.275   -5.182  12.929  1.00 17.41 ? 19  LEU A N     1 
ATOM   140  C CA    . LEU A 1 19  ? 4.687   -5.040  11.603  1.00 17.03 ? 19  LEU A CA    1 
ATOM   141  C C     . LEU A 1 19  ? 4.755   -6.371  10.869  1.00 16.97 ? 19  LEU A C     1 
ATOM   142  O O     . LEU A 1 19  ? 3.814   -6.756  10.177  1.00 16.27 ? 19  LEU A O     1 
ATOM   143  C CB    . LEU A 1 19  ? 5.437   -3.988  10.783  1.00 17.09 ? 19  LEU A CB    1 
ATOM   144  C CG    . LEU A 1 19  ? 5.070   -3.956  9.295   1.00 17.75 ? 19  LEU A CG    1 
ATOM   145  C CD1   . LEU A 1 19  ? 3.623   -3.519  9.129   1.00 16.21 ? 19  LEU A CD1   1 
ATOM   146  C CD2   . LEU A 1 19  ? 6.003   -3.000  8.556   1.00 19.14 ? 19  LEU A CD2   1 
ATOM   147  N N     . GLY A 1 20  ? 5.884   -7.058  11.016  1.00 16.68 ? 20  GLY A N     1 
ATOM   148  C CA    . GLY A 1 20  ? 6.059   -8.340  10.362  1.00 16.59 ? 20  GLY A CA    1 
ATOM   149  C C     . GLY A 1 20  ? 5.023   -9.349  10.813  1.00 16.47 ? 20  GLY A C     1 
ATOM   150  O O     . GLY A 1 20  ? 4.559   -10.166 10.022  1.00 16.73 ? 20  GLY A O     1 
ATOM   151  N N     . SER A 1 21  ? 4.664   -9.290  12.091  1.00 16.06 ? 21  SER A N     1 
ATOM   152  C CA    . SER A 1 21  ? 3.678   -10.199 12.659  1.00 17.15 ? 21  SER A CA    1 
ATOM   153  C C     . SER A 1 21  ? 2.295   -9.851  12.134  1.00 17.93 ? 21  SER A C     1 
ATOM   154  O O     . SER A 1 21  ? 1.509   -10.737 11.795  1.00 18.68 ? 21  SER A O     1 
ATOM   155  C CB    . SER A 1 21  ? 3.687   -10.106 14.188  1.00 18.71 ? 21  SER A CB    1 
ATOM   156  O OG    . SER A 1 21  ? 2.742   -10.998 14.764  1.00 21.73 ? 21  SER A OG    1 
ATOM   157  N N     . TYR A 1 22  ? 1.991   -8.557  12.069  1.00 17.25 ? 22  TYR A N     1 
ATOM   158  C CA    . TYR A 1 22  ? 0.691   -8.137  11.574  1.00 16.33 ? 22  TYR A CA    1 
ATOM   159  C C     . TYR A 1 22  ? 0.548   -8.536  10.116  1.00 16.67 ? 22  TYR A C     1 
ATOM   160  O O     . TYR A 1 22  ? -0.511  -8.989  9.694   1.00 16.71 ? 22  TYR A O     1 
ATOM   161  C CB    . TYR A 1 22  ? 0.513   -6.630  11.700  1.00 15.64 ? 22  TYR A CB    1 
ATOM   162  C CG    . TYR A 1 22  ? -0.813  -6.162  11.148  1.00 17.08 ? 22  TYR A CG    1 
ATOM   163  C CD1   . TYR A 1 22  ? -2.009  -6.437  11.819  1.00 15.40 ? 22  TYR A CD1   1 
ATOM   164  C CD2   . TYR A 1 22  ? -0.880  -5.466  9.946   1.00 15.16 ? 22  TYR A CD2   1 
ATOM   165  C CE1   . TYR A 1 22  ? -3.234  -6.023  11.298  1.00 16.64 ? 22  TYR A CE1   1 
ATOM   166  C CE2   . TYR A 1 22  ? -2.096  -5.053  9.420   1.00 15.53 ? 22  TYR A CE2   1 
ATOM   167  C CZ    . TYR A 1 22  ? -3.266  -5.332  10.099  1.00 15.64 ? 22  TYR A CZ    1 
ATOM   168  O OH    . TYR A 1 22  ? -4.462  -4.918  9.573   1.00 14.58 ? 22  TYR A OH    1 
ATOM   169  N N     . ARG A 1 23  ? 1.615   -8.369  9.342   1.00 15.99 ? 23  ARG A N     1 
ATOM   170  C CA    . ARG A 1 23  ? 1.562   -8.740  7.937   1.00 15.77 ? 23  ARG A CA    1 
ATOM   171  C C     . ARG A 1 23  ? 1.409   -10.249 7.777   1.00 15.34 ? 23  ARG A C     1 
ATOM   172  O O     . ARG A 1 23  ? 0.699   -10.710 6.886   1.00 14.50 ? 23  ARG A O     1 
ATOM   173  C CB    . ARG A 1 23  ? 2.804   -8.226  7.199   1.00 14.65 ? 23  ARG A CB    1 
ATOM   174  C CG    . ARG A 1 23  ? 2.662   -6.765  6.783   1.00 15.70 ? 23  ARG A CG    1 
ATOM   175  C CD    . ARG A 1 23  ? 3.942   -6.174  6.218   1.00 17.21 ? 23  ARG A CD    1 
ATOM   176  N NE    . ARG A 1 23  ? 4.506   -6.956  5.125   1.00 15.46 ? 23  ARG A NE    1 
ATOM   177  C CZ    . ARG A 1 23  ? 5.546   -6.562  4.402   1.00 16.35 ? 23  ARG A CZ    1 
ATOM   178  N NH1   . ARG A 1 23  ? 6.117   -5.393  4.657   1.00 14.55 ? 23  ARG A NH1   1 
ATOM   179  N NH2   . ARG A 1 23  ? 6.026   -7.337  3.440   1.00 15.31 ? 23  ARG A NH2   1 
ATOM   180  N N     . TYR A 1 24  ? 2.062   -11.016 8.645   1.00 15.85 ? 24  TYR A N     1 
ATOM   181  C CA    . TYR A 1 24  ? 1.949   -12.467 8.575   1.00 17.83 ? 24  TYR A CA    1 
ATOM   182  C C     . TYR A 1 24  ? 0.492   -12.875 8.777   1.00 17.00 ? 24  TYR A C     1 
ATOM   183  O O     . TYR A 1 24  ? -0.055  -13.676 8.024   1.00 16.74 ? 24  TYR A O     1 
ATOM   184  C CB    . TYR A 1 24  ? 2.789   -13.146 9.658   1.00 18.75 ? 24  TYR A CB    1 
ATOM   185  C CG    . TYR A 1 24  ? 2.657   -14.656 9.623   1.00 18.61 ? 24  TYR A CG    1 
ATOM   186  C CD1   . TYR A 1 24  ? 3.418   -15.420 8.736   1.00 19.10 ? 24  TYR A CD1   1 
ATOM   187  C CD2   . TYR A 1 24  ? 1.724   -15.316 10.426  1.00 18.73 ? 24  TYR A CD2   1 
ATOM   188  C CE1   . TYR A 1 24  ? 3.252   -16.803 8.642   1.00 20.56 ? 24  TYR A CE1   1 
ATOM   189  C CE2   . TYR A 1 24  ? 1.546   -16.702 10.340  1.00 20.03 ? 24  TYR A CE2   1 
ATOM   190  C CZ    . TYR A 1 24  ? 2.315   -17.438 9.441   1.00 19.52 ? 24  TYR A CZ    1 
ATOM   191  O OH    . TYR A 1 24  ? 2.140   -18.797 9.320   1.00 17.22 ? 24  TYR A OH    1 
ATOM   192  N N     . ARG A 1 25  ? -0.131  -12.319 9.806   1.00 17.64 ? 25  ARG A N     1 
ATOM   193  C CA    . ARG A 1 25  ? -1.515  -12.647 10.111  1.00 20.22 ? 25  ARG A CA    1 
ATOM   194  C C     . ARG A 1 25  ? -2.496  -12.283 8.998   1.00 18.82 ? 25  ARG A C     1 
ATOM   195  O O     . ARG A 1 25  ? -3.446  -13.014 8.740   1.00 18.03 ? 25  ARG A O     1 
ATOM   196  C CB    . ARG A 1 25  ? -1.914  -11.982 11.430  1.00 22.11 ? 25  ARG A CB    1 
ATOM   197  C CG    . ARG A 1 25  ? -1.186  -12.598 12.630  1.00 27.08 ? 25  ARG A CG    1 
ATOM   198  C CD    . ARG A 1 25  ? -1.525  -11.899 13.934  1.00 29.86 ? 25  ARG A CD    1 
ATOM   199  N NE    . ARG A 1 25  ? -0.673  -10.740 14.174  1.00 33.38 ? 25  ARG A NE    1 
ATOM   200  C CZ    . ARG A 1 25  ? -1.104  -9.611  14.729  1.00 35.40 ? 25  ARG A CZ    1 
ATOM   201  N NH1   . ARG A 1 25  ? -2.375  -9.505  15.091  1.00 35.29 ? 25  ARG A NH1   1 
ATOM   202  N NH2   . ARG A 1 25  ? -0.272  -8.592  14.923  1.00 35.12 ? 25  ARG A NH2   1 
ATOM   203  N N     . VAL A 1 26  ? -2.257  -11.165 8.325   1.00 17.98 ? 26  VAL A N     1 
ATOM   204  C CA    . VAL A 1 26  ? -3.147  -10.737 7.252   1.00 16.78 ? 26  VAL A CA    1 
ATOM   205  C C     . VAL A 1 26  ? -2.898  -11.444 5.916   1.00 17.36 ? 26  VAL A C     1 
ATOM   206  O O     . VAL A 1 26  ? -3.793  -12.087 5.359   1.00 17.09 ? 26  VAL A O     1 
ATOM   207  C CB    . VAL A 1 26  ? -3.034  -9.217  7.004   1.00 16.49 ? 26  VAL A CB    1 
ATOM   208  C CG1   . VAL A 1 26  ? -3.879  -8.828  5.792   1.00 17.39 ? 26  VAL A CG1   1 
ATOM   209  C CG2   . VAL A 1 26  ? -3.493  -8.449  8.232   1.00 18.19 ? 26  VAL A CG2   1 
ATOM   210  N N     . PHE A 1 27  ? -1.676  -11.330 5.409   1.00 17.06 ? 27  PHE A N     1 
ATOM   211  C CA    . PHE A 1 27  ? -1.339  -11.907 4.121   1.00 17.50 ? 27  PHE A CA    1 
ATOM   212  C C     . PHE A 1 27  ? -1.121  -13.405 4.075   1.00 19.23 ? 27  PHE A C     1 
ATOM   213  O O     . PHE A 1 27  ? -1.369  -14.029 3.047   1.00 20.99 ? 27  PHE A O     1 
ATOM   214  C CB    . PHE A 1 27  ? -0.131  -11.161 3.554   1.00 17.78 ? 27  PHE A CB    1 
ATOM   215  C CG    . PHE A 1 27  ? -0.367  -9.688  3.437   1.00 17.14 ? 27  PHE A CG    1 
ATOM   216  C CD1   . PHE A 1 27  ? -1.146  -9.179  2.404   1.00 17.72 ? 27  PHE A CD1   1 
ATOM   217  C CD2   . PHE A 1 27  ? 0.098   -8.821  4.413   1.00 16.87 ? 27  PHE A CD2   1 
ATOM   218  C CE1   . PHE A 1 27  ? -1.460  -7.826  2.355   1.00 18.32 ? 27  PHE A CE1   1 
ATOM   219  C CE2   . PHE A 1 27  ? -0.216  -7.464  4.369   1.00 17.47 ? 27  PHE A CE2   1 
ATOM   220  C CZ    . PHE A 1 27  ? -0.995  -6.968  3.340   1.00 16.79 ? 27  PHE A CZ    1 
ATOM   221  N N     . VAL A 1 28  ? -0.670  -13.992 5.174   1.00 19.60 ? 28  VAL A N     1 
ATOM   222  C CA    . VAL A 1 28  ? -0.456  -15.429 5.186   1.00 21.16 ? 28  VAL A CA    1 
ATOM   223  C C     . VAL A 1 28  ? -1.628  -16.185 5.811   1.00 23.52 ? 28  VAL A C     1 
ATOM   224  O O     . VAL A 1 28  ? -2.160  -17.117 5.205   1.00 23.99 ? 28  VAL A O     1 
ATOM   225  C CB    . VAL A 1 28  ? 0.849   -15.788 5.917   1.00 21.19 ? 28  VAL A CB    1 
ATOM   226  C CG1   . VAL A 1 28  ? 0.998   -17.304 6.013   1.00 21.63 ? 28  VAL A CG1   1 
ATOM   227  C CG2   . VAL A 1 28  ? 2.027   -15.190 5.169   1.00 18.54 ? 28  VAL A CG2   1 
ATOM   228  N N     . GLU A 1 29  ? -2.052  -15.785 7.006   1.00 24.42 ? 29  GLU A N     1 
ATOM   229  C CA    . GLU A 1 29  ? -3.166  -16.479 7.651   1.00 26.70 ? 29  GLU A CA    1 
ATOM   230  C C     . GLU A 1 29  ? -4.528  -16.129 7.073   1.00 27.60 ? 29  GLU A C     1 
ATOM   231  O O     . GLU A 1 29  ? -5.329  -17.010 6.781   1.00 28.67 ? 29  GLU A O     1 
ATOM   232  C CB    . GLU A 1 29  ? -3.181  -16.196 9.149   1.00 26.93 ? 29  GLU A CB    1 
ATOM   233  C CG    . GLU A 1 29  ? -1.891  -16.555 9.833   1.00 27.61 ? 29  GLU A CG    1 
ATOM   234  C CD    . GLU A 1 29  ? -1.999  -16.542 11.333  1.00 28.87 ? 29  GLU A CD    1 
ATOM   235  O OE1   . GLU A 1 29  ? -2.836  -15.794 11.883  1.00 27.52 ? 29  GLU A OE1   1 
ATOM   236  O OE2   . GLU A 1 29  ? -1.222  -17.282 11.972  1.00 32.75 ? 29  GLU A OE2   1 
ATOM   237  N N     . GLN A 1 30  ? -4.792  -14.842 6.903   1.00 28.11 ? 30  GLN A N     1 
ATOM   238  C CA    . GLN A 1 30  ? -6.079  -14.420 6.375   1.00 29.14 ? 30  GLN A CA    1 
ATOM   239  C C     . GLN A 1 30  ? -6.265  -14.692 4.892   1.00 28.91 ? 30  GLN A C     1 
ATOM   240  O O     . GLN A 1 30  ? -7.243  -15.325 4.485   1.00 29.15 ? 30  GLN A O     1 
ATOM   241  C CB    . GLN A 1 30  ? -6.286  -12.932 6.620   1.00 31.13 ? 30  GLN A CB    1 
ATOM   242  C CG    . GLN A 1 30  ? -7.635  -12.622 7.206   1.00 36.26 ? 30  GLN A CG    1 
ATOM   243  C CD    . GLN A 1 30  ? -7.686  -12.963 8.675   1.00 39.37 ? 30  GLN A CD    1 
ATOM   244  O OE1   . GLN A 1 30  ? -7.084  -12.265 9.501   1.00 42.46 ? 30  GLN A OE1   1 
ATOM   245  N NE2   . GLN A 1 30  ? -8.389  -14.044 9.016   1.00 40.00 ? 30  GLN A NE2   1 
ATOM   246  N N     . LEU A 1 31  ? -5.326  -14.204 4.088   1.00 27.28 ? 31  LEU A N     1 
ATOM   247  C CA    . LEU A 1 31  ? -5.405  -14.353 2.645   1.00 27.39 ? 31  LEU A CA    1 
ATOM   248  C C     . LEU A 1 31  ? -4.750  -15.622 2.130   1.00 27.09 ? 31  LEU A C     1 
ATOM   249  O O     . LEU A 1 31  ? -4.948  -15.998 0.976   1.00 28.92 ? 31  LEU A O     1 
ATOM   250  C CB    . LEU A 1 31  ? -4.780  -13.126 1.975   1.00 26.91 ? 31  LEU A CB    1 
ATOM   251  C CG    . LEU A 1 31  ? -5.361  -11.788 2.446   1.00 28.29 ? 31  LEU A CG    1 
ATOM   252  C CD1   . LEU A 1 31  ? -4.608  -10.633 1.793   1.00 26.64 ? 31  LEU A CD1   1 
ATOM   253  C CD2   . LEU A 1 31  ? -6.841  -11.725 2.090   1.00 28.91 ? 31  LEU A CD2   1 
ATOM   254  N N     . GLY A 1 32  ? -3.973  -16.277 2.985   1.00 26.05 ? 32  GLY A N     1 
ATOM   255  C CA    . GLY A 1 32  ? -3.311  -17.510 2.597   1.00 26.69 ? 32  GLY A CA    1 
ATOM   256  C C     . GLY A 1 32  ? -2.336  -17.418 1.434   1.00 27.06 ? 32  GLY A C     1 
ATOM   257  O O     . GLY A 1 32  ? -2.342  -18.287 0.556   1.00 27.10 ? 32  GLY A O     1 
ATOM   258  N N     . TRP A 1 33  ? -1.485  -16.395 1.426   1.00 26.43 ? 33  TRP A N     1 
ATOM   259  C CA    . TRP A 1 33  ? -0.517  -16.235 0.341   1.00 27.22 ? 33  TRP A CA    1 
ATOM   260  C C     . TRP A 1 33  ? 0.640   -17.226 0.425   1.00 28.17 ? 33  TRP A C     1 
ATOM   261  O O     . TRP A 1 33  ? 1.332   -17.462 -0.564  1.00 28.61 ? 33  TRP A O     1 
ATOM   262  C CB    . TRP A 1 33  ? 0.037   -14.805 0.320   1.00 25.56 ? 33  TRP A CB    1 
ATOM   263  C CG    . TRP A 1 33  ? -0.934  -13.772 -0.186  1.00 25.32 ? 33  TRP A CG    1 
ATOM   264  C CD1   . TRP A 1 33  ? -2.230  -13.976 -0.543  1.00 24.85 ? 33  TRP A CD1   1 
ATOM   265  C CD2   . TRP A 1 33  ? -0.681  -12.370 -0.374  1.00 25.93 ? 33  TRP A CD2   1 
ATOM   266  N NE1   . TRP A 1 33  ? -2.807  -12.790 -0.940  1.00 26.04 ? 33  TRP A NE1   1 
ATOM   267  C CE2   . TRP A 1 33  ? -1.878  -11.789 -0.847  1.00 25.55 ? 33  TRP A CE2   1 
ATOM   268  C CE3   . TRP A 1 33  ? 0.442   -11.549 -0.188  1.00 26.68 ? 33  TRP A CE3   1 
ATOM   269  C CZ2   . TRP A 1 33  ? -1.988  -10.420 -1.138  1.00 25.26 ? 33  TRP A CZ2   1 
ATOM   270  C CZ3   . TRP A 1 33  ? 0.330   -10.182 -0.478  1.00 26.07 ? 33  TRP A CZ3   1 
ATOM   271  C CH2   . TRP A 1 33  ? -0.877  -9.638  -0.947  1.00 25.10 ? 33  TRP A CH2   1 
ATOM   272  N N     . GLN A 1 34  ? 0.854   -17.798 1.607   1.00 29.01 ? 34  GLN A N     1 
ATOM   273  C CA    . GLN A 1 34  ? 1.933   -18.762 1.813   1.00 30.09 ? 34  GLN A CA    1 
ATOM   274  C C     . GLN A 1 34  ? 1.471   -19.856 2.777   1.00 29.79 ? 34  GLN A C     1 
ATOM   275  O O     . GLN A 1 34  ? 0.430   -19.725 3.425   1.00 28.01 ? 34  GLN A O     1 
ATOM   276  C CB    . GLN A 1 34  ? 3.173   -18.056 2.384   1.00 31.36 ? 34  GLN A CB    1 
ATOM   277  C CG    . GLN A 1 34  ? 3.722   -16.945 1.483   1.00 34.91 ? 34  GLN A CG    1 
ATOM   278  C CD    . GLN A 1 34  ? 4.753   -16.061 2.171   1.00 37.47 ? 34  GLN A CD    1 
ATOM   279  O OE1   . GLN A 1 34  ? 5.209   -15.054 1.606   1.00 39.25 ? 34  GLN A OE1   1 
ATOM   280  N NE2   . GLN A 1 34  ? 5.128   -16.425 3.394   1.00 36.73 ? 34  GLN A NE2   1 
ATOM   281  N N     . LEU A 1 35  ? 2.237   -20.941 2.858   1.00 29.68 ? 35  LEU A N     1 
ATOM   282  C CA    . LEU A 1 35  ? 1.898   -22.032 3.771   1.00 30.39 ? 35  LEU A CA    1 
ATOM   283  C C     . LEU A 1 35  ? 2.257   -21.595 5.185   1.00 29.50 ? 35  LEU A C     1 
ATOM   284  O O     . LEU A 1 35  ? 3.081   -20.698 5.369   1.00 29.75 ? 35  LEU A O     1 
ATOM   285  C CB    . LEU A 1 35  ? 2.676   -23.306 3.413   1.00 30.44 ? 35  LEU A CB    1 
ATOM   286  C CG    . LEU A 1 35  ? 2.344   -24.020 2.098   1.00 30.80 ? 35  LEU A CG    1 
ATOM   287  C CD1   . LEU A 1 35  ? 3.174   -25.292 2.009   1.00 32.35 ? 35  LEU A CD1   1 
ATOM   288  C CD2   . LEU A 1 35  ? 0.860   -24.360 2.036   1.00 31.65 ? 35  LEU A CD2   1 
ATOM   289  N N     . PRO A 1 36  ? 1.655   -22.225 6.206   1.00 28.50 ? 36  PRO A N     1 
ATOM   290  C CA    . PRO A 1 36  ? 1.966   -21.835 7.582   1.00 27.33 ? 36  PRO A CA    1 
ATOM   291  C C     . PRO A 1 36  ? 3.470   -21.874 7.791   1.00 27.59 ? 36  PRO A C     1 
ATOM   292  O O     . PRO A 1 36  ? 4.157   -22.670 7.159   1.00 27.85 ? 36  PRO A O     1 
ATOM   293  C CB    . PRO A 1 36  ? 1.243   -22.895 8.416   1.00 26.80 ? 36  PRO A CB    1 
ATOM   294  C CG    . PRO A 1 36  ? 0.098   -23.305 7.530   1.00 26.93 ? 36  PRO A CG    1 
ATOM   295  C CD    . PRO A 1 36  ? 0.752   -23.388 6.179   1.00 27.77 ? 36  PRO A CD    1 
ATOM   296  N N     . SER A 1 37  ? 3.980   -21.013 8.663   1.00 27.46 ? 37  SER A N     1 
ATOM   297  C CA    . SER A 1 37  ? 5.410   -20.984 8.949   1.00 27.85 ? 37  SER A CA    1 
ATOM   298  C C     . SER A 1 37  ? 5.640   -21.517 10.362  1.00 27.68 ? 37  SER A C     1 
ATOM   299  O O     . SER A 1 37  ? 4.702   -21.928 11.047  1.00 26.91 ? 37  SER A O     1 
ATOM   300  C CB    . SER A 1 37  ? 5.958   -19.554 8.867   1.00 27.30 ? 37  SER A CB    1 
ATOM   301  O OG    . SER A 1 37  ? 5.523   -18.775 9.975   1.00 26.25 ? 37  SER A OG    1 
ATOM   302  N N     . GLU A 1 38  ? 6.894   -21.506 10.792  1.00 27.84 ? 38  GLU A N     1 
ATOM   303  C CA    . GLU A 1 38  ? 7.240   -21.966 12.128  1.00 28.52 ? 38  GLU A CA    1 
ATOM   304  C C     . GLU A 1 38  ? 7.951   -20.816 12.828  1.00 29.17 ? 38  GLU A C     1 
ATOM   305  O O     . GLU A 1 38  ? 8.368   -19.854 12.179  1.00 28.19 ? 38  GLU A O     1 
ATOM   306  C CB    . GLU A 1 38  ? 8.175   -23.178 12.053  1.00 29.00 ? 38  GLU A CB    1 
ATOM   307  C CG    . GLU A 1 38  ? 7.606   -24.379 11.296  1.00 29.99 ? 38  GLU A CG    1 
ATOM   308  C CD    . GLU A 1 38  ? 8.530   -25.582 11.342  1.00 31.41 ? 38  GLU A CD    1 
ATOM   309  O OE1   . GLU A 1 38  ? 9.592   -25.556 10.682  1.00 33.40 ? 38  GLU A OE1   1 
ATOM   310  O OE2   . GLU A 1 38  ? 8.205   -26.557 12.048  1.00 29.91 ? 38  GLU A OE2   1 
ATOM   311  N N     . ASP A 1 39  ? 8.078   -20.909 14.147  1.00 29.48 ? 39  ASP A N     1 
ATOM   312  C CA    . ASP A 1 39  ? 8.767   -19.885 14.920  1.00 29.80 ? 39  ASP A CA    1 
ATOM   313  C C     . ASP A 1 39  ? 8.057   -18.536 14.891  1.00 30.10 ? 39  ASP A C     1 
ATOM   314  O O     . ASP A 1 39  ? 6.828   -18.479 14.987  1.00 30.56 ? 39  ASP A O     1 
ATOM   315  C CB    . ASP A 1 39  ? 10.200  -19.748 14.403  1.00 31.19 ? 39  ASP A CB    1 
ATOM   316  C CG    . ASP A 1 39  ? 10.940  -21.069 14.410  1.00 31.92 ? 39  ASP A CG    1 
ATOM   317  O OD1   . ASP A 1 39  ? 11.453  -21.486 13.348  1.00 34.45 ? 39  ASP A OD1   1 
ATOM   318  O OD2   . ASP A 1 39  ? 11.003  -21.696 15.484  1.00 32.30 ? 39  ASP A OD2   1 
ATOM   319  N N     . GLU A 1 40  ? 8.821   -17.453 14.765  1.00 29.51 ? 40  GLU A N     1 
ATOM   320  C CA    . GLU A 1 40  ? 8.234   -16.111 14.753  1.00 29.73 ? 40  GLU A CA    1 
ATOM   321  C C     . GLU A 1 40  ? 7.369   -15.848 13.523  1.00 27.86 ? 40  GLU A C     1 
ATOM   322  O O     . GLU A 1 40  ? 7.706   -16.252 12.405  1.00 26.53 ? 40  GLU A O     1 
ATOM   323  C CB    . GLU A 1 40  ? 9.324   -15.028 14.818  1.00 31.33 ? 40  GLU A CB    1 
ATOM   324  C CG    . GLU A 1 40  ? 10.190  -15.034 16.069  1.00 35.40 ? 40  GLU A CG    1 
ATOM   325  C CD    . GLU A 1 40  ? 11.291  -16.081 16.030  1.00 38.88 ? 40  GLU A CD    1 
ATOM   326  O OE1   . GLU A 1 40  ? 12.107  -16.118 16.975  1.00 41.46 ? 40  GLU A OE1   1 
ATOM   327  O OE2   . GLU A 1 40  ? 11.349  -16.870 15.059  1.00 40.06 ? 40  GLU A OE2   1 
ATOM   328  N N     . LYS A 1 41  ? 6.248   -15.167 13.737  1.00 25.59 ? 41  LYS A N     1 
ATOM   329  C CA    . LYS A 1 41  ? 5.354   -14.827 12.640  1.00 24.46 ? 41  LYS A CA    1 
ATOM   330  C C     . LYS A 1 41  ? 5.986   -13.652 11.903  1.00 22.40 ? 41  LYS A C     1 
ATOM   331  O O     . LYS A 1 41  ? 6.120   -12.563 12.457  1.00 21.14 ? 41  LYS A O     1 
ATOM   332  C CB    . LYS A 1 41  ? 3.977   -14.429 13.169  1.00 24.11 ? 41  LYS A CB    1 
ATOM   333  C CG    . LYS A 1 41  ? 3.240   -15.552 13.870  1.00 24.42 ? 41  LYS A CG    1 
ATOM   334  C CD    . LYS A 1 41  ? 1.886   -15.073 14.370  1.00 27.38 ? 41  LYS A CD    1 
ATOM   335  C CE    . LYS A 1 41  ? 1.121   -16.201 15.025  1.00 26.10 ? 41  LYS A CE    1 
ATOM   336  N NZ    . LYS A 1 41  ? -0.185  -15.728 15.559  1.00 27.38 ? 41  LYS A NZ    1 
ATOM   337  N N     . MET A 1 42  ? 6.386   -13.880 10.660  1.00 21.28 ? 42  MET A N     1 
ATOM   338  C CA    . MET A 1 42  ? 7.018   -12.828 9.876   1.00 21.83 ? 42  MET A CA    1 
ATOM   339  C C     . MET A 1 42  ? 6.709   -12.954 8.399   1.00 22.05 ? 42  MET A C     1 
ATOM   340  O O     . MET A 1 42  ? 6.885   -14.018 7.809   1.00 24.13 ? 42  MET A O     1 
ATOM   341  C CB    . MET A 1 42  ? 8.534   -12.874 10.082  1.00 23.40 ? 42  MET A CB    1 
ATOM   342  C CG    . MET A 1 42  ? 9.341   -11.985 9.141   1.00 26.27 ? 42  MET A CG    1 
ATOM   343  S SD    . MET A 1 42  ? 8.972   -10.223 9.331   1.00 26.37 ? 42  MET A SD    1 
ATOM   344  C CE    . MET A 1 42  ? 9.745   -9.876  10.929  1.00 27.07 ? 42  MET A CE    1 
ATOM   345  N N     . GLU A 1 43  ? 6.232   -11.869 7.807   1.00 20.79 ? 43  GLU A N     1 
ATOM   346  C CA    . GLU A 1 43  ? 5.938   -11.858 6.382   1.00 20.26 ? 43  GLU A CA    1 
ATOM   347  C C     . GLU A 1 43  ? 6.690   -10.679 5.783   1.00 20.68 ? 43  GLU A C     1 
ATOM   348  O O     . GLU A 1 43  ? 6.361   -9.532  6.057   1.00 20.20 ? 43  GLU A O     1 
ATOM   349  C CB    . GLU A 1 43  ? 4.433   -11.700 6.131   1.00 19.25 ? 43  GLU A CB    1 
ATOM   350  C CG    . GLU A 1 43  ? 4.017   -11.760 4.658   1.00 19.20 ? 43  GLU A CG    1 
ATOM   351  C CD    . GLU A 1 43  ? 4.431   -10.526 3.854   1.00 21.26 ? 43  GLU A CD    1 
ATOM   352  O OE1   . GLU A 1 43  ? 3.843   -9.445  4.060   1.00 18.75 ? 43  GLU A OE1   1 
ATOM   353  O OE2   . GLU A 1 43  ? 5.348   -10.638 3.015   1.00 22.53 ? 43  GLU A OE2   1 
ATOM   354  N N     . ARG A 1 44  ? 7.724   -10.969 5.000   1.00 21.15 ? 44  ARG A N     1 
ATOM   355  C CA    . ARG A 1 44  ? 8.497   -9.922  4.339   1.00 22.61 ? 44  ARG A CA    1 
ATOM   356  C C     . ARG A 1 44  ? 9.092   -10.471 3.048   1.00 20.01 ? 44  ARG A C     1 
ATOM   357  O O     . ARG A 1 44  ? 9.296   -11.679 2.917   1.00 18.42 ? 44  ARG A O     1 
ATOM   358  C CB    . ARG A 1 44  ? 9.615   -9.399  5.249   1.00 25.87 ? 44  ARG A CB    1 
ATOM   359  C CG    . ARG A 1 44  ? 10.845  -10.287 5.345   1.00 28.38 ? 44  ARG A CG    1 
ATOM   360  C CD    . ARG A 1 44  ? 12.020  -9.515  5.948   1.00 32.97 ? 44  ARG A CD    1 
ATOM   361  N NE    . ARG A 1 44  ? 11.699  -8.989  7.271   1.00 37.80 ? 44  ARG A NE    1 
ATOM   362  C CZ    . ARG A 1 44  ? 12.578  -8.426  8.098   1.00 40.62 ? 44  ARG A CZ    1 
ATOM   363  N NH1   . ARG A 1 44  ? 13.854  -8.303  7.743   1.00 42.12 ? 44  ARG A NH1   1 
ATOM   364  N NH2   . ARG A 1 44  ? 12.181  -7.989  9.291   1.00 40.29 ? 44  ARG A NH2   1 
ATOM   365  N N     . ASP A 1 45  ? 9.342   -9.585  2.089   1.00 19.00 ? 45  ASP A N     1 
ATOM   366  C CA    . ASP A 1 45  ? 9.926   -9.983  0.811   1.00 18.99 ? 45  ASP A CA    1 
ATOM   367  C C     . ASP A 1 45  ? 11.119  -9.092  0.453   1.00 18.00 ? 45  ASP A C     1 
ATOM   368  O O     . ASP A 1 45  ? 11.613  -8.341  1.291   1.00 16.79 ? 45  ASP A O     1 
ATOM   369  C CB    . ASP A 1 45  ? 8.876   -9.926  -0.308  1.00 18.86 ? 45  ASP A CB    1 
ATOM   370  C CG    . ASP A 1 45  ? 8.301   -8.537  -0.505  1.00 17.94 ? 45  ASP A CG    1 
ATOM   371  O OD1   . ASP A 1 45  ? 8.921   -7.558  -0.051  1.00 17.54 ? 45  ASP A OD1   1 
ATOM   372  O OD2   . ASP A 1 45  ? 7.230   -8.429  -1.137  1.00 19.50 ? 45  ASP A OD2   1 
ATOM   373  N N     . GLN A 1 46  ? 11.571  -9.173  -0.795  1.00 18.09 ? 46  GLN A N     1 
ATOM   374  C CA    . GLN A 1 46  ? 12.719  -8.390  -1.246  1.00 17.65 ? 46  GLN A CA    1 
ATOM   375  C C     . GLN A 1 46  ? 12.454  -6.889  -1.328  1.00 18.02 ? 46  GLN A C     1 
ATOM   376  O O     . GLN A 1 46  ? 13.384  -6.103  -1.516  1.00 18.25 ? 46  GLN A O     1 
ATOM   377  C CB    . GLN A 1 46  ? 13.196  -8.876  -2.617  1.00 18.96 ? 46  GLN A CB    1 
ATOM   378  C CG    . GLN A 1 46  ? 12.243  -8.564  -3.768  1.00 20.30 ? 46  GLN A CG    1 
ATOM   379  C CD    . GLN A 1 46  ? 11.316  -9.718  -4.092  1.00 22.88 ? 46  GLN A CD    1 
ATOM   380  O OE1   . GLN A 1 46  ? 10.611  -10.221 -3.224  1.00 23.02 ? 46  GLN A OE1   1 
ATOM   381  N NE2   . GLN A 1 46  ? 11.312  -10.144 -5.357  1.00 21.28 ? 46  GLN A NE2   1 
ATOM   382  N N     . TYR A 1 47  ? 11.195  -6.490  -1.188  1.00 17.16 ? 47  TYR A N     1 
ATOM   383  C CA    . TYR A 1 47  ? 10.852  -5.076  -1.268  1.00 17.37 ? 47  TYR A CA    1 
ATOM   384  C C     . TYR A 1 47  ? 10.846  -4.359  0.078   1.00 18.90 ? 47  TYR A C     1 
ATOM   385  O O     . TYR A 1 47  ? 10.562  -3.165  0.155   1.00 17.92 ? 47  TYR A O     1 
ATOM   386  C CB    . TYR A 1 47  ? 9.519   -4.928  -1.990  1.00 17.66 ? 47  TYR A CB    1 
ATOM   387  C CG    . TYR A 1 47  ? 9.619   -5.511  -3.376  1.00 15.87 ? 47  TYR A CG    1 
ATOM   388  C CD1   . TYR A 1 47  ? 10.425  -4.908  -4.338  1.00 17.83 ? 47  TYR A CD1   1 
ATOM   389  C CD2   . TYR A 1 47  ? 9.009   -6.720  -3.691  1.00 15.54 ? 47  TYR A CD2   1 
ATOM   390  C CE1   . TYR A 1 47  ? 10.633  -5.504  -5.577  1.00 18.66 ? 47  TYR A CE1   1 
ATOM   391  C CE2   . TYR A 1 47  ? 9.210   -7.324  -4.924  1.00 17.42 ? 47  TYR A CE2   1 
ATOM   392  C CZ    . TYR A 1 47  ? 10.029  -6.712  -5.861  1.00 17.05 ? 47  TYR A CZ    1 
ATOM   393  O OH    . TYR A 1 47  ? 10.291  -7.327  -7.060  1.00 17.49 ? 47  TYR A OH    1 
ATOM   394  N N     . ASP A 1 48  ? 11.175  -5.097  1.133   1.00 17.63 ? 48  ASP A N     1 
ATOM   395  C CA    . ASP A 1 48  ? 11.255  -4.520  2.467   1.00 18.57 ? 48  ASP A CA    1 
ATOM   396  C C     . ASP A 1 48  ? 12.729  -4.182  2.670   1.00 18.36 ? 48  ASP A C     1 
ATOM   397  O O     . ASP A 1 48  ? 13.527  -5.045  3.016   1.00 17.26 ? 48  ASP A O     1 
ATOM   398  C CB    . ASP A 1 48  ? 10.767  -5.531  3.503   1.00 16.86 ? 48  ASP A CB    1 
ATOM   399  C CG    . ASP A 1 48  ? 9.274   -5.766  3.412   1.00 16.67 ? 48  ASP A CG    1 
ATOM   400  O OD1   . ASP A 1 48  ? 8.521   -4.784  3.551   1.00 16.64 ? 48  ASP A OD1   1 
ATOM   401  O OD2   . ASP A 1 48  ? 8.856   -6.920  3.194   1.00 16.60 ? 48  ASP A OD2   1 
ATOM   402  N N     . ARG A 1 49  ? 13.078  -2.921  2.428   1.00 18.57 ? 49  ARG A N     1 
ATOM   403  C CA    . ARG A 1 49  ? 14.459  -2.452  2.524   1.00 19.13 ? 49  ARG A CA    1 
ATOM   404  C C     . ARG A 1 49  ? 14.588  -1.272  3.479   1.00 18.98 ? 49  ARG A C     1 
ATOM   405  O O     . ARG A 1 49  ? 13.591  -0.742  3.964   1.00 18.32 ? 49  ARG A O     1 
ATOM   406  C CB    . ARG A 1 49  ? 14.952  -2.020  1.139   1.00 17.57 ? 49  ARG A CB    1 
ATOM   407  C CG    . ARG A 1 49  ? 14.591  -2.981  0.012   1.00 17.44 ? 49  ARG A CG    1 
ATOM   408  C CD    . ARG A 1 49  ? 15.093  -2.482  -1.349  1.00 18.33 ? 49  ARG A CD    1 
ATOM   409  N NE    . ARG A 1 49  ? 14.585  -1.149  -1.681  1.00 17.04 ? 49  ARG A NE    1 
ATOM   410  C CZ    . ARG A 1 49  ? 13.771  -0.877  -2.698  1.00 17.91 ? 49  ARG A CZ    1 
ATOM   411  N NH1   . ARG A 1 49  ? 13.356  -1.848  -3.505  1.00 16.27 ? 49  ARG A NH1   1 
ATOM   412  N NH2   . ARG A 1 49  ? 13.373  0.372   -2.910  1.00 15.97 ? 49  ARG A NH2   1 
ATOM   413  N N     . ASP A 1 50  ? 15.820  -0.846  3.733   1.00 18.43 ? 50  ASP A N     1 
ATOM   414  C CA    . ASP A 1 50  ? 16.044  0.276   4.632   1.00 19.37 ? 50  ASP A CA    1 
ATOM   415  C C     . ASP A 1 50  ? 15.328  1.525   4.137   1.00 19.33 ? 50  ASP A C     1 
ATOM   416  O O     . ASP A 1 50  ? 14.867  2.335   4.942   1.00 18.72 ? 50  ASP A O     1 
ATOM   417  C CB    . ASP A 1 50  ? 17.536  0.598   4.761   1.00 20.34 ? 50  ASP A CB    1 
ATOM   418  C CG    . ASP A 1 50  ? 18.314  -0.471  5.506   1.00 22.33 ? 50  ASP A CG    1 
ATOM   419  O OD1   . ASP A 1 50  ? 17.701  -1.330  6.180   1.00 21.77 ? 50  ASP A OD1   1 
ATOM   420  O OD2   . ASP A 1 50  ? 19.560  -0.440  5.425   1.00 23.50 ? 50  ASP A OD2   1 
ATOM   421  N N     . ASP A 1 51  ? 15.234  1.676   2.816   1.00 19.11 ? 51  ASP A N     1 
ATOM   422  C CA    . ASP A 1 51  ? 14.600  2.854   2.226   1.00 19.41 ? 51  ASP A CA    1 
ATOM   423  C C     . ASP A 1 51  ? 13.081  2.757   2.053   1.00 17.65 ? 51  ASP A C     1 
ATOM   424  O O     . ASP A 1 51  ? 12.431  3.732   1.672   1.00 16.38 ? 51  ASP A O     1 
ATOM   425  C CB    . ASP A 1 51  ? 15.264  3.183   0.880   1.00 19.76 ? 51  ASP A CB    1 
ATOM   426  C CG    . ASP A 1 51  ? 14.968  2.156   -0.192  1.00 21.99 ? 51  ASP A CG    1 
ATOM   427  O OD1   . ASP A 1 51  ? 14.228  2.493   -1.141  1.00 22.82 ? 51  ASP A OD1   1 
ATOM   428  O OD2   . ASP A 1 51  ? 15.464  1.013   -0.091  1.00 19.43 ? 51  ASP A OD2   1 
ATOM   429  N N     . THR A 1 52  ? 12.517  1.589   2.347   1.00 16.60 ? 52  THR A N     1 
ATOM   430  C CA    . THR A 1 52  ? 11.079  1.391   2.213   1.00 14.40 ? 52  THR A CA    1 
ATOM   431  C C     . THR A 1 52  ? 10.332  2.279   3.199   1.00 14.77 ? 52  THR A C     1 
ATOM   432  O O     . THR A 1 52  ? 10.784  2.479   4.322   1.00 13.38 ? 52  THR A O     1 
ATOM   433  C CB    . THR A 1 52  ? 10.695  -0.078  2.481   1.00 13.65 ? 52  THR A CB    1 
ATOM   434  O OG1   . THR A 1 52  ? 11.406  -0.927  1.572   1.00 14.58 ? 52  THR A OG1   1 
ATOM   435  C CG2   . THR A 1 52  ? 9.202   -0.285  2.291   1.00 10.94 ? 52  THR A CG2   1 
ATOM   436  N N     . VAL A 1 53  ? 9.198   2.825   2.769   1.00 13.77 ? 53  VAL A N     1 
ATOM   437  C CA    . VAL A 1 53  ? 8.389   3.681   3.634   1.00 14.19 ? 53  VAL A CA    1 
ATOM   438  C C     . VAL A 1 53  ? 7.193   2.864   4.105   1.00 14.99 ? 53  VAL A C     1 
ATOM   439  O O     . VAL A 1 53  ? 6.593   2.134   3.316   1.00 13.52 ? 53  VAL A O     1 
ATOM   440  C CB    . VAL A 1 53  ? 7.891   4.941   2.878   1.00 16.62 ? 53  VAL A CB    1 
ATOM   441  C CG1   . VAL A 1 53  ? 6.957   5.758   3.762   1.00 16.24 ? 53  VAL A CG1   1 
ATOM   442  C CG2   . VAL A 1 53  ? 9.086   5.786   2.458   1.00 16.06 ? 53  VAL A CG2   1 
ATOM   443  N N     . TYR A 1 54  ? 6.859   2.975   5.389   1.00 14.31 ? 54  TYR A N     1 
ATOM   444  C CA    . TYR A 1 54  ? 5.736   2.218   5.944   1.00 15.37 ? 54  TYR A CA    1 
ATOM   445  C C     . TYR A 1 54  ? 4.714   3.066   6.687   1.00 16.27 ? 54  TYR A C     1 
ATOM   446  O O     . TYR A 1 54  ? 5.047   4.060   7.336   1.00 17.37 ? 54  TYR A O     1 
ATOM   447  C CB    . TYR A 1 54  ? 6.232   1.150   6.921   1.00 14.19 ? 54  TYR A CB    1 
ATOM   448  C CG    . TYR A 1 54  ? 7.133   0.101   6.326   1.00 14.00 ? 54  TYR A CG    1 
ATOM   449  C CD1   . TYR A 1 54  ? 6.618   -0.934  5.547   1.00 14.11 ? 54  TYR A CD1   1 
ATOM   450  C CD2   . TYR A 1 54  ? 8.507   0.143   6.548   1.00 13.46 ? 54  TYR A CD2   1 
ATOM   451  C CE1   . TYR A 1 54  ? 7.452   -1.907  5.003   1.00 15.17 ? 54  TYR A CE1   1 
ATOM   452  C CE2   . TYR A 1 54  ? 9.352   -0.820  6.012   1.00 14.66 ? 54  TYR A CE2   1 
ATOM   453  C CZ    . TYR A 1 54  ? 8.823   -1.840  5.242   1.00 15.36 ? 54  TYR A CZ    1 
ATOM   454  O OH    . TYR A 1 54  ? 9.668   -2.787  4.720   1.00 15.95 ? 54  TYR A OH    1 
ATOM   455  N N     . VAL A 1 55  ? 3.461   2.642   6.596   1.00 16.12 ? 55  VAL A N     1 
ATOM   456  C CA    . VAL A 1 55  ? 2.375   3.304   7.287   1.00 15.25 ? 55  VAL A CA    1 
ATOM   457  C C     . VAL A 1 55  ? 1.755   2.242   8.186   1.00 16.04 ? 55  VAL A C     1 
ATOM   458  O O     . VAL A 1 55  ? 1.455   1.144   7.725   1.00 15.77 ? 55  VAL A O     1 
ATOM   459  C CB    . VAL A 1 55  ? 1.287   3.811   6.311   1.00 17.50 ? 55  VAL A CB    1 
ATOM   460  C CG1   . VAL A 1 55  ? 0.152   4.479   7.098   1.00 15.19 ? 55  VAL A CG1   1 
ATOM   461  C CG2   . VAL A 1 55  ? 1.888   4.779   5.303   1.00 16.16 ? 55  VAL A CG2   1 
ATOM   462  N N     . LEU A 1 56  ? 1.594   2.552   9.468   1.00 15.70 ? 56  LEU A N     1 
ATOM   463  C CA    . LEU A 1 56  ? 0.973   1.614   10.401  1.00 15.95 ? 56  LEU A CA    1 
ATOM   464  C C     . LEU A 1 56  ? -0.213  2.303   11.060  1.00 15.88 ? 56  LEU A C     1 
ATOM   465  O O     . LEU A 1 56  ? -0.129  3.469   11.433  1.00 14.99 ? 56  LEU A O     1 
ATOM   466  C CB    . LEU A 1 56  ? 1.946   1.174   11.507  1.00 18.24 ? 56  LEU A CB    1 
ATOM   467  C CG    . LEU A 1 56  ? 3.296   0.531   11.180  1.00 20.34 ? 56  LEU A CG    1 
ATOM   468  C CD1   . LEU A 1 56  ? 3.803   -0.194  12.418  1.00 20.32 ? 56  LEU A CD1   1 
ATOM   469  C CD2   . LEU A 1 56  ? 3.157   -0.445  10.039  1.00 23.23 ? 56  LEU A CD2   1 
ATOM   470  N N     . GLY A 1 57  ? -1.319  1.585   11.184  1.00 16.74 ? 57  GLY A N     1 
ATOM   471  C CA    . GLY A 1 57  ? -2.483  2.145   11.842  1.00 16.43 ? 57  GLY A CA    1 
ATOM   472  C C     . GLY A 1 57  ? -2.573  1.429   13.172  1.00 15.40 ? 57  GLY A C     1 
ATOM   473  O O     . GLY A 1 57  ? -2.343  0.226   13.220  1.00 16.84 ? 57  GLY A O     1 
ATOM   474  N N     . ARG A 1 58  ? -2.880  2.148   14.245  1.00 16.28 ? 58  ARG A N     1 
ATOM   475  C CA    . ARG A 1 58  ? -2.987  1.531   15.573  1.00 16.17 ? 58  ARG A CA    1 
ATOM   476  C C     . ARG A 1 58  ? -4.332  1.855   16.219  1.00 16.89 ? 58  ARG A C     1 
ATOM   477  O O     . ARG A 1 58  ? -4.825  2.970   16.104  1.00 17.17 ? 58  ARG A O     1 
ATOM   478  C CB    . ARG A 1 58  ? -1.844  2.009   16.476  1.00 14.57 ? 58  ARG A CB    1 
ATOM   479  C CG    . ARG A 1 58  ? -0.458  1.529   16.031  1.00 14.24 ? 58  ARG A CG    1 
ATOM   480  C CD    . ARG A 1 58  ? 0.644   2.136   16.882  1.00 15.00 ? 58  ARG A CD    1 
ATOM   481  N NE    . ARG A 1 58  ? 1.985   1.700   16.493  1.00 15.03 ? 58  ARG A NE    1 
ATOM   482  C CZ    . ARG A 1 58  ? 2.535   0.540   16.842  1.00 15.62 ? 58  ARG A CZ    1 
ATOM   483  N NH1   . ARG A 1 58  ? 1.867   -0.328  17.596  1.00 16.12 ? 58  ARG A NH1   1 
ATOM   484  N NH2   . ARG A 1 58  ? 3.768   0.256   16.455  1.00 16.43 ? 58  ARG A NH2   1 
ATOM   485  N N     . ASP A 1 59  ? -4.917  0.877   16.906  1.00 19.64 ? 59  ASP A N     1 
ATOM   486  C CA    . ASP A 1 59  ? -6.215  1.067   17.547  1.00 21.04 ? 59  ASP A CA    1 
ATOM   487  C C     . ASP A 1 59  ? -6.101  1.735   18.909  1.00 21.80 ? 59  ASP A C     1 
ATOM   488  O O     . ASP A 1 59  ? -5.015  2.131   19.325  1.00 21.30 ? 59  ASP A O     1 
ATOM   489  C CB    . ASP A 1 59  ? -6.952  -0.277  17.670  1.00 21.51 ? 59  ASP A CB    1 
ATOM   490  C CG    . ASP A 1 59  ? -6.261  -1.259  18.610  1.00 22.57 ? 59  ASP A CG    1 
ATOM   491  O OD1   . ASP A 1 59  ? -6.593  -2.457  18.535  1.00 25.33 ? 59  ASP A OD1   1 
ATOM   492  O OD2   . ASP A 1 59  ? -5.406  -0.855  19.428  1.00 22.99 ? 59  ASP A OD2   1 
ATOM   493  N N     . ALA A 1 60  ? -7.228  1.853   19.602  1.00 22.99 ? 60  ALA A N     1 
ATOM   494  C CA    . ALA A 1 60  ? -7.253  2.488   20.915  1.00 24.87 ? 60  ALA A CA    1 
ATOM   495  C C     . ALA A 1 60  ? -6.285  1.854   21.906  1.00 24.56 ? 60  ALA A C     1 
ATOM   496  O O     . ALA A 1 60  ? -5.901  2.488   22.884  1.00 25.80 ? 60  ALA A O     1 
ATOM   497  C CB    . ALA A 1 60  ? -8.680  2.464   21.487  1.00 25.93 ? 60  ALA A CB    1 
ATOM   498  N N     . ASN A 1 61  ? -5.885  0.610   21.660  1.00 24.15 ? 61  ASN A N     1 
ATOM   499  C CA    . ASN A 1 61  ? -4.954  -0.065  22.559  1.00 24.27 ? 61  ASN A CA    1 
ATOM   500  C C     . ASN A 1 61  ? -3.521  -0.029  22.046  1.00 23.88 ? 61  ASN A C     1 
ATOM   501  O O     . ASN A 1 61  ? -2.650  -0.719  22.573  1.00 22.21 ? 61  ASN A O     1 
ATOM   502  C CB    . ASN A 1 61  ? -5.361  -1.521  22.775  1.00 26.47 ? 61  ASN A CB    1 
ATOM   503  C CG    . ASN A 1 61  ? -6.743  -1.657  23.376  1.00 28.56 ? 61  ASN A CG    1 
ATOM   504  O OD1   . ASN A 1 61  ? -7.104  -0.927  24.300  1.00 30.35 ? 61  ASN A OD1   1 
ATOM   505  N ND2   . ASN A 1 61  ? -7.518  -2.604  22.865  1.00 28.08 ? 61  ASN A ND2   1 
ATOM   506  N N     . GLY A 1 62  ? -3.282  0.775   21.014  1.00 23.51 ? 62  GLY A N     1 
ATOM   507  C CA    . GLY A 1 62  ? -1.949  0.882   20.453  1.00 22.33 ? 62  GLY A CA    1 
ATOM   508  C C     . GLY A 1 62  ? -1.516  -0.317  19.629  1.00 22.18 ? 62  GLY A C     1 
ATOM   509  O O     . GLY A 1 62  ? -0.341  -0.429  19.270  1.00 22.59 ? 62  GLY A O     1 
ATOM   510  N N     . GLU A 1 63  ? -2.450  -1.215  19.327  1.00 22.47 ? 63  GLU A N     1 
ATOM   511  C CA    . GLU A 1 63  ? -2.134  -2.402  18.534  1.00 22.72 ? 63  GLU A CA    1 
ATOM   512  C C     . GLU A 1 63  ? -2.333  -2.141  17.045  1.00 22.53 ? 63  GLU A C     1 
ATOM   513  O O     . GLU A 1 63  ? -3.276  -1.455  16.648  1.00 20.96 ? 63  GLU A O     1 
ATOM   514  C CB    . GLU A 1 63  ? -3.018  -3.579  18.937  1.00 24.94 ? 63  GLU A CB    1 
ATOM   515  C CG    . GLU A 1 63  ? -2.867  -4.019  20.364  1.00 30.38 ? 63  GLU A CG    1 
ATOM   516  C CD    . GLU A 1 63  ? -3.629  -5.294  20.631  1.00 33.40 ? 63  GLU A CD    1 
ATOM   517  O OE1   . GLU A 1 63  ? -4.860  -5.313  20.404  1.00 35.47 ? 63  GLU A OE1   1 
ATOM   518  O OE2   . GLU A 1 63  ? -3.000  -6.279  21.060  1.00 34.09 ? 63  GLU A OE2   1 
ATOM   519  N N     . ILE A 1 64  ? -1.460  -2.713  16.223  1.00 20.63 ? 64  ILE A N     1 
ATOM   520  C CA    . ILE A 1 64  ? -1.559  -2.514  14.786  1.00 20.78 ? 64  ILE A CA    1 
ATOM   521  C C     . ILE A 1 64  ? -2.867  -3.052  14.225  1.00 20.28 ? 64  ILE A C     1 
ATOM   522  O O     . ILE A 1 64  ? -3.250  -4.191  14.484  1.00 18.53 ? 64  ILE A O     1 
ATOM   523  C CB    . ILE A 1 64  ? -0.375  -3.168  14.048  1.00 19.93 ? 64  ILE A CB    1 
ATOM   524  C CG1   . ILE A 1 64  ? 0.933   -2.545  14.540  1.00 19.32 ? 64  ILE A CG1   1 
ATOM   525  C CG2   . ILE A 1 64  ? -0.524  -2.977  12.545  1.00 20.01 ? 64  ILE A CG2   1 
ATOM   526  C CD1   . ILE A 1 64  ? 2.158   -2.979  13.764  1.00 21.78 ? 64  ILE A CD1   1 
ATOM   527  N N     . CYS A 1 65  ? -3.560  -2.208  13.470  1.00 19.48 ? 65  CYS A N     1 
ATOM   528  C CA    . CYS A 1 65  ? -4.816  -2.595  12.851  1.00 19.85 ? 65  CYS A CA    1 
ATOM   529  C C     . CYS A 1 65  ? -4.819  -2.190  11.380  1.00 19.47 ? 65  CYS A C     1 
ATOM   530  O O     . CYS A 1 65  ? -5.863  -2.159  10.737  1.00 18.77 ? 65  CYS A O     1 
ATOM   531  C CB    . CYS A 1 65  ? -5.994  -1.945  13.584  1.00 19.73 ? 65  CYS A CB    1 
ATOM   532  S SG    . CYS A 1 65  ? -5.935  -0.138  13.665  1.00 21.33 ? 65  CYS A SG    1 
ATOM   533  N N     . GLY A 1 66  ? -3.640  -1.889  10.847  1.00 18.66 ? 66  GLY A N     1 
ATOM   534  C CA    . GLY A 1 66  ? -3.547  -1.499  9.455   1.00 16.96 ? 66  GLY A CA    1 
ATOM   535  C C     . GLY A 1 66  ? -2.112  -1.268  9.022   1.00 16.55 ? 66  GLY A C     1 
ATOM   536  O O     . GLY A 1 66  ? -1.270  -0.898  9.838   1.00 17.28 ? 66  GLY A O     1 
ATOM   537  N N     . CYS A 1 67  ? -1.825  -1.498  7.745   1.00 15.08 ? 67  CYS A N     1 
ATOM   538  C CA    . CYS A 1 67  ? -0.476  -1.293  7.237   1.00 15.87 ? 67  CYS A CA    1 
ATOM   539  C C     . CYS A 1 67  ? -0.462  -0.925  5.761   1.00 15.14 ? 67  CYS A C     1 
ATOM   540  O O     . CYS A 1 67  ? -1.454  -1.099  5.052   1.00 14.65 ? 67  CYS A O     1 
ATOM   541  C CB    . CYS A 1 67  ? 0.384   -2.546  7.453   1.00 13.89 ? 67  CYS A CB    1 
ATOM   542  S SG    . CYS A 1 67  ? -0.081  -4.013  6.482   1.00 17.69 ? 67  CYS A SG    1 
ATOM   543  N N     . ALA A 1 68  ? 0.673   -0.407  5.315   1.00 13.68 ? 68  ALA A N     1 
ATOM   544  C CA    . ALA A 1 68  ? 0.859   -0.033  3.925   1.00 15.05 ? 68  ALA A CA    1 
ATOM   545  C C     . ALA A 1 68  ? 2.349   0.113   3.667   1.00 15.17 ? 68  ALA A C     1 
ATOM   546  O O     . ALA A 1 68  ? 3.119   0.435   4.571   1.00 15.28 ? 68  ALA A O     1 
ATOM   547  C CB    . ALA A 1 68  ? 0.140   1.268   3.615   1.00 15.16 ? 68  ALA A CB    1 
ATOM   548  N N     . ARG A 1 69  ? 2.743   -0.145  2.430   1.00 15.05 ? 69  ARG A N     1 
ATOM   549  C CA    . ARG A 1 69  ? 4.137   -0.054  2.031   1.00 15.85 ? 69  ARG A CA    1 
ATOM   550  C C     . ARG A 1 69  ? 4.231   0.891   0.843   1.00 15.38 ? 69  ARG A C     1 
ATOM   551  O O     . ARG A 1 69  ? 3.439   0.792   -0.090  1.00 14.42 ? 69  ARG A O     1 
ATOM   552  C CB    . ARG A 1 69  ? 4.656   -1.445  1.644   1.00 14.65 ? 69  ARG A CB    1 
ATOM   553  C CG    . ARG A 1 69  ? 6.098   -1.468  1.202   1.00 16.25 ? 69  ARG A CG    1 
ATOM   554  C CD    . ARG A 1 69  ? 6.668   -2.876  1.229   1.00 14.90 ? 69  ARG A CD    1 
ATOM   555  N NE    . ARG A 1 69  ? 6.188   -3.709  0.131   1.00 13.64 ? 69  ARG A NE    1 
ATOM   556  C CZ    . ARG A 1 69  ? 6.546   -4.975  -0.047  1.00 14.02 ? 69  ARG A CZ    1 
ATOM   557  N NH1   . ARG A 1 69  ? 7.377   -5.550  0.809   1.00 13.49 ? 69  ARG A NH1   1 
ATOM   558  N NH2   . ARG A 1 69  ? 6.097   -5.655  -1.090  1.00 10.51 ? 69  ARG A NH2   1 
ATOM   559  N N     . LEU A 1 70  ? 5.188   1.811   0.894   1.00 14.64 ? 70  LEU A N     1 
ATOM   560  C CA    . LEU A 1 70  ? 5.391   2.772   -0.185  1.00 15.19 ? 70  LEU A CA    1 
ATOM   561  C C     . LEU A 1 70  ? 6.806   2.656   -0.737  1.00 15.42 ? 70  LEU A C     1 
ATOM   562  O O     . LEU A 1 70  ? 7.777   2.635   0.020   1.00 14.97 ? 70  LEU A O     1 
ATOM   563  C CB    . LEU A 1 70  ? 5.146   4.200   0.316   1.00 14.69 ? 70  LEU A CB    1 
ATOM   564  C CG    . LEU A 1 70  ? 3.679   4.565   0.579   1.00 15.13 ? 70  LEU A CG    1 
ATOM   565  C CD1   . LEU A 1 70  ? 3.593   5.910   1.273   1.00 15.54 ? 70  LEU A CD1   1 
ATOM   566  C CD2   . LEU A 1 70  ? 2.932   4.600   -0.736  1.00 15.25 ? 70  LEU A CD2   1 
ATOM   567  N N     . LEU A 1 71  ? 6.911   2.572   -2.060  1.00 15.46 ? 71  LEU A N     1 
ATOM   568  C CA    . LEU A 1 71  ? 8.200   2.462   -2.735  1.00 15.17 ? 71  LEU A CA    1 
ATOM   569  C C     . LEU A 1 71  ? 8.248   3.385   -3.939  1.00 14.75 ? 71  LEU A C     1 
ATOM   570  O O     . LEU A 1 71  ? 7.256   3.550   -4.634  1.00 14.45 ? 71  LEU A O     1 
ATOM   571  C CB    . LEU A 1 71  ? 8.432   1.029   -3.223  1.00 17.31 ? 71  LEU A CB    1 
ATOM   572  C CG    . LEU A 1 71  ? 8.617   -0.091  -2.201  1.00 18.03 ? 71  LEU A CG    1 
ATOM   573  C CD1   . LEU A 1 71  ? 8.556   -1.435  -2.923  1.00 18.47 ? 71  LEU A CD1   1 
ATOM   574  C CD2   . LEU A 1 71  ? 9.948   0.088   -1.474  1.00 18.16 ? 71  LEU A CD2   1 
ATOM   575  N N     . PRO A 1 72  ? 9.409   4.006   -4.199  1.00 14.80 ? 72  PRO A N     1 
ATOM   576  C CA    . PRO A 1 72  ? 9.518   4.898   -5.354  1.00 13.42 ? 72  PRO A CA    1 
ATOM   577  C C     . PRO A 1 72  ? 9.686   4.015   -6.588  1.00 13.79 ? 72  PRO A C     1 
ATOM   578  O O     . PRO A 1 72  ? 10.357  2.984   -6.522  1.00 13.76 ? 72  PRO A O     1 
ATOM   579  C CB    . PRO A 1 72  ? 10.775  5.706   -5.042  1.00 15.17 ? 72  PRO A CB    1 
ATOM   580  C CG    . PRO A 1 72  ? 11.640  4.703   -4.348  1.00 15.43 ? 72  PRO A CG    1 
ATOM   581  C CD    . PRO A 1 72  ? 10.660  3.993   -3.419  1.00 14.15 ? 72  PRO A CD    1 
ATOM   582  N N     . THR A 1 73  ? 9.086   4.396   -7.709  1.00 13.13 ? 73  THR A N     1 
ATOM   583  C CA    . THR A 1 73  ? 9.216   3.574   -8.907  1.00 12.97 ? 73  THR A CA    1 
ATOM   584  C C     . THR A 1 73  ? 10.596  3.671   -9.555  1.00 14.00 ? 73  THR A C     1 
ATOM   585  O O     . THR A 1 73  ? 10.920  2.885   -10.448 1.00 13.32 ? 73  THR A O     1 
ATOM   586  C CB    . THR A 1 73  ? 8.152   3.922   -9.954  1.00 13.69 ? 73  THR A CB    1 
ATOM   587  O OG1   . THR A 1 73  ? 8.180   5.328   -10.220 1.00 13.75 ? 73  THR A OG1   1 
ATOM   588  C CG2   . THR A 1 73  ? 6.769   3.502   -9.462  1.00 12.59 ? 73  THR A CG2   1 
ATOM   589  N N     . THR A 1 74  ? 11.409  4.627   -9.112  1.00 13.51 ? 74  THR A N     1 
ATOM   590  C CA    . THR A 1 74  ? 12.748  4.777   -9.663  1.00 16.23 ? 74  THR A CA    1 
ATOM   591  C C     . THR A 1 74  ? 13.656  3.674   -9.113  1.00 17.18 ? 74  THR A C     1 
ATOM   592  O O     . THR A 1 74  ? 14.813  3.549   -9.510  1.00 17.49 ? 74  THR A O     1 
ATOM   593  C CB    . THR A 1 74  ? 13.350  6.140   -9.318  1.00 15.85 ? 74  THR A CB    1 
ATOM   594  O OG1   . THR A 1 74  ? 13.343  6.316   -7.902  1.00 15.74 ? 74  THR A OG1   1 
ATOM   595  C CG2   . THR A 1 74  ? 12.555  7.256   -9.976  1.00 17.96 ? 74  THR A CG2   1 
ATOM   596  N N     . ARG A 1 75  ? 13.124  2.889   -8.183  1.00 17.14 ? 75  ARG A N     1 
ATOM   597  C CA    . ARG A 1 75  ? 13.874  1.777   -7.606  1.00 18.37 ? 75  ARG A CA    1 
ATOM   598  C C     . ARG A 1 75  ? 13.036  0.523   -7.803  1.00 17.18 ? 75  ARG A C     1 
ATOM   599  O O     . ARG A 1 75  ? 11.855  0.609   -8.130  1.00 17.59 ? 75  ARG A O     1 
ATOM   600  C CB    . ARG A 1 75  ? 14.154  2.016   -6.120  1.00 19.34 ? 75  ARG A CB    1 
ATOM   601  C CG    . ARG A 1 75  ? 15.154  3.137   -5.868  1.00 24.11 ? 75  ARG A CG    1 
ATOM   602  C CD    . ARG A 1 75  ? 15.620  3.178   -4.418  1.00 28.42 ? 75  ARG A CD    1 
ATOM   603  N NE    . ARG A 1 75  ? 16.435  4.362   -4.171  1.00 34.49 ? 75  ARG A NE    1 
ATOM   604  C CZ    . ARG A 1 75  ? 17.009  4.661   -3.010  1.00 36.95 ? 75  ARG A CZ    1 
ATOM   605  N NH1   . ARG A 1 75  ? 16.865  3.861   -1.961  1.00 38.54 ? 75  ARG A NH1   1 
ATOM   606  N NH2   . ARG A 1 75  ? 17.730  5.771   -2.901  1.00 38.59 ? 75  ARG A NH2   1 
ATOM   607  N N     . PRO A 1 76  ? 13.636  -0.660  -7.613  1.00 16.90 ? 76  PRO A N     1 
ATOM   608  C CA    . PRO A 1 76  ? 12.900  -1.916  -7.791  1.00 16.51 ? 76  PRO A CA    1 
ATOM   609  C C     . PRO A 1 76  ? 11.585  -1.984  -7.021  1.00 15.05 ? 76  PRO A C     1 
ATOM   610  O O     . PRO A 1 76  ? 11.531  -1.597  -5.856  1.00 14.23 ? 76  PRO A O     1 
ATOM   611  C CB    . PRO A 1 76  ? 13.898  -2.965  -7.311  1.00 16.78 ? 76  PRO A CB    1 
ATOM   612  C CG    . PRO A 1 76  ? 15.224  -2.354  -7.678  1.00 18.70 ? 76  PRO A CG    1 
ATOM   613  C CD    . PRO A 1 76  ? 15.039  -0.923  -7.240  1.00 17.81 ? 76  PRO A CD    1 
ATOM   614  N N     . TYR A 1 77  ? 10.530  -2.455  -7.683  1.00 14.36 ? 77  TYR A N     1 
ATOM   615  C CA    . TYR A 1 77  ? 9.230   -2.615  -7.031  1.00 14.83 ? 77  TYR A CA    1 
ATOM   616  C C     . TYR A 1 77  ? 8.435   -3.843  -7.514  1.00 14.29 ? 77  TYR A C     1 
ATOM   617  O O     . TYR A 1 77  ? 8.706   -4.400  -8.576  1.00 13.21 ? 77  TYR A O     1 
ATOM   618  C CB    . TYR A 1 77  ? 8.396   -1.329  -7.112  1.00 13.61 ? 77  TYR A CB    1 
ATOM   619  C CG    . TYR A 1 77  ? 7.987   -0.826  -8.482  1.00 12.83 ? 77  TYR A CG    1 
ATOM   620  C CD1   . TYR A 1 77  ? 8.884   -0.138  -9.307  1.00 12.82 ? 77  TYR A CD1   1 
ATOM   621  C CD2   . TYR A 1 77  ? 6.666   -0.944  -8.907  1.00 12.62 ? 77  TYR A CD2   1 
ATOM   622  C CE1   . TYR A 1 77  ? 8.459   0.433   -10.520 1.00 11.85 ? 77  TYR A CE1   1 
ATOM   623  C CE2   . TYR A 1 77  ? 6.236   -0.385  -10.108 1.00 11.75 ? 77  TYR A CE2   1 
ATOM   624  C CZ    . TYR A 1 77  ? 7.130   0.306   -10.906 1.00 12.91 ? 77  TYR A CZ    1 
ATOM   625  O OH    . TYR A 1 77  ? 6.669   0.897   -12.063 1.00 13.61 ? 77  TYR A OH    1 
ATOM   626  N N     . LEU A 1 78  ? 7.467   -4.259  -6.704  1.00 15.36 ? 78  LEU A N     1 
ATOM   627  C CA    . LEU A 1 78  ? 6.658   -5.455  -6.952  1.00 14.94 ? 78  LEU A CA    1 
ATOM   628  C C     . LEU A 1 78  ? 5.955   -5.604  -8.304  1.00 14.51 ? 78  LEU A C     1 
ATOM   629  O O     . LEU A 1 78  ? 6.159   -6.591  -9.007  1.00 13.47 ? 78  LEU A O     1 
ATOM   630  C CB    . LEU A 1 78  ? 5.643   -5.608  -5.808  1.00 18.09 ? 78  LEU A CB    1 
ATOM   631  C CG    . LEU A 1 78  ? 4.843   -6.910  -5.694  1.00 20.83 ? 78  LEU A CG    1 
ATOM   632  C CD1   . LEU A 1 78  ? 5.782   -8.102  -5.764  1.00 23.12 ? 78  LEU A CD1   1 
ATOM   633  C CD2   . LEU A 1 78  ? 4.066   -6.917  -4.383  1.00 23.06 ? 78  LEU A CD2   1 
ATOM   634  N N     . LEU A 1 79  ? 5.115   -4.644  -8.664  1.00 14.34 ? 79  LEU A N     1 
ATOM   635  C CA    . LEU A 1 79  ? 4.395   -4.706  -9.932  1.00 15.46 ? 79  LEU A CA    1 
ATOM   636  C C     . LEU A 1 79  ? 5.380   -4.778  -11.100 1.00 15.75 ? 79  LEU A C     1 
ATOM   637  O O     . LEU A 1 79  ? 5.201   -5.539  -12.047 1.00 16.40 ? 79  LEU A O     1 
ATOM   638  C CB    . LEU A 1 79  ? 3.496   -3.468  -10.064 1.00 16.13 ? 79  LEU A CB    1 
ATOM   639  C CG    . LEU A 1 79  ? 2.654   -3.275  -11.329 1.00 18.01 ? 79  LEU A CG    1 
ATOM   640  C CD1   . LEU A 1 79  ? 1.774   -4.499  -11.583 1.00 17.24 ? 79  LEU A CD1   1 
ATOM   641  C CD2   . LEU A 1 79  ? 1.802   -2.019  -11.174 1.00 20.19 ? 79  LEU A CD2   1 
ATOM   642  N N     . GLN A 1 80  ? 6.435   -3.983  -11.008 1.00 16.94 ? 80  GLN A N     1 
ATOM   643  C CA    . GLN A 1 80  ? 7.459   -3.912  -12.039 1.00 16.18 ? 80  GLN A CA    1 
ATOM   644  C C     . GLN A 1 80  ? 8.178   -5.225  -12.303 1.00 16.47 ? 80  GLN A C     1 
ATOM   645  O O     . GLN A 1 80  ? 8.222   -5.698  -13.437 1.00 16.92 ? 80  GLN A O     1 
ATOM   646  C CB    . GLN A 1 80  ? 8.482   -2.852  -11.652 1.00 16.83 ? 80  GLN A CB    1 
ATOM   647  C CG    . GLN A 1 80  ? 9.715   -2.797  -12.536 1.00 18.36 ? 80  GLN A CG    1 
ATOM   648  C CD    . GLN A 1 80  ? 10.793  -1.920  -11.936 1.00 18.62 ? 80  GLN A CD    1 
ATOM   649  O OE1   . GLN A 1 80  ? 11.301  -2.202  -10.852 1.00 18.25 ? 80  GLN A OE1   1 
ATOM   650  N NE2   . GLN A 1 80  ? 11.141  -0.844  -12.632 1.00 17.77 ? 80  GLN A NE2   1 
ATOM   651  N N     . GLU A 1 81  ? 8.734   -5.810  -11.247 1.00 16.33 ? 81  GLU A N     1 
ATOM   652  C CA    . GLU A 1 81  ? 9.499   -7.044  -11.354 1.00 18.26 ? 81  GLU A CA    1 
ATOM   653  C C     . GLU A 1 81  ? 8.727   -8.354  -11.311 1.00 18.77 ? 81  GLU A C     1 
ATOM   654  O O     . GLU A 1 81  ? 9.059   -9.287  -12.032 1.00 20.27 ? 81  GLU A O     1 
ATOM   655  C CB    . GLU A 1 81  ? 10.579  -7.064  -10.264 1.00 18.65 ? 81  GLU A CB    1 
ATOM   656  C CG    . GLU A 1 81  ? 11.609  -5.966  -10.444 1.00 19.91 ? 81  GLU A CG    1 
ATOM   657  C CD    . GLU A 1 81  ? 12.732  -6.020  -9.427  1.00 21.73 ? 81  GLU A CD    1 
ATOM   658  O OE1   . GLU A 1 81  ? 13.805  -5.462  -9.729  1.00 19.17 ? 81  GLU A OE1   1 
ATOM   659  O OE2   . GLU A 1 81  ? 12.542  -6.601  -8.333  1.00 21.22 ? 81  GLU A OE2   1 
ATOM   660  N N     . VAL A 1 82  ? 7.701   -8.426  -10.474 1.00 18.70 ? 82  VAL A N     1 
ATOM   661  C CA    . VAL A 1 82  ? 6.923   -9.649  -10.324 1.00 19.73 ? 82  VAL A CA    1 
ATOM   662  C C     . VAL A 1 82  ? 5.678   -9.761  -11.211 1.00 19.55 ? 82  VAL A C     1 
ATOM   663  O O     . VAL A 1 82  ? 5.454   -10.801 -11.828 1.00 20.07 ? 82  VAL A O     1 
ATOM   664  C CB    . VAL A 1 82  ? 6.508   -9.832  -8.844  1.00 21.31 ? 82  VAL A CB    1 
ATOM   665  C CG1   . VAL A 1 82  ? 5.697   -11.119 -8.664  1.00 23.59 ? 82  VAL A CG1   1 
ATOM   666  C CG2   . VAL A 1 82  ? 7.749   -9.867  -7.972  1.00 21.12 ? 82  VAL A CG2   1 
ATOM   667  N N     . PHE A 1 83  ? 4.879   -8.701  -11.290 1.00 17.92 ? 83  PHE A N     1 
ATOM   668  C CA    . PHE A 1 83  ? 3.664   -8.742  -12.093 1.00 17.90 ? 83  PHE A CA    1 
ATOM   669  C C     . PHE A 1 83  ? 3.590   -7.721  -13.230 1.00 17.13 ? 83  PHE A C     1 
ATOM   670  O O     . PHE A 1 83  ? 2.563   -7.071  -13.420 1.00 16.32 ? 83  PHE A O     1 
ATOM   671  C CB    . PHE A 1 83  ? 2.454   -8.569  -11.176 1.00 19.00 ? 83  PHE A CB    1 
ATOM   672  C CG    . PHE A 1 83  ? 2.335   -9.631  -10.123 1.00 22.24 ? 83  PHE A CG    1 
ATOM   673  C CD1   . PHE A 1 83  ? 2.123   -10.963 -10.477 1.00 22.71 ? 83  PHE A CD1   1 
ATOM   674  C CD2   . PHE A 1 83  ? 2.431   -9.305  -8.776  1.00 21.95 ? 83  PHE A CD2   1 
ATOM   675  C CE1   . PHE A 1 83  ? 2.005   -11.956 -9.506  1.00 22.29 ? 83  PHE A CE1   1 
ATOM   676  C CE2   . PHE A 1 83  ? 2.315   -10.290 -7.793  1.00 24.12 ? 83  PHE A CE2   1 
ATOM   677  C CZ    . PHE A 1 83  ? 2.101   -11.621 -8.163  1.00 24.78 ? 83  PHE A CZ    1 
ATOM   678  N N     . PRO A 1 84  ? 4.660   -7.593  -14.026 1.00 17.30 ? 84  PRO A N     1 
ATOM   679  C CA    . PRO A 1 84  ? 4.634   -6.623  -15.126 1.00 17.12 ? 84  PRO A CA    1 
ATOM   680  C C     . PRO A 1 84  ? 3.578   -6.896  -16.198 1.00 17.75 ? 84  PRO A C     1 
ATOM   681  O O     . PRO A 1 84  ? 3.130   -5.975  -16.888 1.00 15.87 ? 84  PRO A O     1 
ATOM   682  C CB    . PRO A 1 84  ? 6.051   -6.708  -15.686 1.00 18.71 ? 84  PRO A CB    1 
ATOM   683  C CG    . PRO A 1 84  ? 6.400   -8.149  -15.469 1.00 18.31 ? 84  PRO A CG    1 
ATOM   684  C CD    . PRO A 1 84  ? 5.896   -8.394  -14.063 1.00 16.62 ? 84  PRO A CD    1 
ATOM   685  N N     . HIS A 1 85  ? 3.185   -8.159  -16.332 1.00 15.47 ? 85  HIS A N     1 
ATOM   686  C CA    . HIS A 1 85  ? 2.200   -8.556  -17.332 1.00 16.24 ? 85  HIS A CA    1 
ATOM   687  C C     . HIS A 1 85  ? 0.784   -8.095  -16.995 1.00 17.82 ? 85  HIS A C     1 
ATOM   688  O O     . HIS A 1 85  ? -0.133  -8.243  -17.803 1.00 16.27 ? 85  HIS A O     1 
ATOM   689  C CB    . HIS A 1 85  ? 2.228   -10.080 -17.515 1.00 16.40 ? 85  HIS A CB    1 
ATOM   690  C CG    . HIS A 1 85  ? 2.085   -10.849 -16.237 1.00 18.31 ? 85  HIS A CG    1 
ATOM   691  N ND1   . HIS A 1 85  ? 0.893   -10.944 -15.550 1.00 18.38 ? 85  HIS A ND1   1 
ATOM   692  C CD2   . HIS A 1 85  ? 2.994   -11.542 -15.508 1.00 18.52 ? 85  HIS A CD2   1 
ATOM   693  C CE1   . HIS A 1 85  ? 1.074   -11.661 -14.454 1.00 17.41 ? 85  HIS A CE1   1 
ATOM   694  N NE2   . HIS A 1 85  ? 2.339   -12.036 -14.405 1.00 18.37 ? 85  HIS A NE2   1 
ATOM   695  N N     . LEU A 1 86  ? 0.601   -7.531  -15.807 1.00 18.11 ? 86  LEU A N     1 
ATOM   696  C CA    . LEU A 1 86  ? -0.717  -7.051  -15.415 1.00 20.29 ? 86  LEU A CA    1 
ATOM   697  C C     . LEU A 1 86  ? -0.949  -5.665  -15.978 1.00 21.34 ? 86  LEU A C     1 
ATOM   698  O O     . LEU A 1 86  ? -2.068  -5.163  -15.958 1.00 21.18 ? 86  LEU A O     1 
ATOM   699  C CB    . LEU A 1 86  ? -0.854  -6.997  -13.890 1.00 20.76 ? 86  LEU A CB    1 
ATOM   700  C CG    . LEU A 1 86  ? -0.940  -8.314  -13.112 1.00 21.36 ? 86  LEU A CG    1 
ATOM   701  C CD1   . LEU A 1 86  ? -1.282  -8.003  -11.659 1.00 23.22 ? 86  LEU A CD1   1 
ATOM   702  C CD2   . LEU A 1 86  ? -1.992  -9.213  -13.711 1.00 21.33 ? 86  LEU A CD2   1 
ATOM   703  N N     . LEU A 1 87  ? 0.117   -5.059  -16.489 1.00 22.73 ? 87  LEU A N     1 
ATOM   704  C CA    . LEU A 1 87  ? 0.055   -3.710  -17.031 1.00 24.45 ? 87  LEU A CA    1 
ATOM   705  C C     . LEU A 1 87  ? -0.266  -3.605  -18.507 1.00 25.88 ? 87  LEU A C     1 
ATOM   706  O O     . LEU A 1 87  ? 0.170   -4.426  -19.321 1.00 26.41 ? 87  LEU A O     1 
ATOM   707  C CB    . LEU A 1 87  ? 1.372   -2.985  -16.771 1.00 22.50 ? 87  LEU A CB    1 
ATOM   708  C CG    . LEU A 1 87  ? 1.667   -2.612  -15.319 1.00 24.33 ? 87  LEU A CG    1 
ATOM   709  C CD1   . LEU A 1 87  ? 3.067   -2.030  -15.237 1.00 24.81 ? 87  LEU A CD1   1 
ATOM   710  C CD2   . LEU A 1 87  ? 0.631   -1.615  -14.813 1.00 22.43 ? 87  LEU A CD2   1 
ATOM   711  N N     . ALA A 1 88  ? -1.032  -2.571  -18.845 1.00 26.80 ? 88  ALA A N     1 
ATOM   712  C CA    . ALA A 1 88  ? -1.401  -2.319  -20.225 1.00 27.07 ? 88  ALA A CA    1 
ATOM   713  C C     . ALA A 1 88  ? -0.128  -1.849  -20.908 1.00 28.32 ? 88  ALA A C     1 
ATOM   714  O O     . ALA A 1 88  ? 0.169   -2.243  -22.035 1.00 28.09 ? 88  ALA A O     1 
ATOM   715  C CB    . ALA A 1 88  ? -2.467  -1.239  -20.290 1.00 26.84 ? 88  ALA A CB    1 
ATOM   716  N N     . ASP A 1 89  ? 0.629   -1.018  -20.194 1.00 28.82 ? 89  ASP A N     1 
ATOM   717  C CA    . ASP A 1 89  ? 1.882   -0.467  -20.700 1.00 30.36 ? 89  ASP A CA    1 
ATOM   718  C C     . ASP A 1 89  ? 3.073   -0.886  -19.839 1.00 30.24 ? 89  ASP A C     1 
ATOM   719  O O     . ASP A 1 89  ? 2.915   -1.580  -18.837 1.00 30.21 ? 89  ASP A O     1 
ATOM   720  C CB    . ASP A 1 89  ? 1.791   1.056   -20.734 1.00 31.21 ? 89  ASP A CB    1 
ATOM   721  C CG    . ASP A 1 89  ? 0.593   1.544   -21.521 1.00 31.85 ? 89  ASP A CG    1 
ATOM   722  O OD1   . ASP A 1 89  ? 0.441   1.124   -22.684 1.00 31.47 ? 89  ASP A OD1   1 
ATOM   723  O OD2   . ASP A 1 89  ? -0.192  2.345   -20.977 1.00 33.76 ? 89  ASP A OD2   1 
ATOM   724  N N     . GLU A 1 90  ? 4.268   -0.461  -20.232 1.00 29.30 ? 90  GLU A N     1 
ATOM   725  C CA    . GLU A 1 90  ? 5.468   -0.798  -19.471 1.00 28.56 ? 90  GLU A CA    1 
ATOM   726  C C     . GLU A 1 90  ? 5.440   -0.114  -18.097 1.00 26.89 ? 90  GLU A C     1 
ATOM   727  O O     . GLU A 1 90  ? 4.890   0.980   -17.951 1.00 26.34 ? 90  GLU A O     1 
ATOM   728  C CB    . GLU A 1 90  ? 6.714   -0.370  -20.247 1.00 30.67 ? 90  GLU A CB    1 
ATOM   729  C CG    . GLU A 1 90  ? 8.014   -0.543  -19.470 1.00 34.06 ? 90  GLU A CG    1 
ATOM   730  C CD    . GLU A 1 90  ? 9.232   -0.227  -20.310 1.00 36.76 ? 90  GLU A CD    1 
ATOM   731  O OE1   . GLU A 1 90  ? 9.202   0.793   -21.039 1.00 36.47 ? 90  GLU A OE1   1 
ATOM   732  O OE2   . GLU A 1 90  ? 10.222  -0.994  -20.231 1.00 38.01 ? 90  GLU A OE2   1 
ATOM   733  N N     . ALA A 1 91  ? 6.028   -0.767  -17.097 1.00 24.76 ? 93  ALA A N     1 
ATOM   734  C CA    . ALA A 1 91  ? 6.057   -0.239  -15.737 1.00 22.31 ? 93  ALA A CA    1 
ATOM   735  C C     . ALA A 1 91  ? 6.822   1.073   -15.667 1.00 20.69 ? 93  ALA A C     1 
ATOM   736  O O     . ALA A 1 91  ? 7.948   1.175   -16.142 1.00 19.85 ? 93  ALA A O     1 
ATOM   737  C CB    . ALA A 1 91  ? 6.681   -1.257  -14.789 1.00 23.35 ? 93  ALA A CB    1 
ATOM   738  N N     . PRO A 1 92  ? 6.217   2.093   -15.049 1.00 19.16 ? 94  PRO A N     1 
ATOM   739  C CA    . PRO A 1 92  ? 6.845   3.405   -14.919 1.00 19.54 ? 94  PRO A CA    1 
ATOM   740  C C     . PRO A 1 92  ? 8.034   3.481   -13.965 1.00 19.65 ? 94  PRO A C     1 
ATOM   741  O O     . PRO A 1 92  ? 8.115   2.746   -12.975 1.00 19.23 ? 94  PRO A O     1 
ATOM   742  C CB    . PRO A 1 92  ? 5.688   4.283   -14.454 1.00 20.20 ? 94  PRO A CB    1 
ATOM   743  C CG    . PRO A 1 92  ? 4.912   3.335   -13.578 1.00 20.04 ? 94  PRO A CG    1 
ATOM   744  C CD    . PRO A 1 92  ? 4.887   2.079   -14.412 1.00 18.65 ? 94  PRO A CD    1 
ATOM   745  N N     . ARG A 1 93  ? 8.969   4.360   -14.302 1.00 17.98 ? 95  ARG A N     1 
ATOM   746  C CA    . ARG A 1 93  ? 10.140  4.639   -13.481 1.00 18.13 ? 95  ARG A CA    1 
ATOM   747  C C     . ARG A 1 93  ? 10.143  6.154   -13.495 1.00 17.67 ? 95  ARG A C     1 
ATOM   748  O O     . ARG A 1 93  ? 10.691  6.781   -14.398 1.00 16.96 ? 95  ARG A O     1 
ATOM   749  C CB    . ARG A 1 93  ? 11.426  4.090   -14.101 1.00 19.30 ? 95  ARG A CB    1 
ATOM   750  C CG    . ARG A 1 93  ? 11.541  2.571   -14.043 1.00 20.07 ? 95  ARG A CG    1 
ATOM   751  C CD    . ARG A 1 93  ? 12.970  2.109   -14.318 1.00 22.89 ? 95  ARG A CD    1 
ATOM   752  N NE    . ARG A 1 93  ? 13.880  2.475   -13.231 1.00 24.84 ? 95  ARG A NE    1 
ATOM   753  C CZ    . ARG A 1 93  ? 14.919  3.296   -13.358 1.00 23.69 ? 95  ARG A CZ    1 
ATOM   754  N NH1   . ARG A 1 93  ? 15.191  3.850   -14.530 1.00 23.49 ? 95  ARG A NH1   1 
ATOM   755  N NH2   . ARG A 1 93  ? 15.686  3.562   -12.311 1.00 23.44 ? 95  ARG A NH2   1 
ATOM   756  N N     . SER A 1 94  ? 9.489   6.739   -12.499 1.00 18.19 ? 96  SER A N     1 
ATOM   757  C CA    . SER A 1 94  ? 9.367   8.182   -12.416 1.00 18.96 ? 96  SER A CA    1 
ATOM   758  C C     . SER A 1 94  ? 9.373   8.683   -10.985 1.00 19.47 ? 96  SER A C     1 
ATOM   759  O O     . SER A 1 94  ? 8.896   8.009   -10.070 1.00 19.76 ? 96  SER A O     1 
ATOM   760  C CB    . SER A 1 94  ? 8.063   8.608   -13.112 1.00 19.15 ? 96  SER A CB    1 
ATOM   761  O OG    . SER A 1 94  ? 7.645   9.902   -12.716 1.00 19.57 ? 96  SER A OG    1 
ATOM   762  N N     . ALA A 1 95  ? 9.919   9.874   -10.789 1.00 19.21 ? 97  ALA A N     1 
ATOM   763  C CA    . ALA A 1 95  ? 9.945   10.466  -9.464  1.00 18.91 ? 97  ALA A CA    1 
ATOM   764  C C     . ALA A 1 95  ? 8.514   10.848  -9.079  1.00 19.27 ? 97  ALA A C     1 
ATOM   765  O O     . ALA A 1 95  ? 8.204   11.025  -7.904  1.00 20.33 ? 97  ALA A O     1 
ATOM   766  C CB    . ALA A 1 95  ? 10.834  11.688  -9.461  1.00 18.35 ? 97  ALA A CB    1 
ATOM   767  N N     . HIS A 1 96  ? 7.639   10.960  -10.075 1.00 18.40 ? 98  HIS A N     1 
ATOM   768  C CA    . HIS A 1 96  ? 6.254   11.338  -9.814  1.00 18.56 ? 98  HIS A CA    1 
ATOM   769  C C     . HIS A 1 96  ? 5.331   10.166  -9.521  1.00 18.11 ? 98  HIS A C     1 
ATOM   770  O O     . HIS A 1 96  ? 4.140   10.367  -9.298  1.00 18.58 ? 98  HIS A O     1 
ATOM   771  C CB    . HIS A 1 96  ? 5.680   12.130  -10.993 1.00 20.40 ? 98  HIS A CB    1 
ATOM   772  C CG    . HIS A 1 96  ? 6.371   13.435  -11.244 1.00 23.34 ? 98  HIS A CG    1 
ATOM   773  N ND1   . HIS A 1 96  ? 7.032   14.132  -10.256 1.00 24.89 ? 98  HIS A ND1   1 
ATOM   774  C CD2   . HIS A 1 96  ? 6.464   14.192  -12.364 1.00 24.66 ? 98  HIS A CD2   1 
ATOM   775  C CE1   . HIS A 1 96  ? 7.503   15.260  -10.754 1.00 25.20 ? 98  HIS A CE1   1 
ATOM   776  N NE2   . HIS A 1 96  ? 7.172   15.321  -12.031 1.00 26.83 ? 98  HIS A NE2   1 
ATOM   777  N N     . VAL A 1 97  ? 5.866   8.948   -9.538  1.00 17.34 ? 99  VAL A N     1 
ATOM   778  C CA    . VAL A 1 97  ? 5.058   7.763   -9.268  1.00 16.02 ? 99  VAL A CA    1 
ATOM   779  C C     . VAL A 1 97  ? 5.679   6.874   -8.188  1.00 16.40 ? 99  VAL A C     1 
ATOM   780  O O     . VAL A 1 97  ? 6.861   6.534   -8.251  1.00 16.07 ? 99  VAL A O     1 
ATOM   781  C CB    . VAL A 1 97  ? 4.860   6.903   -10.537 1.00 14.06 ? 99  VAL A CB    1 
ATOM   782  C CG1   . VAL A 1 97  ? 3.996   5.694   -10.213 1.00 13.79 ? 99  VAL A CG1   1 
ATOM   783  C CG2   . VAL A 1 97  ? 4.216   7.721   -11.635 1.00 15.24 ? 99  VAL A CG2   1 
ATOM   784  N N     . TRP A 1 98  ? 4.866   6.510   -7.202  1.00 15.20 ? 100 TRP A N     1 
ATOM   785  C CA    . TRP A 1 98  ? 5.290   5.640   -6.107  1.00 16.67 ? 100 TRP A CA    1 
ATOM   786  C C     . TRP A 1 98  ? 4.349   4.441   -6.093  1.00 15.79 ? 100 TRP A C     1 
ATOM   787  O O     . TRP A 1 98  ? 3.190   4.564   -6.480  1.00 14.41 ? 100 TRP A O     1 
ATOM   788  C CB    . TRP A 1 98  ? 5.202   6.368   -4.757  1.00 15.29 ? 100 TRP A CB    1 
ATOM   789  C CG    . TRP A 1 98  ? 6.410   7.195   -4.418  1.00 17.05 ? 100 TRP A CG    1 
ATOM   790  C CD1   . TRP A 1 98  ? 6.919   8.240   -5.134  1.00 17.04 ? 100 TRP A CD1   1 
ATOM   791  C CD2   . TRP A 1 98  ? 7.270   7.031   -3.282  1.00 17.39 ? 100 TRP A CD2   1 
ATOM   792  N NE1   . TRP A 1 98  ? 8.045   8.736   -4.515  1.00 17.52 ? 100 TRP A NE1   1 
ATOM   793  C CE2   . TRP A 1 98  ? 8.282   8.010   -3.378  1.00 17.80 ? 100 TRP A CE2   1 
ATOM   794  C CE3   . TRP A 1 98  ? 7.284   6.149   -2.194  1.00 18.64 ? 100 TRP A CE3   1 
ATOM   795  C CZ2   . TRP A 1 98  ? 9.300   8.132   -2.429  1.00 18.56 ? 100 TRP A CZ2   1 
ATOM   796  C CZ3   . TRP A 1 98  ? 8.299   6.269   -1.247  1.00 19.43 ? 100 TRP A CZ3   1 
ATOM   797  C CH2   . TRP A 1 98  ? 9.292   7.253   -1.373  1.00 19.83 ? 100 TRP A CH2   1 
ATOM   798  N N     . GLU A 1 99  ? 4.846   3.289   -5.657  1.00 14.00 ? 101 GLU A N     1 
ATOM   799  C CA    . GLU A 1 99  ? 4.017   2.092   -5.601  1.00 15.17 ? 101 GLU A CA    1 
ATOM   800  C C     . GLU A 1 99  ? 3.485   1.825   -4.204  1.00 14.80 ? 101 GLU A C     1 
ATOM   801  O O     . GLU A 1 99  ? 4.234   1.841   -3.223  1.00 14.92 ? 101 GLU A O     1 
ATOM   802  C CB    . GLU A 1 99  ? 4.788   0.849   -6.054  1.00 14.68 ? 101 GLU A CB    1 
ATOM   803  C CG    . GLU A 1 99  ? 3.939   -0.415  -5.928  1.00 14.14 ? 101 GLU A CG    1 
ATOM   804  C CD    . GLU A 1 99  ? 4.744   -1.694  -5.994  1.00 13.94 ? 101 GLU A CD    1 
ATOM   805  O OE1   . GLU A 1 99  ? 5.671   -1.846  -5.180  1.00 14.46 ? 101 GLU A OE1   1 
ATOM   806  O OE2   . GLU A 1 99  ? 4.443   -2.548  -6.852  1.00 16.05 ? 101 GLU A OE2   1 
ATOM   807  N N     . LEU A 1 100 ? 2.186   1.561   -4.126  1.00 14.88 ? 102 LEU A N     1 
ATOM   808  C CA    . LEU A 1 100 ? 1.537   1.252   -2.862  1.00 12.74 ? 102 LEU A CA    1 
ATOM   809  C C     . LEU A 1 100 ? 1.315   -0.256  -2.843  1.00 13.54 ? 102 LEU A C     1 
ATOM   810  O O     . LEU A 1 100 ? 0.704   -0.799  -3.757  1.00 11.95 ? 102 LEU A O     1 
ATOM   811  C CB    . LEU A 1 100 ? 0.191   1.978   -2.764  1.00 13.20 ? 102 LEU A CB    1 
ATOM   812  C CG    . LEU A 1 100 ? -0.639  1.717   -1.503  1.00 12.69 ? 102 LEU A CG    1 
ATOM   813  C CD1   . LEU A 1 100 ? 0.145   2.145   -0.273  1.00 12.03 ? 102 LEU A CD1   1 
ATOM   814  C CD2   . LEU A 1 100 ? -1.961  2.476   -1.587  1.00 14.41 ? 102 LEU A CD2   1 
ATOM   815  N N     . SER A 1 101 ? 1.834   -0.931  -1.821  1.00 13.19 ? 103 SER A N     1 
ATOM   816  C CA    . SER A 1 101 ? 1.664   -2.377  -1.703  1.00 12.93 ? 103 SER A CA    1 
ATOM   817  C C     . SER A 1 101 ? 1.402   -2.777  -0.251  1.00 12.88 ? 103 SER A C     1 
ATOM   818  O O     . SER A 1 101 ? 1.405   -1.930  0.636   1.00 12.86 ? 103 SER A O     1 
ATOM   819  C CB    . SER A 1 101 ? 2.902   -3.113  -2.229  1.00 12.23 ? 103 SER A CB    1 
ATOM   820  O OG    . SER A 1 101 ? 4.067   -2.708  -1.540  1.00 12.34 ? 103 SER A OG    1 
ATOM   821  N N     . ARG A 1 102 ? 1.183   -4.070  -0.021  1.00 13.48 ? 104 ARG A N     1 
ATOM   822  C CA    . ARG A 1 102 ? 0.908   -4.585  1.314   1.00 13.61 ? 104 ARG A CA    1 
ATOM   823  C C     . ARG A 1 102 ? -0.004  -3.618  2.063   1.00 14.32 ? 104 ARG A C     1 
ATOM   824  O O     . ARG A 1 102 ? 0.317   -3.150  3.156   1.00 14.79 ? 104 ARG A O     1 
ATOM   825  C CB    . ARG A 1 102 ? 2.217   -4.795  2.086   1.00 14.95 ? 104 ARG A CB    1 
ATOM   826  C CG    . ARG A 1 102 ? 3.115   -5.905  1.532   1.00 16.48 ? 104 ARG A CG    1 
ATOM   827  C CD    . ARG A 1 102 ? 2.424   -7.270  1.560   1.00 16.67 ? 104 ARG A CD    1 
ATOM   828  N NE    . ARG A 1 102 ? 3.362   -8.378  1.372   1.00 17.47 ? 104 ARG A NE    1 
ATOM   829  C CZ    . ARG A 1 102 ? 3.956   -8.689  0.221   1.00 19.19 ? 104 ARG A CZ    1 
ATOM   830  N NH1   . ARG A 1 102 ? 4.797   -9.714  0.166   1.00 18.38 ? 104 ARG A NH1   1 
ATOM   831  N NH2   . ARG A 1 102 ? 3.706   -7.986  -0.880  1.00 19.77 ? 104 ARG A NH2   1 
ATOM   832  N N     . PHE A 1 103 ? -1.143  -3.320  1.453   1.00 14.44 ? 105 PHE A N     1 
ATOM   833  C CA    . PHE A 1 103 ? -2.115  -2.402  2.025   1.00 16.43 ? 105 PHE A CA    1 
ATOM   834  C C     . PHE A 1 103 ? -3.251  -3.196  2.658   1.00 15.80 ? 105 PHE A C     1 
ATOM   835  O O     . PHE A 1 103 ? -3.897  -4.001  1.995   1.00 14.49 ? 105 PHE A O     1 
ATOM   836  C CB    . PHE A 1 103 ? -2.675  -1.487  0.932   1.00 17.00 ? 105 PHE A CB    1 
ATOM   837  C CG    . PHE A 1 103 ? -3.607  -0.427  1.440   1.00 19.15 ? 105 PHE A CG    1 
ATOM   838  C CD1   . PHE A 1 103 ? -3.113  0.732   2.020   1.00 18.11 ? 105 PHE A CD1   1 
ATOM   839  C CD2   . PHE A 1 103 ? -4.988  -0.586  1.328   1.00 22.47 ? 105 PHE A CD2   1 
ATOM   840  C CE1   . PHE A 1 103 ? -3.977  1.721   2.478   1.00 20.44 ? 105 PHE A CE1   1 
ATOM   841  C CE2   . PHE A 1 103 ? -5.863  0.402   1.787   1.00 21.57 ? 105 PHE A CE2   1 
ATOM   842  C CZ    . PHE A 1 103 ? -5.353  1.557   2.362   1.00 19.94 ? 105 PHE A CZ    1 
ATOM   843  N N     . ALA A 1 104 ? -3.493  -2.959  3.942   1.00 16.22 ? 106 ALA A N     1 
ATOM   844  C CA    . ALA A 1 104 ? -4.549  -3.663  4.656   1.00 18.30 ? 106 ALA A CA    1 
ATOM   845  C C     . ALA A 1 104 ? -5.041  -2.865  5.859   1.00 19.51 ? 106 ALA A C     1 
ATOM   846  O O     . ALA A 1 104 ? -4.301  -2.062  6.436   1.00 19.34 ? 106 ALA A O     1 
ATOM   847  C CB    . ALA A 1 104 ? -4.038  -5.022  5.114   1.00 16.85 ? 106 ALA A CB    1 
ATOM   848  N N     . ALA A 1 105 ? -6.293  -3.104  6.235   1.00 19.89 ? 107 ALA A N     1 
ATOM   849  C CA    . ALA A 1 105 ? -6.903  -2.439  7.378   1.00 21.91 ? 107 ALA A CA    1 
ATOM   850  C C     . ALA A 1 105 ? -7.792  -3.439  8.118   1.00 23.97 ? 107 ALA A C     1 
ATOM   851  O O     . ALA A 1 105 ? -8.576  -4.159  7.498   1.00 23.95 ? 107 ALA A O     1 
ATOM   852  C CB    . ALA A 1 105 ? -7.722  -1.252  6.916   1.00 21.13 ? 107 ALA A CB    1 
ATOM   853  N N     . THR A 1 106 ? -7.647  -3.488  9.437   1.00 25.50 ? 108 THR A N     1 
ATOM   854  C CA    . THR A 1 106 ? -8.429  -4.383  10.288  1.00 27.80 ? 108 THR A CA    1 
ATOM   855  C C     . THR A 1 106 ? -9.494  -3.577  11.039  1.00 29.26 ? 108 THR A C     1 
ATOM   856  O O     . THR A 1 106 ? -10.593 -3.357  10.532  1.00 31.09 ? 108 THR A O     1 
ATOM   857  C CB    . THR A 1 106 ? -7.543  -5.083  11.341  1.00 27.84 ? 108 THR A CB    1 
ATOM   858  O OG1   . THR A 1 106 ? -6.554  -5.882  10.685  1.00 26.83 ? 108 THR A OG1   1 
ATOM   859  C CG2   . THR A 1 106 ? -8.394  -5.974  12.241  1.00 28.91 ? 108 THR A CG2   1 
ATOM   860  N N     . ALA A 1 117 ? -13.475 -0.186  5.572   1.00 33.23 ? 119 ALA A N     1 
ATOM   861  C CA    . ALA A 1 117 ? -14.624 0.708   5.484   1.00 34.73 ? 119 ALA A CA    1 
ATOM   862  C C     . ALA A 1 117 ? -14.141 2.129   5.770   1.00 34.76 ? 119 ALA A C     1 
ATOM   863  O O     . ALA A 1 117 ? -13.575 2.808   4.905   1.00 35.30 ? 119 ALA A O     1 
ATOM   864  C CB    . ALA A 1 117 ? -15.690 0.284   6.519   1.00 33.63 ? 119 ALA A CB    1 
ATOM   865  N N     . TRP A 1 118 ? -14.374 2.572   6.995   1.00 35.02 ? 120 TRP A N     1 
ATOM   866  C CA    . TRP A 1 118 ? -13.931 3.883   7.429   1.00 34.68 ? 120 TRP A CA    1 
ATOM   867  C C     . TRP A 1 118 ? -12.545 3.654   8.035   1.00 33.80 ? 120 TRP A C     1 
ATOM   868  O O     . TRP A 1 118 ? -11.957 4.541   8.661   1.00 32.74 ? 120 TRP A O     1 
ATOM   869  C CB    . TRP A 1 118 ? -14.904 4.442   8.474   1.00 37.64 ? 120 TRP A CB    1 
ATOM   870  C CG    . TRP A 1 118 ? -16.129 5.102   7.881   1.00 40.09 ? 120 TRP A CG    1 
ATOM   871  C CD1   . TRP A 1 118 ? -16.506 6.407   8.034   1.00 41.00 ? 120 TRP A CD1   1 
ATOM   872  C CD2   . TRP A 1 118 ? -17.121 4.496   7.032   1.00 41.43 ? 120 TRP A CD2   1 
ATOM   873  N NE1   . TRP A 1 118 ? -17.670 6.654   7.335   1.00 42.44 ? 120 TRP A NE1   1 
ATOM   874  C CE2   . TRP A 1 118 ? -18.067 5.499   6.712   1.00 42.25 ? 120 TRP A CE2   1 
ATOM   875  C CE3   . TRP A 1 118 ? -17.302 3.206   6.512   1.00 41.64 ? 120 TRP A CE3   1 
ATOM   876  C CZ2   . TRP A 1 118 ? -19.179 5.252   5.893   1.00 42.37 ? 120 TRP A CZ2   1 
ATOM   877  C CZ3   . TRP A 1 118 ? -18.410 2.959   5.695   1.00 42.61 ? 120 TRP A CZ3   1 
ATOM   878  C CH2   . TRP A 1 118 ? -19.333 3.980   5.396   1.00 42.63 ? 120 TRP A CH2   1 
ATOM   879  N N     . SER A 1 119 ? -12.038 2.436   7.833   1.00 31.50 ? 121 SER A N     1 
ATOM   880  C CA    . SER A 1 119 ? -10.725 2.031   8.324   1.00 29.35 ? 121 SER A CA    1 
ATOM   881  C C     . SER A 1 119 ? -9.727  2.228   7.204   1.00 27.32 ? 121 SER A C     1 
ATOM   882  O O     . SER A 1 119 ? -8.601  2.683   7.416   1.00 27.79 ? 121 SER A O     1 
ATOM   883  C CB    . SER A 1 119 ? -10.737 0.559   8.717   1.00 30.03 ? 121 SER A CB    1 
ATOM   884  O OG    . SER A 1 119 ? -11.741 0.301   9.678   1.00 34.88 ? 121 SER A OG    1 
ATOM   885  N N     . VAL A 1 120 ? -10.150 1.866   6.001   1.00 25.04 ? 122 VAL A N     1 
ATOM   886  C CA    . VAL A 1 120 ? -9.309  1.998   4.827   1.00 23.69 ? 122 VAL A CA    1 
ATOM   887  C C     . VAL A 1 120 ? -8.959  3.460   4.588   1.00 21.86 ? 122 VAL A C     1 
ATOM   888  O O     . VAL A 1 120 ? -7.808  3.798   4.303   1.00 20.74 ? 122 VAL A O     1 
ATOM   889  C CB    . VAL A 1 120 ? -10.024 1.439   3.575   1.00 23.53 ? 122 VAL A CB    1 
ATOM   890  C CG1   . VAL A 1 120 ? -9.256  1.821   2.309   1.00 23.26 ? 122 VAL A CG1   1 
ATOM   891  C CG2   . VAL A 1 120 ? -10.150 -0.071  3.687   1.00 22.85 ? 122 VAL A CG2   1 
ATOM   892  N N     . ARG A 1 121 ? -9.951  4.332   4.733   1.00 19.78 ? 123 ARG A N     1 
ATOM   893  C CA    . ARG A 1 121 ? -9.738  5.753   4.483   1.00 19.75 ? 123 ARG A CA    1 
ATOM   894  C C     . ARG A 1 121 ? -8.536  6.391   5.179   1.00 18.10 ? 123 ARG A C     1 
ATOM   895  O O     . ARG A 1 121 ? -7.685  6.983   4.516   1.00 16.69 ? 123 ARG A O     1 
ATOM   896  C CB    . ARG A 1 121 ? -11.003 6.551   4.804   1.00 20.08 ? 123 ARG A CB    1 
ATOM   897  C CG    . ARG A 1 121 ? -11.040 7.891   4.080   1.00 23.73 ? 123 ARG A CG    1 
ATOM   898  C CD    . ARG A 1 121 ? -12.365 8.612   4.271   1.00 27.28 ? 123 ARG A CD    1 
ATOM   899  N NE    . ARG A 1 121 ? -12.368 9.397   5.495   1.00 32.25 ? 123 ARG A NE    1 
ATOM   900  C CZ    . ARG A 1 121 ? -12.042 10.687  5.560   1.00 33.64 ? 123 ARG A CZ    1 
ATOM   901  N NH1   . ARG A 1 121 ? -11.691 11.354  4.466   1.00 34.44 ? 123 ARG A NH1   1 
ATOM   902  N NH2   . ARG A 1 121 ? -12.041 11.307  6.728   1.00 36.15 ? 123 ARG A NH2   1 
ATOM   903  N N     . PRO A 1 122 ? -8.446  6.285   6.516   1.00 17.20 ? 124 PRO A N     1 
ATOM   904  C CA    . PRO A 1 122 ? -7.302  6.892   7.208   1.00 17.30 ? 124 PRO A CA    1 
ATOM   905  C C     . PRO A 1 122 ? -5.957  6.320   6.758   1.00 16.49 ? 124 PRO A C     1 
ATOM   906  O O     . PRO A 1 122 ? -4.973  7.051   6.633   1.00 15.08 ? 124 PRO A O     1 
ATOM   907  C CB    . PRO A 1 122 ? -7.605  6.630   8.685   1.00 18.26 ? 124 PRO A CB    1 
ATOM   908  C CG    . PRO A 1 122 ? -8.441  5.369   8.650   1.00 19.38 ? 124 PRO A CG    1 
ATOM   909  C CD    . PRO A 1 122 ? -9.339  5.596   7.465   1.00 18.15 ? 124 PRO A CD    1 
ATOM   910  N N     . MET A 1 123 ? -5.925  5.016   6.498   1.00 16.53 ? 125 MET A N     1 
ATOM   911  C CA    . MET A 1 123 ? -4.700  4.372   6.043   1.00 16.77 ? 125 MET A CA    1 
ATOM   912  C C     . MET A 1 123 ? -4.295  4.941   4.684   1.00 16.70 ? 125 MET A C     1 
ATOM   913  O O     . MET A 1 123 ? -3.130  5.239   4.445   1.00 16.40 ? 125 MET A O     1 
ATOM   914  C CB    . MET A 1 123 ? -4.896  2.857   5.940   1.00 16.53 ? 125 MET A CB    1 
ATOM   915  C CG    . MET A 1 123 ? -4.889  2.126   7.276   1.00 16.20 ? 125 MET A CG    1 
ATOM   916  S SD    . MET A 1 123 ? -3.347  2.358   8.206   1.00 15.44 ? 125 MET A SD    1 
ATOM   917  C CE    . MET A 1 123 ? -2.142  1.856   6.986   1.00 15.25 ? 125 MET A CE    1 
ATOM   918  N N     . LEU A 1 124 ? -5.269  5.094   3.796   1.00 17.08 ? 126 LEU A N     1 
ATOM   919  C CA    . LEU A 1 124 ? -4.999  5.631   2.472   1.00 17.30 ? 126 LEU A CA    1 
ATOM   920  C C     . LEU A 1 124 ? -4.557  7.089   2.561   1.00 17.56 ? 126 LEU A C     1 
ATOM   921  O O     . LEU A 1 124 ? -3.604  7.500   1.891   1.00 18.72 ? 126 LEU A O     1 
ATOM   922  C CB    . LEU A 1 124 ? -6.247  5.524   1.594   1.00 17.79 ? 126 LEU A CB    1 
ATOM   923  C CG    . LEU A 1 124 ? -6.081  5.876   0.112   1.00 17.95 ? 126 LEU A CG    1 
ATOM   924  C CD1   . LEU A 1 124 ? -4.962  5.041   -0.509  1.00 17.55 ? 126 LEU A CD1   1 
ATOM   925  C CD2   . LEU A 1 124 ? -7.398  5.621   -0.611  1.00 17.59 ? 126 LEU A CD2   1 
ATOM   926  N N     . ALA A 1 125 ? -5.244  7.868   3.391   1.00 16.67 ? 127 ALA A N     1 
ATOM   927  C CA    . ALA A 1 125 ? -4.912  9.283   3.552   1.00 15.70 ? 127 ALA A CA    1 
ATOM   928  C C     . ALA A 1 125 ? -3.458  9.477   3.962   1.00 15.91 ? 127 ALA A C     1 
ATOM   929  O O     . ALA A 1 125 ? -2.764  10.340  3.427   1.00 14.26 ? 127 ALA A O     1 
ATOM   930  C CB    . ALA A 1 125 ? -5.828  9.919   4.580   1.00 16.46 ? 127 ALA A CB    1 
ATOM   931  N N     . ALA A 1 126 ? -3.002  8.668   4.914   1.00 15.59 ? 128 ALA A N     1 
ATOM   932  C CA    . ALA A 1 126 ? -1.626  8.752   5.400   1.00 15.80 ? 128 ALA A CA    1 
ATOM   933  C C     . ALA A 1 126 ? -0.648  8.437   4.275   1.00 16.38 ? 128 ALA A C     1 
ATOM   934  O O     . ALA A 1 126 ? 0.327   9.154   4.069   1.00 17.40 ? 128 ALA A O     1 
ATOM   935  C CB    . ALA A 1 126 ? -1.419  7.779   6.561   1.00 15.36 ? 128 ALA A CB    1 
ATOM   936  N N     . ALA A 1 127 ? -0.915  7.357   3.549   1.00 16.50 ? 129 ALA A N     1 
ATOM   937  C CA    . ALA A 1 127 ? -0.061  6.953   2.439   1.00 15.94 ? 129 ALA A CA    1 
ATOM   938  C C     . ALA A 1 127 ? 0.018   8.058   1.390   1.00 16.15 ? 129 ALA A C     1 
ATOM   939  O O     . ALA A 1 127 ? 1.106   8.471   0.988   1.00 17.29 ? 129 ALA A O     1 
ATOM   940  C CB    . ALA A 1 127 ? -0.601  5.674   1.810   1.00 14.86 ? 129 ALA A CB    1 
ATOM   941  N N     . VAL A 1 128 ? -1.138  8.537   0.944   1.00 14.99 ? 130 VAL A N     1 
ATOM   942  C CA    . VAL A 1 128 ? -1.170  9.595   -0.060  1.00 15.43 ? 130 VAL A CA    1 
ATOM   943  C C     . VAL A 1 128 ? -0.395  10.830  0.391   1.00 16.26 ? 130 VAL A C     1 
ATOM   944  O O     . VAL A 1 128 ? 0.461   11.332  -0.332  1.00 16.67 ? 130 VAL A O     1 
ATOM   945  C CB    . VAL A 1 128 ? -2.624  9.999   -0.393  1.00 15.11 ? 130 VAL A CB    1 
ATOM   946  C CG1   . VAL A 1 128 ? -2.639  11.250  -1.275  1.00 13.67 ? 130 VAL A CG1   1 
ATOM   947  C CG2   . VAL A 1 128 ? -3.323  8.839   -1.108  1.00 13.91 ? 130 VAL A CG2   1 
ATOM   948  N N     . GLU A 1 129 ? -0.696  11.301  1.594   1.00 17.50 ? 131 GLU A N     1 
ATOM   949  C CA    . GLU A 1 129 ? -0.045  12.471  2.166   1.00 19.49 ? 131 GLU A CA    1 
ATOM   950  C C     . GLU A 1 129 ? 1.472   12.312  2.123   1.00 19.56 ? 131 GLU A C     1 
ATOM   951  O O     . GLU A 1 129 ? 2.190   13.189  1.634   1.00 18.56 ? 131 GLU A O     1 
ATOM   952  C CB    . GLU A 1 129 ? -0.507  12.644  3.610   1.00 23.61 ? 131 GLU A CB    1 
ATOM   953  C CG    . GLU A 1 129 ? -0.188  13.984  4.225   1.00 27.71 ? 131 GLU A CG    1 
ATOM   954  C CD    . GLU A 1 129 ? -0.852  14.143  5.573   1.00 31.92 ? 131 GLU A CD    1 
ATOM   955  O OE1   . GLU A 1 129 ? -1.407  15.235  5.832   1.00 32.18 ? 131 GLU A OE1   1 
ATOM   956  O OE2   . GLU A 1 129 ? -0.820  13.178  6.376   1.00 33.63 ? 131 GLU A OE2   1 
ATOM   957  N N     . CYS A 1 130 ? 1.953   11.181  2.628   1.00 18.26 ? 132 CYS A N     1 
ATOM   958  C CA    . CYS A 1 130 ? 3.384   10.905  2.642   1.00 19.37 ? 132 CYS A CA    1 
ATOM   959  C C     . CYS A 1 130 ? 3.985   10.919  1.235   1.00 19.78 ? 132 CYS A C     1 
ATOM   960  O O     . CYS A 1 130 ? 4.952   11.633  0.971   1.00 20.83 ? 132 CYS A O     1 
ATOM   961  C CB    . CYS A 1 130 ? 3.649   9.549   3.293   1.00 21.17 ? 132 CYS A CB    1 
ATOM   962  S SG    . CYS A 1 130 ? 5.371   9.013   3.148   1.00 24.29 ? 132 CYS A SG    1 
ATOM   963  N N     . ALA A 1 131 ? 3.399   10.139  0.333   1.00 18.95 ? 133 ALA A N     1 
ATOM   964  C CA    . ALA A 1 131 ? 3.887   10.054  -1.039  1.00 20.07 ? 133 ALA A CA    1 
ATOM   965  C C     . ALA A 1 131 ? 3.918   11.416  -1.715  1.00 21.07 ? 133 ALA A C     1 
ATOM   966  O O     . ALA A 1 131 ? 4.869   11.743  -2.428  1.00 20.70 ? 133 ALA A O     1 
ATOM   967  C CB    . ALA A 1 131 ? 3.016   9.093   -1.844  1.00 19.38 ? 133 ALA A CB    1 
ATOM   968  N N     . ALA A 1 132 ? 2.872   12.205  -1.494  1.00 21.17 ? 134 ALA A N     1 
ATOM   969  C CA    . ALA A 1 132 ? 2.784   13.529  -2.093  1.00 22.78 ? 134 ALA A CA    1 
ATOM   970  C C     . ALA A 1 132 ? 3.927   14.412  -1.599  1.00 24.66 ? 134 ALA A C     1 
ATOM   971  O O     . ALA A 1 132 ? 4.591   15.080  -2.394  1.00 25.55 ? 134 ALA A O     1 
ATOM   972  C CB    . ALA A 1 132 ? 1.440   14.164  -1.760  1.00 20.24 ? 134 ALA A CB    1 
ATOM   973  N N     . ARG A 1 133 ? 4.155   14.409  -0.288  1.00 25.11 ? 135 ARG A N     1 
ATOM   974  C CA    . ARG A 1 133 ? 5.222   15.206  0.303   1.00 27.83 ? 135 ARG A CA    1 
ATOM   975  C C     . ARG A 1 133 ? 6.591   14.804  -0.228  1.00 28.05 ? 135 ARG A C     1 
ATOM   976  O O     . ARG A 1 133 ? 7.546   15.572  -0.143  1.00 28.94 ? 135 ARG A O     1 
ATOM   977  C CB    . ARG A 1 133 ? 5.198   15.078  1.830   1.00 28.93 ? 135 ARG A CB    1 
ATOM   978  C CG    . ARG A 1 133 ? 3.967   15.708  2.458   1.00 30.62 ? 135 ARG A CG    1 
ATOM   979  C CD    . ARG A 1 133 ? 3.932   15.508  3.962   1.00 33.29 ? 135 ARG A CD    1 
ATOM   980  N NE    . ARG A 1 133 ? 2.766   16.151  4.560   1.00 35.48 ? 135 ARG A NE    1 
ATOM   981  C CZ    . ARG A 1 133 ? 2.416   16.039  5.840   1.00 37.01 ? 135 ARG A CZ    1 
ATOM   982  N NH1   . ARG A 1 133 ? 3.137   15.299  6.675   1.00 36.16 ? 135 ARG A NH1   1 
ATOM   983  N NH2   . ARG A 1 133 ? 1.347   16.680  6.290   1.00 37.02 ? 135 ARG A NH2   1 
ATOM   984  N N     . ARG A 1 134 ? 6.674   13.599  -0.778  1.00 27.38 ? 136 ARG A N     1 
ATOM   985  C CA    . ARG A 1 134 ? 7.917   13.083  -1.334  1.00 26.66 ? 136 ARG A CA    1 
ATOM   986  C C     . ARG A 1 134 ? 7.992   13.351  -2.832  1.00 26.42 ? 136 ARG A C     1 
ATOM   987  O O     . ARG A 1 134 ? 8.898   12.863  -3.513  1.00 26.29 ? 136 ARG A O     1 
ATOM   988  C CB    . ARG A 1 134 ? 8.026   11.580  -1.069  1.00 28.78 ? 136 ARG A CB    1 
ATOM   989  C CG    . ARG A 1 134 ? 8.144   11.223  0.406   1.00 29.19 ? 136 ARG A CG    1 
ATOM   990  C CD    . ARG A 1 134 ? 9.414   11.806  0.984   1.00 31.26 ? 136 ARG A CD    1 
ATOM   991  N NE    . ARG A 1 134 ? 10.582  11.016  0.610   1.00 33.44 ? 136 ARG A NE    1 
ATOM   992  C CZ    . ARG A 1 134 ? 11.046  9.997   1.326   1.00 32.97 ? 136 ARG A CZ    1 
ATOM   993  N NH1   . ARG A 1 134 ? 10.439  9.655   2.456   1.00 32.99 ? 136 ARG A NH1   1 
ATOM   994  N NH2   . ARG A 1 134 ? 12.110  9.319   0.911   1.00 31.29 ? 136 ARG A NH2   1 
ATOM   995  N N     . GLY A 1 135 ? 7.024   14.113  -3.341  1.00 24.46 ? 137 GLY A N     1 
ATOM   996  C CA    . GLY A 1 135 ? 7.010   14.458  -4.751  1.00 22.99 ? 137 GLY A CA    1 
ATOM   997  C C     . GLY A 1 135 ? 6.166   13.604  -5.681  1.00 21.37 ? 137 GLY A C     1 
ATOM   998  O O     . GLY A 1 135 ? 6.161   13.837  -6.886  1.00 20.44 ? 137 GLY A O     1 
ATOM   999  N N     . ALA A 1 136 ? 5.450   12.622  -5.145  1.00 19.93 ? 138 ALA A N     1 
ATOM   1000 C CA    . ALA A 1 136 ? 4.627   11.765  -5.986  1.00 19.66 ? 138 ALA A CA    1 
ATOM   1001 C C     . ALA A 1 136 ? 3.358   12.471  -6.455  1.00 20.37 ? 138 ALA A C     1 
ATOM   1002 O O     . ALA A 1 136 ? 2.730   13.215  -5.694  1.00 20.09 ? 138 ALA A O     1 
ATOM   1003 C CB    . ALA A 1 136 ? 4.258   10.493  -5.238  1.00 19.05 ? 138 ALA A CB    1 
ATOM   1004 N N     . ARG A 1 137 ? 2.991   12.235  -7.711  1.00 18.74 ? 139 ARG A N     1 
ATOM   1005 C CA    . ARG A 1 137 ? 1.784   12.815  -8.288  1.00 19.17 ? 139 ARG A CA    1 
ATOM   1006 C C     . ARG A 1 137 ? 0.768   11.702  -8.547  1.00 18.78 ? 139 ARG A C     1 
ATOM   1007 O O     . ARG A 1 137 ? -0.403  11.960  -8.823  1.00 17.28 ? 139 ARG A O     1 
ATOM   1008 C CB    . ARG A 1 137 ? 2.123   13.558  -9.579  1.00 21.03 ? 139 ARG A CB    1 
ATOM   1009 C CG    . ARG A 1 137 ? 2.953   14.807  -9.314  1.00 25.52 ? 139 ARG A CG    1 
ATOM   1010 C CD    . ARG A 1 137 ? 3.479   15.459  -10.580 1.00 29.08 ? 139 ARG A CD    1 
ATOM   1011 N NE    . ARG A 1 137 ? 4.172   16.709  -10.260 1.00 31.68 ? 139 ARG A NE    1 
ATOM   1012 C CZ    . ARG A 1 137 ? 4.682   17.539  -11.166 1.00 34.19 ? 139 ARG A CZ    1 
ATOM   1013 N NH1   . ARG A 1 137 ? 4.588   17.258  -12.458 1.00 33.85 ? 139 ARG A NH1   1 
ATOM   1014 N NH2   . ARG A 1 137 ? 5.265   18.667  -10.778 1.00 34.53 ? 139 ARG A NH2   1 
ATOM   1015 N N     . GLN A 1 138 ? 1.235   10.461  -8.445  1.00 16.99 ? 140 GLN A N     1 
ATOM   1016 C CA    . GLN A 1 138 ? 0.391   9.285   -8.635  1.00 15.15 ? 140 GLN A CA    1 
ATOM   1017 C C     . GLN A 1 138 ? 0.913   8.093   -7.846  1.00 15.65 ? 140 GLN A C     1 
ATOM   1018 O O     . GLN A 1 138 ? 2.107   7.997   -7.545  1.00 13.70 ? 140 GLN A O     1 
ATOM   1019 C CB    . GLN A 1 138 ? 0.346   8.866   -10.103 1.00 16.71 ? 140 GLN A CB    1 
ATOM   1020 C CG    . GLN A 1 138 ? -0.406  9.772   -11.045 1.00 15.77 ? 140 GLN A CG    1 
ATOM   1021 C CD    . GLN A 1 138 ? -0.294  9.280   -12.473 1.00 17.13 ? 140 GLN A CD    1 
ATOM   1022 O OE1   . GLN A 1 138 ? 0.797   9.215   -13.028 1.00 18.78 ? 140 GLN A OE1   1 
ATOM   1023 N NE2   . GLN A 1 138 ? -1.418  8.915   -13.067 1.00 17.25 ? 140 GLN A NE2   1 
ATOM   1024 N N     . LEU A 1 139 ? -0.004  7.191   -7.512  1.00 15.10 ? 141 LEU A N     1 
ATOM   1025 C CA    . LEU A 1 139 ? 0.334   5.955   -6.832  1.00 14.25 ? 141 LEU A CA    1 
ATOM   1026 C C     . LEU A 1 139 ? -0.106  4.859   -7.797  1.00 14.16 ? 141 LEU A C     1 
ATOM   1027 O O     . LEU A 1 139 ? -1.070  5.033   -8.551  1.00 11.64 ? 141 LEU A O     1 
ATOM   1028 C CB    . LEU A 1 139 ? -0.437  5.796   -5.522  1.00 14.29 ? 141 LEU A CB    1 
ATOM   1029 C CG    . LEU A 1 139 ? -0.147  6.757   -4.375  1.00 14.84 ? 141 LEU A CG    1 
ATOM   1030 C CD1   . LEU A 1 139 ? -1.011  6.368   -3.196  1.00 17.33 ? 141 LEU A CD1   1 
ATOM   1031 C CD2   . LEU A 1 139 ? 1.320   6.709   -4.001  1.00 13.27 ? 141 LEU A CD2   1 
ATOM   1032 N N     . ILE A 1 140 ? 0.613   3.743   -7.786  1.00 14.93 ? 142 ILE A N     1 
ATOM   1033 C CA    . ILE A 1 140 ? 0.278   2.615   -8.637  1.00 13.27 ? 142 ILE A CA    1 
ATOM   1034 C C     . ILE A 1 140 ? 0.484   1.339   -7.835  1.00 15.11 ? 142 ILE A C     1 
ATOM   1035 O O     . ILE A 1 140 ? 1.305   1.302   -6.923  1.00 15.12 ? 142 ILE A O     1 
ATOM   1036 C CB    . ILE A 1 140 ? 1.151   2.594   -9.917  1.00 15.11 ? 142 ILE A CB    1 
ATOM   1037 C CG1   . ILE A 1 140 ? 0.594   1.561   -10.903 1.00 14.17 ? 142 ILE A CG1   1 
ATOM   1038 C CG2   . ILE A 1 140 ? 2.600   2.285   -9.567  1.00 13.73 ? 142 ILE A CG2   1 
ATOM   1039 C CD1   . ILE A 1 140 ? 1.231   1.610   -12.271 1.00 13.28 ? 142 ILE A CD1   1 
ATOM   1040 N N     . GLY A 1 141 ? -0.278  0.298   -8.152  1.00 15.72 ? 143 GLY A N     1 
ATOM   1041 C CA    . GLY A 1 141 ? -0.130  -0.946  -7.423  1.00 17.69 ? 143 GLY A CA    1 
ATOM   1042 C C     . GLY A 1 141 ? -1.226  -1.955  -7.698  1.00 19.80 ? 143 GLY A C     1 
ATOM   1043 O O     . GLY A 1 141 ? -2.326  -1.605  -8.128  1.00 20.70 ? 143 GLY A O     1 
ATOM   1044 N N     . VAL A 1 142 ? -0.917  -3.222  -7.456  1.00 19.30 ? 144 VAL A N     1 
ATOM   1045 C CA    . VAL A 1 142 ? -1.886  -4.279  -7.669  1.00 20.15 ? 144 VAL A CA    1 
ATOM   1046 C C     . VAL A 1 142 ? -2.840  -4.246  -6.493  1.00 20.38 ? 144 VAL A C     1 
ATOM   1047 O O     . VAL A 1 142 ? -2.417  -4.314  -5.333  1.00 21.18 ? 144 VAL A O     1 
ATOM   1048 C CB    . VAL A 1 142 ? -1.208  -5.660  -7.739  1.00 19.71 ? 144 VAL A CB    1 
ATOM   1049 C CG1   . VAL A 1 142 ? -2.249  -6.739  -7.937  1.00 19.67 ? 144 VAL A CG1   1 
ATOM   1050 C CG2   . VAL A 1 142 ? -0.198  -5.677  -8.861  1.00 17.06 ? 144 VAL A CG2   1 
ATOM   1051 N N     . THR A 1 143 ? -4.125  -4.138  -6.784  1.00 20.47 ? 145 THR A N     1 
ATOM   1052 C CA    . THR A 1 143 ? -5.111  -4.077  -5.718  1.00 22.11 ? 145 THR A CA    1 
ATOM   1053 C C     . THR A 1 143 ? -6.246  -5.051  -5.963  1.00 21.59 ? 145 THR A C     1 
ATOM   1054 O O     . THR A 1 143 ? -6.645  -5.273  -7.105  1.00 20.79 ? 145 THR A O     1 
ATOM   1055 C CB    . THR A 1 143 ? -5.718  -2.663  -5.609  1.00 24.29 ? 145 THR A CB    1 
ATOM   1056 O OG1   . THR A 1 143 ? -6.961  -2.616  -6.318  1.00 26.78 ? 145 THR A OG1   1 
ATOM   1057 C CG2   . THR A 1 143 ? -4.790  -1.646  -6.230  1.00 24.82 ? 145 THR A CG2   1 
ATOM   1058 N N     . PHE A 1 144 ? -6.754  -5.642  -4.887  1.00 20.86 ? 146 PHE A N     1 
ATOM   1059 C CA    . PHE A 1 144 ? -7.880  -6.557  -4.995  1.00 21.58 ? 146 PHE A CA    1 
ATOM   1060 C C     . PHE A 1 144 ? -9.009  -5.680  -5.543  1.00 21.29 ? 146 PHE A C     1 
ATOM   1061 O O     . PHE A 1 144 ? -9.100  -4.506  -5.188  1.00 20.31 ? 146 PHE A O     1 
ATOM   1062 C CB    . PHE A 1 144 ? -8.265  -7.083  -3.612  1.00 24.37 ? 146 PHE A CB    1 
ATOM   1063 C CG    . PHE A 1 144 ? -7.255  -8.017  -3.003  1.00 27.84 ? 146 PHE A CG    1 
ATOM   1064 C CD1   . PHE A 1 144 ? -5.945  -8.062  -3.467  1.00 30.17 ? 146 PHE A CD1   1 
ATOM   1065 C CD2   . PHE A 1 144 ? -7.611  -8.831  -1.932  1.00 30.54 ? 146 PHE A CD2   1 
ATOM   1066 C CE1   . PHE A 1 144 ? -5.003  -8.907  -2.870  1.00 32.37 ? 146 PHE A CE1   1 
ATOM   1067 C CE2   . PHE A 1 144 ? -6.680  -9.674  -1.332  1.00 29.96 ? 146 PHE A CE2   1 
ATOM   1068 C CZ    . PHE A 1 144 ? -5.377  -9.713  -1.798  1.00 29.95 ? 146 PHE A CZ    1 
ATOM   1069 N N     . CYS A 1 145 ? -9.853  -6.223  -6.410  1.00 20.32 ? 147 CYS A N     1 
ATOM   1070 C CA    . CYS A 1 145 ? -10.934 -5.408  -6.945  1.00 21.36 ? 147 CYS A CA    1 
ATOM   1071 C C     . CYS A 1 145 ? -11.872 -4.959  -5.827  1.00 21.16 ? 147 CYS A C     1 
ATOM   1072 O O     . CYS A 1 145 ? -12.466 -3.893  -5.903  1.00 21.53 ? 147 CYS A O     1 
ATOM   1073 C CB    . CYS A 1 145 ? -11.697 -6.171  -8.027  1.00 21.79 ? 147 CYS A CB    1 
ATOM   1074 S SG    . CYS A 1 145 ? -10.771 -6.289  -9.574  1.00 23.17 ? 147 CYS A SG    1 
ATOM   1075 N N     . SER A 1 146 ? -11.994 -5.763  -4.778  1.00 20.57 ? 148 SER A N     1 
ATOM   1076 C CA    . SER A 1 146 ? -12.861 -5.391  -3.666  1.00 19.45 ? 148 SER A CA    1 
ATOM   1077 C C     . SER A 1 146 ? -12.324 -4.124  -3.001  1.00 19.11 ? 148 SER A C     1 
ATOM   1078 O O     . SER A 1 146 ? -13.090 -3.280  -2.537  1.00 18.28 ? 148 SER A O     1 
ATOM   1079 C CB    . SER A 1 146 ? -12.940 -6.532  -2.650  1.00 20.82 ? 148 SER A CB    1 
ATOM   1080 O OG    . SER A 1 146 ? -11.655 -6.886  -2.184  1.00 21.36 ? 148 SER A OG    1 
ATOM   1081 N N     . MET A 1 147 ? -11.001 -3.999  -2.960  1.00 17.91 ? 149 MET A N     1 
ATOM   1082 C CA    . MET A 1 147 ? -10.354 -2.828  -2.374  1.00 18.42 ? 149 MET A CA    1 
ATOM   1083 C C     . MET A 1 147 ? -10.528 -1.660  -3.344  1.00 17.83 ? 149 MET A C     1 
ATOM   1084 O O     . MET A 1 147 ? -10.719 -0.519  -2.932  1.00 16.33 ? 149 MET A O     1 
ATOM   1085 C CB    . MET A 1 147 ? -8.864  -3.109  -2.146  1.00 20.29 ? 149 MET A CB    1 
ATOM   1086 C CG    . MET A 1 147 ? -8.092  -1.961  -1.516  1.00 22.53 ? 149 MET A CG    1 
ATOM   1087 S SD    . MET A 1 147 ? -8.776  -1.425  0.067   1.00 23.72 ? 149 MET A SD    1 
ATOM   1088 C CE    . MET A 1 147 ? -8.087  -2.641  1.147   1.00 21.64 ? 149 MET A CE    1 
ATOM   1089 N N     . GLU A 1 148 ? -10.464 -1.964  -4.637  1.00 18.47 ? 150 GLU A N     1 
ATOM   1090 C CA    . GLU A 1 148 ? -10.641 -0.952  -5.676  1.00 19.16 ? 150 GLU A CA    1 
ATOM   1091 C C     . GLU A 1 148 ? -12.012 -0.310  -5.514  1.00 20.37 ? 150 GLU A C     1 
ATOM   1092 O O     . GLU A 1 148 ? -12.170 0.895   -5.698  1.00 20.35 ? 150 GLU A O     1 
ATOM   1093 C CB    . GLU A 1 148 ? -10.561 -1.585  -7.071  1.00 19.76 ? 150 GLU A CB    1 
ATOM   1094 C CG    . GLU A 1 148 ? -10.907 -0.612  -8.202  1.00 19.28 ? 150 GLU A CG    1 
ATOM   1095 C CD    . GLU A 1 148 ? -11.025 -1.293  -9.554  1.00 20.00 ? 150 GLU A CD    1 
ATOM   1096 O OE1   . GLU A 1 148 ? -11.778 -2.284  -9.656  1.00 18.00 ? 150 GLU A OE1   1 
ATOM   1097 O OE2   . GLU A 1 148 ? -10.373 -0.833  -10.515 1.00 18.99 ? 150 GLU A OE2   1 
ATOM   1098 N N     . ARG A 1 149 ? -13.004 -1.129  -5.181  1.00 20.32 ? 151 ARG A N     1 
ATOM   1099 C CA    . ARG A 1 149 ? -14.355 -0.636  -4.999  1.00 21.23 ? 151 ARG A CA    1 
ATOM   1100 C C     . ARG A 1 149 ? -14.453 0.282   -3.786  1.00 21.58 ? 151 ARG A C     1 
ATOM   1101 O O     . ARG A 1 149 ? -15.213 1.246   -3.804  1.00 20.61 ? 151 ARG A O     1 
ATOM   1102 C CB    . ARG A 1 149 ? -15.336 -1.806  -4.878  1.00 22.75 ? 151 ARG A CB    1 
ATOM   1103 C CG    . ARG A 1 149 ? -15.496 -2.579  -6.182  1.00 27.17 ? 151 ARG A CG    1 
ATOM   1104 C CD    . ARG A 1 149 ? -16.722 -3.481  -6.158  1.00 29.97 ? 151 ARG A CD    1 
ATOM   1105 N NE    . ARG A 1 149 ? -16.549 -4.658  -5.312  1.00 31.55 ? 151 ARG A NE    1 
ATOM   1106 C CZ    . ARG A 1 149 ? -15.823 -5.721  -5.645  1.00 31.81 ? 151 ARG A CZ    1 
ATOM   1107 N NH1   . ARG A 1 149 ? -15.190 -5.762  -6.813  1.00 31.72 ? 151 ARG A NH1   1 
ATOM   1108 N NH2   . ARG A 1 149 ? -15.745 -6.750  -4.817  1.00 31.71 ? 151 ARG A NH2   1 
ATOM   1109 N N     . MET A 1 150 ? -13.688 -0.004  -2.735  1.00 21.50 ? 152 MET A N     1 
ATOM   1110 C CA    . MET A 1 150 ? -13.719 0.857   -1.556  1.00 21.90 ? 152 MET A CA    1 
ATOM   1111 C C     . MET A 1 150 ? -13.071 2.199   -1.873  1.00 20.75 ? 152 MET A C     1 
ATOM   1112 O O     . MET A 1 150 ? -13.512 3.238   -1.376  1.00 19.79 ? 152 MET A O     1 
ATOM   1113 C CB    . MET A 1 150 ? -13.012 0.192   -0.373  1.00 24.61 ? 152 MET A CB    1 
ATOM   1114 C CG    . MET A 1 150 ? -13.831 -0.929  0.258   1.00 29.05 ? 152 MET A CG    1 
ATOM   1115 S SD    . MET A 1 150 ? -13.024 -1.631  1.709   1.00 35.49 ? 152 MET A SD    1 
ATOM   1116 C CE    . MET A 1 150 ? -12.000 -2.924  0.930   1.00 31.99 ? 152 MET A CE    1 
ATOM   1117 N N     . PHE A 1 151 ? -12.022 2.175   -2.696  1.00 19.55 ? 153 PHE A N     1 
ATOM   1118 C CA    . PHE A 1 151 ? -11.346 3.403   -3.093  1.00 19.27 ? 153 PHE A CA    1 
ATOM   1119 C C     . PHE A 1 151 ? -12.357 4.268   -3.839  1.00 19.38 ? 153 PHE A C     1 
ATOM   1120 O O     . PHE A 1 151 ? -12.441 5.472   -3.618  1.00 19.67 ? 153 PHE A O     1 
ATOM   1121 C CB    . PHE A 1 151 ? -10.157 3.113   -4.017  1.00 18.11 ? 153 PHE A CB    1 
ATOM   1122 C CG    . PHE A 1 151 ? -8.954  2.515   -3.319  1.00 19.21 ? 153 PHE A CG    1 
ATOM   1123 C CD1   . PHE A 1 151 ? -8.850  2.524   -1.930  1.00 19.38 ? 153 PHE A CD1   1 
ATOM   1124 C CD2   . PHE A 1 151 ? -7.909  1.971   -4.064  1.00 18.52 ? 153 PHE A CD2   1 
ATOM   1125 C CE1   . PHE A 1 151 ? -7.715  1.994   -1.293  1.00 19.55 ? 153 PHE A CE1   1 
ATOM   1126 C CE2   . PHE A 1 151 ? -6.778  1.444   -3.439  1.00 18.97 ? 153 PHE A CE2   1 
ATOM   1127 C CZ    . PHE A 1 151 ? -6.681  1.457   -2.052  1.00 18.57 ? 153 PHE A CZ    1 
ATOM   1128 N N     . ARG A 1 152 ? -13.123 3.644   -4.726  1.00 18.20 ? 154 ARG A N     1 
ATOM   1129 C CA    . ARG A 1 152 ? -14.135 4.364   -5.491  1.00 20.32 ? 154 ARG A CA    1 
ATOM   1130 C C     . ARG A 1 152 ? -15.158 4.976   -4.544  1.00 20.22 ? 154 ARG A C     1 
ATOM   1131 O O     . ARG A 1 152 ? -15.512 6.144   -4.676  1.00 19.84 ? 154 ARG A O     1 
ATOM   1132 C CB    . ARG A 1 152 ? -14.835 3.424   -6.476  1.00 18.87 ? 154 ARG A CB    1 
ATOM   1133 C CG    . ARG A 1 152 ? -13.932 2.946   -7.604  1.00 19.39 ? 154 ARG A CG    1 
ATOM   1134 C CD    . ARG A 1 152 ? -14.644 1.953   -8.526  1.00 19.12 ? 154 ARG A CD    1 
ATOM   1135 N NE    . ARG A 1 152 ? -13.805 1.573   -9.657  1.00 16.58 ? 154 ARG A NE    1 
ATOM   1136 C CZ    . ARG A 1 152 ? -14.097 0.605   -10.522 1.00 17.39 ? 154 ARG A CZ    1 
ATOM   1137 N NH1   . ARG A 1 152 ? -15.217 -0.097  -10.397 1.00 14.81 ? 154 ARG A NH1   1 
ATOM   1138 N NH2   . ARG A 1 152 ? -13.262 0.336   -11.515 1.00 15.60 ? 154 ARG A NH2   1 
ATOM   1139 N N     . ARG A 1 153 ? -15.618 4.191   -3.578  1.00 20.70 ? 155 ARG A N     1 
ATOM   1140 C CA    . ARG A 1 153 ? -16.600 4.674   -2.618  1.00 21.68 ? 155 ARG A CA    1 
ATOM   1141 C C     . ARG A 1 153 ? -16.040 5.821   -1.772  1.00 21.18 ? 155 ARG A C     1 
ATOM   1142 O O     . ARG A 1 153 ? -16.749 6.777   -1.460  1.00 19.50 ? 155 ARG A O     1 
ATOM   1143 C CB    . ARG A 1 153 ? -17.052 3.537   -1.701  1.00 25.34 ? 155 ARG A CB    1 
ATOM   1144 C CG    . ARG A 1 153 ? -18.247 3.907   -0.837  1.00 31.89 ? 155 ARG A CG    1 
ATOM   1145 C CD    . ARG A 1 153 ? -19.474 4.094   -1.715  1.00 37.20 ? 155 ARG A CD    1 
ATOM   1146 N NE    . ARG A 1 153 ? -20.633 4.597   -0.985  1.00 40.53 ? 155 ARG A NE    1 
ATOM   1147 C CZ    . ARG A 1 153 ? -21.765 4.978   -1.571  1.00 43.41 ? 155 ARG A CZ    1 
ATOM   1148 N NH1   . ARG A 1 153 ? -21.881 4.904   -2.893  1.00 43.80 ? 155 ARG A NH1   1 
ATOM   1149 N NH2   . ARG A 1 153 ? -22.772 5.454   -0.842  1.00 44.39 ? 155 ARG A NH2   1 
ATOM   1150 N N     . ILE A 1 154 ? -14.768 5.719   -1.397  1.00 19.37 ? 156 ILE A N     1 
ATOM   1151 C CA    . ILE A 1 154 ? -14.129 6.760   -0.597  1.00 19.68 ? 156 ILE A CA    1 
ATOM   1152 C C     . ILE A 1 154 ? -14.053 8.063   -1.390  1.00 18.35 ? 156 ILE A C     1 
ATOM   1153 O O     . ILE A 1 154 ? -14.017 9.147   -0.811  1.00 19.47 ? 156 ILE A O     1 
ATOM   1154 C CB    . ILE A 1 154 ? -12.704 6.335   -0.143  1.00 19.50 ? 156 ILE A CB    1 
ATOM   1155 C CG1   . ILE A 1 154 ? -12.807 5.194   0.872   1.00 18.91 ? 156 ILE A CG1   1 
ATOM   1156 C CG2   . ILE A 1 154 ? -11.971 7.518   0.473   1.00 20.47 ? 156 ILE A CG2   1 
ATOM   1157 C CD1   . ILE A 1 154 ? -11.468 4.694   1.379   1.00 19.70 ? 156 ILE A CD1   1 
ATOM   1158 N N     . GLY A 1 155 ? -14.012 7.958   -2.714  1.00 17.90 ? 157 GLY A N     1 
ATOM   1159 C CA    . GLY A 1 155 ? -13.988 9.157   -3.535  1.00 16.81 ? 157 GLY A CA    1 
ATOM   1160 C C     . GLY A 1 155 ? -12.692 9.565   -4.196  1.00 16.23 ? 157 GLY A C     1 
ATOM   1161 O O     . GLY A 1 155 ? -12.664 10.556  -4.930  1.00 16.62 ? 157 GLY A O     1 
ATOM   1162 N N     . VAL A 1 156 ? -11.618 8.823   -3.952  1.00 15.89 ? 158 VAL A N     1 
ATOM   1163 C CA    . VAL A 1 156 ? -10.332 9.160   -4.555  1.00 14.77 ? 158 VAL A CA    1 
ATOM   1164 C C     . VAL A 1 156 ? -10.399 8.934   -6.055  1.00 14.56 ? 158 VAL A C     1 
ATOM   1165 O O     . VAL A 1 156 ? -11.273 8.227   -6.532  1.00 16.56 ? 158 VAL A O     1 
ATOM   1166 C CB    . VAL A 1 156 ? -9.191  8.301   -3.973  1.00 15.37 ? 158 VAL A CB    1 
ATOM   1167 C CG1   . VAL A 1 156 ? -9.155  8.449   -2.456  1.00 12.71 ? 158 VAL A CG1   1 
ATOM   1168 C CG2   . VAL A 1 156 ? -9.377  6.843   -4.369  1.00 15.70 ? 158 VAL A CG2   1 
ATOM   1169 N N     . HIS A 1 157 ? -9.482  9.543   -6.800  1.00 14.30 ? 159 HIS A N     1 
ATOM   1170 C CA    . HIS A 1 157 ? -9.478  9.363   -8.238  1.00 14.92 ? 159 HIS A CA    1 
ATOM   1171 C C     . HIS A 1 157 ? -8.630  8.157   -8.584  1.00 15.04 ? 159 HIS A C     1 
ATOM   1172 O O     . HIS A 1 157 ? -7.423  8.260   -8.801  1.00 15.33 ? 159 HIS A O     1 
ATOM   1173 C CB    . HIS A 1 157 ? -8.945  10.608  -8.957  1.00 14.13 ? 159 HIS A CB    1 
ATOM   1174 C CG    . HIS A 1 157 ? -8.898  10.470  -10.450 1.00 14.67 ? 159 HIS A CG    1 
ATOM   1175 N ND1   . HIS A 1 157 ? -8.405  11.460  -11.274 1.00 12.94 ? 159 HIS A ND1   1 
ATOM   1176 C CD2   . HIS A 1 157 ? -9.269  9.452   -11.267 1.00 15.12 ? 159 HIS A CD2   1 
ATOM   1177 C CE1   . HIS A 1 157 ? -8.470  11.057  -12.531 1.00 14.12 ? 159 HIS A CE1   1 
ATOM   1178 N NE2   . HIS A 1 157 ? -8.989  9.843   -12.555 1.00 15.12 ? 159 HIS A NE2   1 
ATOM   1179 N N     . ALA A 1 158 ? -9.278  7.004   -8.622  1.00 15.46 ? 160 ALA A N     1 
ATOM   1180 C CA    . ALA A 1 158 ? -8.604  5.766   -8.955  1.00 14.59 ? 160 ALA A CA    1 
ATOM   1181 C C     . ALA A 1 158 ? -9.033  5.326   -10.352 1.00 15.85 ? 160 ALA A C     1 
ATOM   1182 O O     . ALA A 1 158 ? -10.193 5.494   -10.738 1.00 15.58 ? 160 ALA A O     1 
ATOM   1183 C CB    . ALA A 1 158 ? -8.961  4.695   -7.937  1.00 14.66 ? 160 ALA A CB    1 
ATOM   1184 N N     . HIS A 1 159 ? -8.092  4.780   -11.111 1.00 14.65 ? 161 HIS A N     1 
ATOM   1185 C CA    . HIS A 1 159 ? -8.380  4.281   -12.448 1.00 14.79 ? 161 HIS A CA    1 
ATOM   1186 C C     . HIS A 1 159 ? -7.433  3.130   -12.760 1.00 15.05 ? 161 HIS A C     1 
ATOM   1187 O O     . HIS A 1 159 ? -6.323  3.058   -12.235 1.00 15.26 ? 161 HIS A O     1 
ATOM   1188 C CB    . HIS A 1 159 ? -8.290  5.395   -13.512 1.00 15.33 ? 161 HIS A CB    1 
ATOM   1189 C CG    . HIS A 1 159 ? -6.996  6.145   -13.522 1.00 12.67 ? 161 HIS A CG    1 
ATOM   1190 N ND1   . HIS A 1 159 ? -6.698  7.133   -12.607 1.00 14.83 ? 161 HIS A ND1   1 
ATOM   1191 C CD2   . HIS A 1 159 ? -5.926  6.067   -14.350 1.00 12.66 ? 161 HIS A CD2   1 
ATOM   1192 C CE1   . HIS A 1 159 ? -5.504  7.631   -12.873 1.00 11.45 ? 161 HIS A CE1   1 
ATOM   1193 N NE2   . HIS A 1 159 ? -5.014  7.001   -13.925 1.00 14.75 ? 161 HIS A NE2   1 
ATOM   1194 N N     . ARG A 1 160 ? -7.881  2.227   -13.618 1.00 14.96 ? 162 ARG A N     1 
ATOM   1195 C CA    . ARG A 1 160 ? -7.103  1.047   -13.954 1.00 15.65 ? 162 ARG A CA    1 
ATOM   1196 C C     . ARG A 1 160 ? -5.875  1.243   -14.836 1.00 15.01 ? 162 ARG A C     1 
ATOM   1197 O O     . ARG A 1 160 ? -5.883  2.042   -15.778 1.00 14.03 ? 162 ARG A O     1 
ATOM   1198 C CB    . ARG A 1 160 ? -8.037  0.002   -14.566 1.00 15.35 ? 162 ARG A CB    1 
ATOM   1199 C CG    . ARG A 1 160 ? -9.085  -0.461  -13.574 1.00 15.03 ? 162 ARG A CG    1 
ATOM   1200 C CD    . ARG A 1 160 ? -10.020 -1.509  -14.139 1.00 15.18 ? 162 ARG A CD    1 
ATOM   1201 N NE    . ARG A 1 160 ? -10.884 -2.039  -13.088 1.00 16.13 ? 162 ARG A NE    1 
ATOM   1202 C CZ    . ARG A 1 160 ? -11.809 -2.973  -13.273 1.00 13.88 ? 162 ARG A CZ    1 
ATOM   1203 N NH1   . ARG A 1 160 ? -12.006 -3.489  -14.479 1.00 14.78 ? 162 ARG A NH1   1 
ATOM   1204 N NH2   . ARG A 1 160 ? -12.533 -3.392  -12.247 1.00 15.44 ? 162 ARG A NH2   1 
ATOM   1205 N N     . ALA A 1 161 ? -4.817  0.507   -14.505 1.00 13.82 ? 163 ALA A N     1 
ATOM   1206 C CA    . ALA A 1 161 ? -3.563  0.549   -15.257 1.00 15.19 ? 163 ALA A CA    1 
ATOM   1207 C C     . ALA A 1 161 ? -3.468  -0.711  -16.115 1.00 15.59 ? 163 ALA A C     1 
ATOM   1208 O O     . ALA A 1 161 ? -2.534  -0.873  -16.900 1.00 16.72 ? 163 ALA A O     1 
ATOM   1209 C CB    . ALA A 1 161 ? -2.372  0.620   -14.301 1.00 14.75 ? 163 ALA A CB    1 
ATOM   1210 N N     . GLY A 1 162 ? -4.450  -1.596  -15.954 1.00 17.21 ? 164 GLY A N     1 
ATOM   1211 C CA    . GLY A 1 162 ? -4.495  -2.840  -16.710 1.00 16.96 ? 164 GLY A CA    1 
ATOM   1212 C C     . GLY A 1 162 ? -5.841  -3.534  -16.553 1.00 16.10 ? 164 GLY A C     1 
ATOM   1213 O O     . GLY A 1 162 ? -6.684  -3.097  -15.770 1.00 15.31 ? 164 GLY A O     1 
ATOM   1214 N N     . ALA A 1 163 ? -6.050  -4.616  -17.297 1.00 15.53 ? 165 ALA A N     1 
ATOM   1215 C CA    . ALA A 1 163 ? -7.305  -5.354  -17.220 1.00 16.65 ? 165 ALA A CA    1 
ATOM   1216 C C     . ALA A 1 163 ? -7.290  -6.242  -15.984 1.00 15.50 ? 165 ALA A C     1 
ATOM   1217 O O     . ALA A 1 163 ? -6.240  -6.733  -15.585 1.00 16.09 ? 165 ALA A O     1 
ATOM   1218 C CB    . ALA A 1 163 ? -7.494  -6.210  -18.485 1.00 17.32 ? 165 ALA A CB    1 
ATOM   1219 N N     . PRO A 1 164 ? -8.457  -6.453  -15.357 1.00 15.43 ? 166 PRO A N     1 
ATOM   1220 C CA    . PRO A 1 164 ? -8.532  -7.296  -14.162 1.00 15.52 ? 166 PRO A CA    1 
ATOM   1221 C C     . PRO A 1 164 ? -8.246  -8.765  -14.457 1.00 16.93 ? 166 PRO A C     1 
ATOM   1222 O O     . PRO A 1 164 ? -8.522  -9.261  -15.546 1.00 16.08 ? 166 PRO A O     1 
ATOM   1223 C CB    . PRO A 1 164 ? -9.954  -7.060  -13.659 1.00 15.66 ? 166 PRO A CB    1 
ATOM   1224 C CG    . PRO A 1 164 ? -10.707 -6.760  -14.906 1.00 17.33 ? 166 PRO A CG    1 
ATOM   1225 C CD    . PRO A 1 164 ? -9.768  -5.853  -15.655 1.00 17.03 ? 166 PRO A CD    1 
ATOM   1226 N N     . VAL A 1 165 ? -7.681  -9.450  -13.473 1.00 16.64 ? 167 VAL A N     1 
ATOM   1227 C CA    . VAL A 1 165 ? -7.334  -10.855 -13.608 1.00 17.31 ? 167 VAL A CA    1 
ATOM   1228 C C     . VAL A 1 165 ? -7.500  -11.511 -12.244 1.00 18.16 ? 167 VAL A C     1 
ATOM   1229 O O     . VAL A 1 165 ? -7.349  -10.859 -11.210 1.00 17.99 ? 167 VAL A O     1 
ATOM   1230 C CB    . VAL A 1 165 ? -5.869  -11.005 -14.074 1.00 16.51 ? 167 VAL A CB    1 
ATOM   1231 C CG1   . VAL A 1 165 ? -4.940  -10.429 -13.025 1.00 19.15 ? 167 VAL A CG1   1 
ATOM   1232 C CG2   . VAL A 1 165 ? -5.544  -12.455 -14.344 1.00 16.35 ? 167 VAL A CG2   1 
ATOM   1233 N N     . SER A 1 166 ? -7.835  -12.793 -12.243 1.00 17.61 ? 168 SER A N     1 
ATOM   1234 C CA    . SER A 1 166 ? -8.007  -13.520 -10.996 1.00 19.47 ? 168 SER A CA    1 
ATOM   1235 C C     . SER A 1 166 ? -6.750  -14.356 -10.774 1.00 19.99 ? 168 SER A C     1 
ATOM   1236 O O     . SER A 1 166 ? -6.452  -15.263 -11.553 1.00 19.01 ? 168 SER A O     1 
ATOM   1237 C CB    . SER A 1 166 ? -9.249  -14.411 -11.077 1.00 21.02 ? 168 SER A CB    1 
ATOM   1238 O OG    . SER A 1 166 ? -9.486  -15.092 -9.854  1.00 26.11 ? 168 SER A OG    1 
ATOM   1239 N N     . ILE A 1 167 ? -6.004  -14.030 -9.721  1.00 20.57 ? 169 ILE A N     1 
ATOM   1240 C CA    . ILE A 1 167 ? -4.773  -14.748 -9.408  1.00 22.10 ? 169 ILE A CA    1 
ATOM   1241 C C     . ILE A 1 167 ? -4.993  -15.694 -8.234  1.00 22.88 ? 169 ILE A C     1 
ATOM   1242 O O     . ILE A 1 167 ? -5.264  -15.258 -7.114  1.00 22.71 ? 169 ILE A O     1 
ATOM   1243 C CB    . ILE A 1 167 ? -3.632  -13.771 -9.062  1.00 21.38 ? 169 ILE A CB    1 
ATOM   1244 C CG1   . ILE A 1 167 ? -3.366  -12.847 -10.255 1.00 23.07 ? 169 ILE A CG1   1 
ATOM   1245 C CG2   . ILE A 1 167 ? -2.376  -14.544 -8.696  1.00 23.47 ? 169 ILE A CG2   1 
ATOM   1246 C CD1   . ILE A 1 167 ? -2.392  -11.730 -9.959  1.00 21.64 ? 169 ILE A CD1   1 
ATOM   1247 N N     . ASP A 1 168 ? -4.863  -16.991 -8.503  1.00 23.03 ? 170 ASP A N     1 
ATOM   1248 C CA    . ASP A 1 168 ? -5.068  -18.017 -7.490  1.00 23.83 ? 170 ASP A CA    1 
ATOM   1249 C C     . ASP A 1 168 ? -6.424  -17.808 -6.849  1.00 23.23 ? 170 ASP A C     1 
ATOM   1250 O O     . ASP A 1 168 ? -6.561  -17.887 -5.631  1.00 23.80 ? 170 ASP A O     1 
ATOM   1251 C CB    . ASP A 1 168 ? -3.971  -17.953 -6.428  1.00 25.17 ? 170 ASP A CB    1 
ATOM   1252 C CG    . ASP A 1 168 ? -2.641  -18.469 -6.938  1.00 27.44 ? 170 ASP A CG    1 
ATOM   1253 O OD1   . ASP A 1 168 ? -1.614  -18.211 -6.273  1.00 27.54 ? 170 ASP A OD1   1 
ATOM   1254 O OD2   . ASP A 1 168 ? -2.627  -19.139 -7.998  1.00 25.73 ? 170 ASP A OD2   1 
ATOM   1255 N N     . GLY A 1 169 ? -7.416  -17.508 -7.682  1.00 22.20 ? 171 GLY A N     1 
ATOM   1256 C CA    . GLY A 1 169 ? -8.767  -17.304 -7.194  1.00 22.40 ? 171 GLY A CA    1 
ATOM   1257 C C     . GLY A 1 169 ? -9.118  -15.936 -6.636  1.00 23.58 ? 171 GLY A C     1 
ATOM   1258 O O     . GLY A 1 169 ? -10.239 -15.749 -6.166  1.00 24.12 ? 171 GLY A O     1 
ATOM   1259 N N     . ARG A 1 170 ? -8.191  -14.980 -6.675  1.00 23.36 ? 172 ARG A N     1 
ATOM   1260 C CA    . ARG A 1 170 ? -8.469  -13.634 -6.154  1.00 24.25 ? 172 ARG A CA    1 
ATOM   1261 C C     . ARG A 1 170 ? -8.450  -12.577 -7.255  1.00 22.91 ? 172 ARG A C     1 
ATOM   1262 O O     . ARG A 1 170 ? -7.412  -12.328 -7.864  1.00 21.26 ? 172 ARG A O     1 
ATOM   1263 C CB    . ARG A 1 170 ? -7.449  -13.253 -5.075  1.00 27.13 ? 172 ARG A CB    1 
ATOM   1264 C CG    . ARG A 1 170 ? -7.619  -13.992 -3.752  1.00 33.72 ? 172 ARG A CG    1 
ATOM   1265 C CD    . ARG A 1 170 ? -6.636  -13.484 -2.692  1.00 38.72 ? 172 ARG A CD    1 
ATOM   1266 N NE    . ARG A 1 170 ? -5.304  -14.062 -2.857  1.00 42.49 ? 172 ARG A NE    1 
ATOM   1267 C CZ    . ARG A 1 170 ? -5.056  -15.371 -2.808  1.00 45.37 ? 172 ARG A CZ    1 
ATOM   1268 N NH1   . ARG A 1 170 ? -6.052  -16.229 -2.595  1.00 45.26 ? 172 ARG A NH1   1 
ATOM   1269 N NH2   . ARG A 1 170 ? -3.817  -15.828 -2.973  1.00 45.80 ? 172 ARG A NH2   1 
ATOM   1270 N N     . MET A 1 171 ? -9.597  -11.950 -7.498  1.00 21.92 ? 173 MET A N     1 
ATOM   1271 C CA    . MET A 1 171 ? -9.698  -10.928 -8.536  1.00 21.83 ? 173 MET A CA    1 
ATOM   1272 C C     . MET A 1 171 ? -8.930  -9.676  -8.139  1.00 20.19 ? 173 MET A C     1 
ATOM   1273 O O     . MET A 1 171 ? -9.198  -9.082  -7.094  1.00 20.05 ? 173 MET A O     1 
ATOM   1274 C CB    . MET A 1 171 ? -11.164 -10.567 -8.790  1.00 23.95 ? 173 MET A CB    1 
ATOM   1275 C CG    . MET A 1 171 ? -11.387 -9.668  -10.010 1.00 28.02 ? 173 MET A CG    1 
ATOM   1276 S SD    . MET A 1 171 ? -11.058 -10.490 -11.607 1.00 30.85 ? 173 MET A SD    1 
ATOM   1277 C CE    . MET A 1 171 ? -12.281 -11.783 -11.546 1.00 28.01 ? 173 MET A CE    1 
ATOM   1278 N N     . VAL A 1 172 ? -7.974  -9.284  -8.975  1.00 18.36 ? 174 VAL A N     1 
ATOM   1279 C CA    . VAL A 1 172 ? -7.158  -8.101  -8.726  1.00 18.04 ? 174 VAL A CA    1 
ATOM   1280 C C     . VAL A 1 172 ? -6.957  -7.311  -10.013 1.00 17.50 ? 174 VAL A C     1 
ATOM   1281 O O     . VAL A 1 172 ? -7.282  -7.781  -11.108 1.00 18.41 ? 174 VAL A O     1 
ATOM   1282 C CB    . VAL A 1 172 ? -5.762  -8.475  -8.174  1.00 18.13 ? 174 VAL A CB    1 
ATOM   1283 C CG1   . VAL A 1 172 ? -5.900  -9.388  -6.964  1.00 18.12 ? 174 VAL A CG1   1 
ATOM   1284 C CG2   . VAL A 1 172 ? -4.940  -9.148  -9.263  1.00 19.11 ? 174 VAL A CG2   1 
ATOM   1285 N N     . VAL A 1 173 ? -6.414  -6.109  -9.877  1.00 15.54 ? 175 VAL A N     1 
ATOM   1286 C CA    . VAL A 1 173 ? -6.171  -5.264  -11.027 1.00 15.20 ? 175 VAL A CA    1 
ATOM   1287 C C     . VAL A 1 173 ? -5.100  -4.236  -10.711 1.00 15.53 ? 175 VAL A C     1 
ATOM   1288 O O     . VAL A 1 173 ? -4.987  -3.781  -9.575  1.00 16.27 ? 175 VAL A O     1 
ATOM   1289 C CB    . VAL A 1 173 ? -7.469  -4.534  -11.457 1.00 15.16 ? 175 VAL A CB    1 
ATOM   1290 C CG1   . VAL A 1 173 ? -7.883  -3.523  -10.390 1.00 15.73 ? 175 VAL A CG1   1 
ATOM   1291 C CG2   . VAL A 1 173 ? -7.266  -3.866  -12.794 1.00 16.33 ? 175 VAL A CG2   1 
ATOM   1292 N N     . ALA A 1 174 ? -4.291  -3.891  -11.707 1.00 16.54 ? 176 ALA A N     1 
ATOM   1293 C CA    . ALA A 1 174 ? -3.259  -2.883  -11.509 1.00 16.32 ? 176 ALA A CA    1 
ATOM   1294 C C     . ALA A 1 174 ? -4.059  -1.589  -11.409 1.00 16.34 ? 176 ALA A C     1 
ATOM   1295 O O     . ALA A 1 174 ? -4.878  -1.295  -12.279 1.00 15.83 ? 176 ALA A O     1 
ATOM   1296 C CB    . ALA A 1 174 ? -2.319  -2.848  -12.697 1.00 16.24 ? 176 ALA A CB    1 
ATOM   1297 N N     . CYS A 1 175 ? -3.821  -0.816  -10.357 1.00 17.81 ? 177 CYS A N     1 
ATOM   1298 C CA    . CYS A 1 175 ? -4.597  0.400   -10.140 1.00 17.97 ? 177 CYS A CA    1 
ATOM   1299 C C     . CYS A 1 175 ? -3.793  1.676   -9.926  1.00 18.15 ? 177 CYS A C     1 
ATOM   1300 O O     . CYS A 1 175 ? -2.774  1.679   -9.227  1.00 17.94 ? 177 CYS A O     1 
ATOM   1301 C CB    . CYS A 1 175 ? -5.523  0.160   -8.937  1.00 19.73 ? 177 CYS A CB    1 
ATOM   1302 S SG    . CYS A 1 175 ? -6.710  1.455   -8.476  1.00 21.50 ? 177 CYS A SG    1 
ATOM   1303 N N     . TRP A 1 176 ? -4.261  2.753   -10.553 1.00 16.27 ? 178 TRP A N     1 
ATOM   1304 C CA    . TRP A 1 176 ? -3.655  4.071   -10.422 1.00 15.73 ? 178 TRP A CA    1 
ATOM   1305 C C     . TRP A 1 176 ? -4.506  4.866   -9.437  1.00 15.98 ? 178 TRP A C     1 
ATOM   1306 O O     . TRP A 1 176 ? -5.710  4.638   -9.321  1.00 17.07 ? 178 TRP A O     1 
ATOM   1307 C CB    . TRP A 1 176 ? -3.715  4.870   -11.730 1.00 16.27 ? 178 TRP A CB    1 
ATOM   1308 C CG    . TRP A 1 176 ? -2.830  4.478   -12.864 1.00 15.51 ? 178 TRP A CG    1 
ATOM   1309 C CD1   . TRP A 1 176 ? -3.217  3.900   -14.038 1.00 15.87 ? 178 TRP A CD1   1 
ATOM   1310 C CD2   . TRP A 1 176 ? -1.428  4.748   -12.993 1.00 17.37 ? 178 TRP A CD2   1 
ATOM   1311 N NE1   . TRP A 1 176 ? -2.147  3.801   -14.894 1.00 16.23 ? 178 TRP A NE1   1 
ATOM   1312 C CE2   . TRP A 1 176 ? -1.035  4.311   -14.278 1.00 17.81 ? 178 TRP A CE2   1 
ATOM   1313 C CE3   . TRP A 1 176 ? -0.466  5.319   -12.149 1.00 17.09 ? 178 TRP A CE3   1 
ATOM   1314 C CZ2   . TRP A 1 176 ? 0.282   4.428   -14.742 1.00 18.73 ? 178 TRP A CZ2   1 
ATOM   1315 C CZ3   . TRP A 1 176 ? 0.845   5.438   -12.610 1.00 18.58 ? 178 TRP A CZ3   1 
ATOM   1316 C CH2   . TRP A 1 176 ? 1.203   4.992   -13.896 1.00 19.87 ? 178 TRP A CH2   1 
ATOM   1317 N N     . ILE A 1 177 ? -3.875  5.797   -8.737  1.00 16.55 ? 179 ILE A N     1 
ATOM   1318 C CA    . ILE A 1 177 ? -4.577  6.715   -7.849  1.00 15.57 ? 179 ILE A CA    1 
ATOM   1319 C C     . ILE A 1 177 ? -3.906  8.055   -8.143  1.00 17.00 ? 179 ILE A C     1 
ATOM   1320 O O     . ILE A 1 177 ? -2.722  8.235   -7.842  1.00 16.75 ? 179 ILE A O     1 
ATOM   1321 C CB    . ILE A 1 177 ? -4.401  6.400   -6.348  1.00 15.94 ? 179 ILE A CB    1 
ATOM   1322 C CG1   . ILE A 1 177 ? -5.258  5.200   -5.946  1.00 17.15 ? 179 ILE A CG1   1 
ATOM   1323 C CG2   . ILE A 1 177 ? -4.826  7.602   -5.521  1.00 17.69 ? 179 ILE A CG2   1 
ATOM   1324 C CD1   . ILE A 1 177 ? -5.208  4.894   -4.451  1.00 17.61 ? 179 ILE A CD1   1 
ATOM   1325 N N     . ASP A 1 178 ? -4.640  8.976   -8.764  1.00 16.07 ? 180 ASP A N     1 
ATOM   1326 C CA    . ASP A 1 178 ? -4.085  10.289  -9.079  1.00 15.87 ? 180 ASP A CA    1 
ATOM   1327 C C     . ASP A 1 178 ? -4.124  11.174  -7.849  1.00 15.50 ? 180 ASP A C     1 
ATOM   1328 O O     . ASP A 1 178 ? -5.179  11.354  -7.246  1.00 15.50 ? 180 ASP A O     1 
ATOM   1329 C CB    . ASP A 1 178 ? -4.875  10.985  -10.195 1.00 17.18 ? 180 ASP A CB    1 
ATOM   1330 C CG    . ASP A 1 178 ? -4.625  10.381  -11.562 1.00 18.63 ? 180 ASP A CG    1 
ATOM   1331 O OD1   . ASP A 1 178 ? -3.734  9.519   -11.686 1.00 18.11 ? 180 ASP A OD1   1 
ATOM   1332 O OD2   . ASP A 1 178 ? -5.321  10.784  -12.520 1.00 20.49 ? 180 ASP A OD2   1 
ATOM   1333 N N     . ILE A 1 179 ? -2.975  11.718  -7.471  1.00 14.83 ? 181 ILE A N     1 
ATOM   1334 C CA    . ILE A 1 179 ? -2.930  12.608  -6.321  1.00 14.57 ? 181 ILE A CA    1 
ATOM   1335 C C     . ILE A 1 179 ? -3.316  13.997  -6.830  1.00 16.73 ? 181 ILE A C     1 
ATOM   1336 O O     . ILE A 1 179 ? -2.480  14.889  -6.967  1.00 17.68 ? 181 ILE A O     1 
ATOM   1337 C CB    . ILE A 1 179 ? -1.522  12.628  -5.679  1.00 14.51 ? 181 ILE A CB    1 
ATOM   1338 C CG1   . ILE A 1 179 ? -1.145  11.211  -5.233  1.00 14.30 ? 181 ILE A CG1   1 
ATOM   1339 C CG2   . ILE A 1 179 ? -1.512  13.573  -4.474  1.00 16.21 ? 181 ILE A CG2   1 
ATOM   1340 C CD1   . ILE A 1 179 ? 0.264   11.072  -4.651  1.00 14.52 ? 181 ILE A CD1   1 
ATOM   1341 N N     . ASP A 1 180 ? -4.600  14.157  -7.133  1.00 16.85 ? 182 ASP A N     1 
ATOM   1342 C CA    . ASP A 1 180 ? -5.116  15.417  -7.638  1.00 16.79 ? 182 ASP A CA    1 
ATOM   1343 C C     . ASP A 1 180 ? -6.097  16.032  -6.640  1.00 17.60 ? 182 ASP A C     1 
ATOM   1344 O O     . ASP A 1 180 ? -6.279  15.516  -5.534  1.00 14.14 ? 182 ASP A O     1 
ATOM   1345 C CB    . ASP A 1 180 ? -5.803  15.198  -8.995  1.00 16.91 ? 182 ASP A CB    1 
ATOM   1346 C CG    . ASP A 1 180 ? -6.908  14.151  -8.939  1.00 16.90 ? 182 ASP A CG    1 
ATOM   1347 O OD1   . ASP A 1 180 ? -7.346  13.779  -7.827  1.00 16.36 ? 182 ASP A OD1   1 
ATOM   1348 O OD2   . ASP A 1 180 ? -7.351  13.709  -10.020 1.00 17.73 ? 182 ASP A OD2   1 
ATOM   1349 N N     . ALA A 1 181 ? -6.735  17.130  -7.038  1.00 17.69 ? 183 ALA A N     1 
ATOM   1350 C CA    . ALA A 1 181 ? -7.682  17.818  -6.168  1.00 17.41 ? 183 ALA A CA    1 
ATOM   1351 C C     . ALA A 1 181 ? -8.759  16.884  -5.613  1.00 16.81 ? 183 ALA A C     1 
ATOM   1352 O O     . ALA A 1 181 ? -9.085  16.938  -4.431  1.00 16.74 ? 183 ALA A O     1 
ATOM   1353 C CB    . ALA A 1 181 ? -8.331  18.983  -6.921  1.00 19.09 ? 183 ALA A CB    1 
ATOM   1354 N N     . GLN A 1 182 ? -9.301  16.022  -6.467  1.00 16.21 ? 184 GLN A N     1 
ATOM   1355 C CA    . GLN A 1 182 ? -10.343 15.086  -6.057  1.00 15.50 ? 184 GLN A CA    1 
ATOM   1356 C C     . GLN A 1 182 ? -9.872  14.131  -4.964  1.00 15.49 ? 184 GLN A C     1 
ATOM   1357 O O     . GLN A 1 182 ? -10.533 13.967  -3.939  1.00 15.88 ? 184 GLN A O     1 
ATOM   1358 C CB    . GLN A 1 182 ? -10.815 14.260  -7.255  1.00 14.72 ? 184 GLN A CB    1 
ATOM   1359 C CG    . GLN A 1 182 ? -12.020 13.382  -6.943  1.00 15.94 ? 184 GLN A CG    1 
ATOM   1360 C CD    . GLN A 1 182 ? -12.379 12.445  -8.086  1.00 17.25 ? 184 GLN A CD    1 
ATOM   1361 O OE1   . GLN A 1 182 ? -12.449 12.856  -9.242  1.00 16.20 ? 184 GLN A OE1   1 
ATOM   1362 N NE2   . GLN A 1 182 ? -12.614 11.185  -7.762  1.00 17.63 ? 184 GLN A NE2   1 
ATOM   1363 N N     . THR A 1 183 ? -8.739  13.482  -5.208  1.00 15.79 ? 185 THR A N     1 
ATOM   1364 C CA    . THR A 1 183 ? -8.175  12.532  -4.256  1.00 15.75 ? 185 THR A CA    1 
ATOM   1365 C C     . THR A 1 183 ? -7.845  13.207  -2.931  1.00 16.28 ? 185 THR A C     1 
ATOM   1366 O O     . THR A 1 183 ? -8.179  12.692  -1.865  1.00 18.51 ? 185 THR A O     1 
ATOM   1367 C CB    . THR A 1 183 ? -6.902  11.875  -4.825  1.00 16.21 ? 185 THR A CB    1 
ATOM   1368 O OG1   . THR A 1 183 ? -7.263  10.966  -5.875  1.00 14.39 ? 185 THR A OG1   1 
ATOM   1369 C CG2   . THR A 1 183 ? -6.147  11.118  -3.721  1.00 16.13 ? 185 THR A CG2   1 
ATOM   1370 N N     . LEU A 1 184 ? -7.192  14.360  -3.000  1.00 16.01 ? 186 LEU A N     1 
ATOM   1371 C CA    . LEU A 1 184 ? -6.828  15.093  -1.795  1.00 16.08 ? 186 LEU A CA    1 
ATOM   1372 C C     . LEU A 1 184 ? -8.076  15.487  -0.999  1.00 16.73 ? 186 LEU A C     1 
ATOM   1373 O O     . LEU A 1 184 ? -8.144  15.273  0.211   1.00 16.08 ? 186 LEU A O     1 
ATOM   1374 C CB    . LEU A 1 184 ? -6.014  16.342  -2.165  1.00 14.59 ? 186 LEU A CB    1 
ATOM   1375 C CG    . LEU A 1 184 ? -4.649  16.100  -2.826  1.00 14.17 ? 186 LEU A CG    1 
ATOM   1376 C CD1   . LEU A 1 184 ? -4.035  17.415  -3.281  1.00 12.57 ? 186 LEU A CD1   1 
ATOM   1377 C CD2   . LEU A 1 184 ? -3.725  15.392  -1.844  1.00 16.05 ? 186 LEU A CD2   1 
ATOM   1378 N N     . ALA A 1 185 ? -9.067  16.058  -1.679  1.00 16.83 ? 187 ALA A N     1 
ATOM   1379 C CA    . ALA A 1 185 ? -10.298 16.469  -1.010  1.00 16.67 ? 187 ALA A CA    1 
ATOM   1380 C C     . ALA A 1 185 ? -11.006 15.279  -0.380  1.00 16.57 ? 187 ALA A C     1 
ATOM   1381 O O     . ALA A 1 185 ? -11.469 15.353  0.754   1.00 17.07 ? 187 ALA A O     1 
ATOM   1382 C CB    . ALA A 1 185 ? -11.227 17.164  -2.000  1.00 18.48 ? 187 ALA A CB    1 
ATOM   1383 N N     . ALA A 1 186 ? -11.095 14.175  -1.115  1.00 16.31 ? 188 ALA A N     1 
ATOM   1384 C CA    . ALA A 1 186 ? -11.760 12.981  -0.605  1.00 17.35 ? 188 ALA A CA    1 
ATOM   1385 C C     . ALA A 1 186 ? -11.092 12.437  0.658   1.00 18.07 ? 188 ALA A C     1 
ATOM   1386 O O     . ALA A 1 186 ? -11.741 11.789  1.480   1.00 18.64 ? 188 ALA A O     1 
ATOM   1387 C CB    . ALA A 1 186 ? -11.784 11.906  -1.677  1.00 17.57 ? 188 ALA A CB    1 
ATOM   1388 N N     . LEU A 1 187 ? -9.798  12.706  0.807   1.00 17.10 ? 189 LEU A N     1 
ATOM   1389 C CA    . LEU A 1 187 ? -9.038  12.222  1.955   1.00 18.05 ? 189 LEU A CA    1 
ATOM   1390 C C     . LEU A 1 187 ? -8.818  13.290  3.025   1.00 19.23 ? 189 LEU A C     1 
ATOM   1391 O O     . LEU A 1 187 ? -8.134  13.042  4.011   1.00 18.18 ? 189 LEU A O     1 
ATOM   1392 C CB    . LEU A 1 187 ? -7.683  11.680  1.487   1.00 15.70 ? 189 LEU A CB    1 
ATOM   1393 C CG    . LEU A 1 187 ? -7.768  10.505  0.506   1.00 14.48 ? 189 LEU A CG    1 
ATOM   1394 C CD1   . LEU A 1 187 ? -6.402  10.208  -0.093  1.00 14.52 ? 189 LEU A CD1   1 
ATOM   1395 C CD2   . LEU A 1 187 ? -8.327  9.294   1.228   1.00 12.78 ? 189 LEU A CD2   1 
ATOM   1396 N N     . ASP A 1 188 ? -9.395  14.473  2.818   1.00 20.49 ? 190 ASP A N     1 
ATOM   1397 C CA    . ASP A 1 188 ? -9.262  15.577  3.766   1.00 21.07 ? 190 ASP A CA    1 
ATOM   1398 C C     . ASP A 1 188 ? -7.825  16.034  3.947   1.00 20.62 ? 190 ASP A C     1 
ATOM   1399 O O     . ASP A 1 188 ? -7.403  16.369  5.052   1.00 20.48 ? 190 ASP A O     1 
ATOM   1400 C CB    . ASP A 1 188 ? -9.845  15.179  5.123   1.00 23.75 ? 190 ASP A CB    1 
ATOM   1401 C CG    . ASP A 1 188 ? -11.351 15.270  5.148   1.00 28.38 ? 190 ASP A CG    1 
ATOM   1402 O OD1   . ASP A 1 188 ? -11.975 14.676  6.051   1.00 30.20 ? 190 ASP A OD1   1 
ATOM   1403 O OD2   . ASP A 1 188 ? -11.914 15.946  4.260   1.00 31.56 ? 190 ASP A OD2   1 
ATOM   1404 N N     . LEU A 1 189 ? -7.077  16.053  2.853   1.00 19.98 ? 191 LEU A N     1 
ATOM   1405 C CA    . LEU A 1 189 ? -5.687  16.473  2.890   1.00 20.01 ? 191 LEU A CA    1 
ATOM   1406 C C     . LEU A 1 189 ? -5.516  17.887  2.337   1.00 21.65 ? 191 LEU A C     1 
ATOM   1407 O O     . LEU A 1 189 ? -6.390  18.414  1.639   1.00 21.09 ? 191 LEU A O     1 
ATOM   1408 C CB    . LEU A 1 189 ? -4.832  15.496  2.088   1.00 19.60 ? 191 LEU A CB    1 
ATOM   1409 C CG    . LEU A 1 189 ? -4.916  14.043  2.562   1.00 18.62 ? 191 LEU A CG    1 
ATOM   1410 C CD1   . LEU A 1 189 ? -4.165  13.140  1.593   1.00 17.62 ? 191 LEU A CD1   1 
ATOM   1411 C CD2   . LEU A 1 189 ? -4.355  13.934  3.971   1.00 17.07 ? 191 LEU A CD2   1 
ATOM   1412 N N     . ASP A 1 190 ? -4.383  18.494  2.666   1.00 21.99 ? 192 ASP A N     1 
ATOM   1413 C CA    . ASP A 1 190 ? -4.060  19.836  2.217   1.00 23.60 ? 192 ASP A CA    1 
ATOM   1414 C C     . ASP A 1 190 ? -4.118  19.932  0.694   1.00 24.56 ? 192 ASP A C     1 
ATOM   1415 O O     . ASP A 1 190 ? -3.343  19.279  -0.007  1.00 25.14 ? 192 ASP A O     1 
ATOM   1416 C CB    . ASP A 1 190 ? -2.667  20.206  2.718   1.00 26.08 ? 192 ASP A CB    1 
ATOM   1417 C CG    . ASP A 1 190 ? -2.227  21.568  2.258   1.00 28.08 ? 192 ASP A CG    1 
ATOM   1418 O OD1   . ASP A 1 190 ? -3.108  22.406  1.970   1.00 28.48 ? 192 ASP A OD1   1 
ATOM   1419 O OD2   . ASP A 1 190 ? -1.001  21.801  2.201   1.00 29.11 ? 192 ASP A OD2   1 
ATOM   1420 N N     . PRO A 1 191 ? -5.036  20.757  0.158   1.00 25.61 ? 193 PRO A N     1 
ATOM   1421 C CA    . PRO A 1 191 ? -5.142  20.891  -1.296  1.00 24.76 ? 193 PRO A CA    1 
ATOM   1422 C C     . PRO A 1 191 ? -3.847  21.353  -1.955  1.00 24.94 ? 193 PRO A C     1 
ATOM   1423 O O     . PRO A 1 191 ? -3.580  21.031  -3.112  1.00 23.65 ? 193 PRO A O     1 
ATOM   1424 C CB    . PRO A 1 191 ? -6.293  21.883  -1.470  1.00 24.69 ? 193 PRO A CB    1 
ATOM   1425 C CG    . PRO A 1 191 ? -6.238  22.694  -0.228  1.00 25.62 ? 193 PRO A CG    1 
ATOM   1426 C CD    . PRO A 1 191 ? -5.981  21.661  0.837   1.00 24.51 ? 193 PRO A CD    1 
ATOM   1427 N N     . ALA A 1 192 ? -3.041  22.100  -1.210  1.00 26.08 ? 194 ALA A N     1 
ATOM   1428 C CA    . ALA A 1 192 ? -1.769  22.600  -1.719  1.00 28.15 ? 194 ALA A CA    1 
ATOM   1429 C C     . ALA A 1 192 ? -0.843  21.448  -2.104  1.00 30.05 ? 194 ALA A C     1 
ATOM   1430 O O     . ALA A 1 192 ? 0.083   21.621  -2.892  1.00 31.00 ? 194 ALA A O     1 
ATOM   1431 C CB    . ALA A 1 192 ? -1.100  23.480  -0.671  1.00 27.58 ? 194 ALA A CB    1 
ATOM   1432 N N     . LEU A 1 193 ? -1.087  20.271  -1.541  1.00 31.36 ? 195 LEU A N     1 
ATOM   1433 C CA    . LEU A 1 193 ? -0.265  19.113  -1.856  1.00 32.95 ? 195 LEU A CA    1 
ATOM   1434 C C     . LEU A 1 193 ? -0.369  18.764  -3.336  1.00 34.35 ? 195 LEU A C     1 
ATOM   1435 O O     . LEU A 1 193 ? 0.464   18.028  -3.858  1.00 34.17 ? 195 LEU A O     1 
ATOM   1436 C CB    . LEU A 1 193 ? -0.701  17.902  -1.016  1.00 33.04 ? 195 LEU A CB    1 
ATOM   1437 C CG    . LEU A 1 193 ? -0.367  17.896  0.474   1.00 33.06 ? 195 LEU A CG    1 
ATOM   1438 C CD1   . LEU A 1 193 ? -1.151  16.801  1.183   1.00 34.49 ? 195 LEU A CD1   1 
ATOM   1439 C CD2   . LEU A 1 193 ? 1.130   17.677  0.652   1.00 35.61 ? 195 LEU A CD2   1 
ATOM   1440 N N     . CYS A 1 194 ? -1.391  19.302  -4.008  1.00 35.89 ? 196 CYS A N     1 
ATOM   1441 C CA    . CYS A 1 194 ? -1.638  19.039  -5.430  1.00 37.71 ? 196 CYS A CA    1 
ATOM   1442 C C     . CYS A 1 194 ? -0.513  19.518  -6.352  1.00 38.53 ? 196 CYS A C     1 
ATOM   1443 O O     . CYS A 1 194 ? 0.039   18.672  -7.092  1.00 39.71 ? 196 CYS A O     1 
ATOM   1444 C CB    . CYS A 1 194 ? -2.962  19.694  -5.852  1.00 37.89 ? 196 CYS A CB    1 
ATOM   1445 S SG    . CYS A 1 194 ? -3.570  19.220  -7.500  1.00 41.24 ? 196 CYS A SG    1 
HETATM 1446 C CS    . MTA B 2 .   ? -0.401  -8.648  -4.692  1.00 37.89 ? 204 MTA A CS    1 
HETATM 1447 S "S5'" . MTA B 2 .   ? -1.432  -9.884  -5.537  1.00 38.86 ? 204 MTA A "S5'" 1 
HETATM 1448 C "C5'" . MTA B 2 .   ? -1.276  -11.298 -4.405  1.00 34.43 ? 204 MTA A "C5'" 1 
HETATM 1449 C "C4'" . MTA B 2 .   ? -0.215  -12.298 -4.868  1.00 32.50 ? 204 MTA A "C4'" 1 
HETATM 1450 O "O4'" . MTA B 2 .   ? 1.066   -11.608 -4.882  1.00 31.04 ? 204 MTA A "O4'" 1 
HETATM 1451 C "C2'" . MTA B 2 .   ? 1.303   -13.285 -3.269  1.00 30.42 ? 204 MTA A "C2'" 1 
HETATM 1452 O "O2'" . MTA B 2 .   ? 1.907   -14.497 -2.806  1.00 33.33 ? 204 MTA A "O2'" 1 
HETATM 1453 C "C3'" . MTA B 2 .   ? -0.143  -13.451 -3.857  1.00 30.96 ? 204 MTA A "C3'" 1 
HETATM 1454 O "O3'" . MTA B 2 .   ? -0.232  -14.697 -4.559  1.00 32.15 ? 204 MTA A "O3'" 1 
HETATM 1455 C "C1'" . MTA B 2 .   ? 2.043   -12.578 -4.419  1.00 27.90 ? 204 MTA A "C1'" 1 
HETATM 1456 N N9    . MTA B 2 .   ? 3.242   -11.849 -3.954  1.00 25.22 ? 204 MTA A N9    1 
HETATM 1457 C C8    . MTA B 2 .   ? 3.294   -10.825 -3.039  1.00 23.93 ? 204 MTA A C8    1 
HETATM 1458 N N7    . MTA B 2 .   ? 4.512   -10.411 -2.867  1.00 24.17 ? 204 MTA A N7    1 
HETATM 1459 C C5    . MTA B 2 .   ? 5.336   -11.140 -3.664  1.00 24.19 ? 204 MTA A C5    1 
HETATM 1460 C C6    . MTA B 2 .   ? 6.749   -11.159 -3.917  1.00 23.24 ? 204 MTA A C6    1 
HETATM 1461 N N6    . MTA B 2 .   ? 7.583   -10.276 -3.257  1.00 23.54 ? 204 MTA A N6    1 
HETATM 1462 N N1    . MTA B 2 .   ? 7.251   -12.064 -4.821  1.00 22.51 ? 204 MTA A N1    1 
HETATM 1463 C C2    . MTA B 2 .   ? 6.446   -12.945 -5.485  1.00 23.30 ? 204 MTA A C2    1 
HETATM 1464 N N3    . MTA B 2 .   ? 5.101   -12.936 -5.250  1.00 22.98 ? 204 MTA A N3    1 
HETATM 1465 C C4    . MTA B 2 .   ? 4.517   -12.081 -4.377  1.00 23.94 ? 204 MTA A C4    1 
HETATM 1466 C C1    . NOO C 3 .   ? -7.102  -6.325  0.974   1.00 40.41 ? 300 NOO A C1    1 
HETATM 1467 O O1    . NOO C 3 .   ? -8.307  -6.366  0.750   1.00 41.44 ? 300 NOO A O1    1 
HETATM 1468 C C2    . NOO C 3 .   ? -6.132  -5.561  0.081   1.00 39.87 ? 300 NOO A C2    1 
HETATM 1469 C C3    . NOO C 3 .   ? -4.799  -5.961  -0.087  1.00 40.01 ? 300 NOO A C3    1 
HETATM 1470 C C4    . NOO C 3 .   ? -4.273  -7.081  0.834   1.00 40.85 ? 300 NOO A C4    1 
HETATM 1471 C C5    . NOO C 3 .   ? -4.961  -7.145  2.256   1.00 40.83 ? 300 NOO A C5    1 
HETATM 1472 C C6    . NOO C 3 .   ? -6.519  -7.105  2.194   1.00 40.21 ? 300 NOO A C6    1 
HETATM 1473 N N7    . NOO C 3 .   ? -3.869  -5.414  -1.070  1.00 39.44 ? 300 NOO A N7    1 
HETATM 1474 C C8    . NOO C 3 .   ? -2.512  -4.999  -1.045  1.00 38.91 ? 300 NOO A C8    1 
HETATM 1475 O O8    . NOO C 3 .   ? -1.583  -5.679  -0.620  1.00 39.35 ? 300 NOO A O8    1 
HETATM 1476 C C9    . NOO C 3 .   ? -2.130  -3.603  -1.586  1.00 37.38 ? 300 NOO A C9    1 
HETATM 1477 C C10   . NOO C 3 .   ? -3.153  -2.780  -2.411  1.00 37.02 ? 300 NOO A C10   1 
HETATM 1478 C C11   . NOO C 3 .   ? -2.397  -1.851  -3.399  1.00 34.23 ? 300 NOO A C11   1 
HETATM 1479 C C12   . NOO C 3 .   ? -3.058  -0.468  -3.539  1.00 33.44 ? 300 NOO A C12   1 
HETATM 1480 C C13   . NOO C 3 .   ? -2.352  0.378   -4.620  1.00 31.80 ? 300 NOO A C13   1 
HETATM 1481 C C14   . NOO C 3 .   ? -3.335  1.332   -5.325  1.00 27.57 ? 300 NOO A C14   1 
HETATM 1482 C C15   . NOO C 3 .   ? -2.604  2.331   -6.227  1.00 25.11 ? 300 NOO A C15   1 
HETATM 1483 O O     . HOH D 4 .   ? -2.515  -20.133 8.282   1.00 32.74 ? 91  HOH A O     1 
HETATM 1484 O O     . HOH D 4 .   ? 11.688  9.079   -6.238  1.00 23.68 ? 92  HOH A O     1 
HETATM 1485 O O     . HOH D 4 .   ? 1.052   -6.522  -1.839  1.00 11.67 ? 205 HOH A O     1 
HETATM 1486 O O     . HOH D 4 .   ? 14.158  -4.856  -3.938  1.00 13.52 ? 206 HOH A O     1 
HETATM 1487 O O     . HOH D 4 .   ? 13.059  0.932   -11.175 1.00 14.41 ? 207 HOH A O     1 
HETATM 1488 O O     . HOH D 4 .   ? -8.318  19.280  -3.248  1.00 15.66 ? 208 HOH A O     1 
HETATM 1489 O O     . HOH D 4 .   ? -13.277 14.379  -3.796  1.00 15.59 ? 209 HOH A O     1 
HETATM 1490 O O     . HOH D 4 .   ? -4.238  -5.313  -14.286 1.00 20.32 ? 210 HOH A O     1 
HETATM 1491 O O     . HOH D 4 .   ? 5.321   -0.694  -2.520  1.00 17.15 ? 211 HOH A O     1 
HETATM 1492 O O     . HOH D 4 .   ? -11.349 -2.730  -16.968 1.00 16.46 ? 212 HOH A O     1 
HETATM 1493 O O     . HOH D 4 .   ? -10.497 -11.048 -15.749 1.00 16.99 ? 213 HOH A O     1 
HETATM 1494 O O     . HOH D 4 .   ? 11.381  1.013   -4.921  1.00 17.86 ? 214 HOH A O     1 
HETATM 1495 O O     . HOH D 4 .   ? 4.235   2.714   14.855  1.00 15.43 ? 215 HOH A O     1 
HETATM 1496 O O     . HOH D 4 .   ? 10.202  -0.430  -15.199 1.00 18.00 ? 216 HOH A O     1 
HETATM 1497 O O     . HOH D 4 .   ? 13.731  -3.272  -10.954 1.00 23.04 ? 217 HOH A O     1 
HETATM 1498 O O     . HOH D 4 .   ? 8.192   6.073   -16.616 1.00 31.17 ? 218 HOH A O     1 
HETATM 1499 O O     . HOH D 4 .   ? -14.824 12.363  -4.664  1.00 21.23 ? 219 HOH A O     1 
HETATM 1500 O O     . HOH D 4 .   ? -5.918  13.747  -12.250 1.00 21.73 ? 220 HOH A O     1 
HETATM 1501 O O     . HOH D 4 .   ? -0.227  -19.793 10.102  1.00 19.52 ? 221 HOH A O     1 
HETATM 1502 O O     . HOH D 4 .   ? 6.759   -16.464 9.689   1.00 21.39 ? 222 HOH A O     1 
HETATM 1503 O O     . HOH D 4 .   ? 13.455  -1.555  7.500   1.00 20.27 ? 223 HOH A O     1 
HETATM 1504 O O     . HOH D 4 .   ? -5.788  -4.349  -2.555  1.00 27.69 ? 224 HOH A O     1 
HETATM 1505 O O     . HOH D 4 .   ? 18.158  -2.171  2.397   1.00 24.10 ? 225 HOH A O     1 
HETATM 1506 O O     . HOH D 4 .   ? -11.498 2.681   -10.594 1.00 21.32 ? 226 HOH A O     1 
HETATM 1507 O O     . HOH D 4 .   ? 9.796   7.246   -7.480  1.00 21.25 ? 227 HOH A O     1 
HETATM 1508 O O     . HOH D 4 .   ? 1.931   -3.488  -6.532  1.00 22.02 ? 228 HOH A O     1 
HETATM 1509 O O     . HOH D 4 .   ? 7.752   -5.884  18.541  1.00 20.71 ? 229 HOH A O     1 
HETATM 1510 O O     . HOH D 4 .   ? -10.954 -8.781  -5.218  1.00 22.59 ? 230 HOH A O     1 
HETATM 1511 O O     . HOH D 4 .   ? 9.594   -12.569 -5.798  1.00 21.59 ? 231 HOH A O     1 
HETATM 1512 O O     . HOH D 4 .   ? 12.672  4.748   5.343   1.00 25.44 ? 232 HOH A O     1 
HETATM 1513 O O     . HOH D 4 .   ? 15.362  -2.724  6.297   1.00 19.53 ? 233 HOH A O     1 
HETATM 1514 O O     . HOH D 4 .   ? -9.145  1.456   -10.533 1.00 17.03 ? 234 HOH A O     1 
HETATM 1515 O O     . HOH D 4 .   ? 8.899   -4.623  -15.753 1.00 25.76 ? 235 HOH A O     1 
HETATM 1516 O O     . HOH D 4 .   ? 5.589   12.378  5.332   1.00 29.71 ? 236 HOH A O     1 
HETATM 1517 O O     . HOH D 4 .   ? 12.557  0.629   6.332   1.00 23.55 ? 237 HOH A O     1 
HETATM 1518 O O     . HOH D 4 .   ? -7.927  -4.917  4.244   1.00 28.98 ? 238 HOH A O     1 
HETATM 1519 O O     . HOH D 4 .   ? -9.577  0.929   18.606  1.00 28.67 ? 239 HOH A O     1 
HETATM 1520 O O     . HOH D 4 .   ? 0.407   9.765   9.488   1.00 23.12 ? 240 HOH A O     1 
HETATM 1521 O O     . HOH D 4 .   ? -13.831 10.483  1.784   1.00 24.47 ? 241 HOH A O     1 
HETATM 1522 O O     . HOH D 4 .   ? -8.952  16.395  -9.407  1.00 20.53 ? 242 HOH A O     1 
HETATM 1523 O O     . HOH D 4 .   ? 10.382  2.991   7.586   1.00 23.93 ? 243 HOH A O     1 
HETATM 1524 O O     . HOH D 4 .   ? -2.003  7.635   -15.775 1.00 29.30 ? 244 HOH A O     1 
HETATM 1525 O O     . HOH D 4 .   ? 6.637   -12.703 1.973   1.00 22.88 ? 245 HOH A O     1 
HETATM 1526 O O     . HOH D 4 .   ? 4.033   -13.713 -12.505 1.00 21.94 ? 246 HOH A O     1 
HETATM 1527 O O     . HOH D 4 .   ? 14.704  3.744   12.699  1.00 20.06 ? 247 HOH A O     1 
HETATM 1528 O O     . HOH D 4 .   ? 10.211  5.614   13.035  1.00 24.55 ? 248 HOH A O     1 
HETATM 1529 O O     . HOH D 4 .   ? 12.720  4.470   -1.178  1.00 25.01 ? 249 HOH A O     1 
HETATM 1530 O O     . HOH D 4 .   ? 11.957  4.161   9.304   1.00 23.45 ? 250 HOH A O     1 
HETATM 1531 O O     . HOH D 4 .   ? 13.808  -8.131  2.898   1.00 30.83 ? 251 HOH A O     1 
HETATM 1532 O O     . HOH D 4 .   ? -6.241  4.575   -16.662 1.00 26.46 ? 252 HOH A O     1 
HETATM 1533 O O     . HOH D 4 .   ? -4.367  9.049   20.279  1.00 47.60 ? 253 HOH A O     1 
HETATM 1534 O O     . HOH D 4 .   ? 16.580  5.848   11.887  1.00 22.37 ? 254 HOH A O     1 
HETATM 1535 O O     . HOH D 4 .   ? -4.727  9.290   8.534   1.00 32.16 ? 255 HOH A O     1 
HETATM 1536 O O     . HOH D 4 .   ? -15.817 -2.375  -12.273 1.00 28.87 ? 256 HOH A O     1 
HETATM 1537 O O     . HOH D 4 .   ? 7.573   10.266  8.957   1.00 33.23 ? 257 HOH A O     1 
HETATM 1538 O O     . HOH D 4 .   ? 15.993  -6.557  -0.997  1.00 25.99 ? 258 HOH A O     1 
HETATM 1539 O O     . HOH D 4 .   ? -6.795  -4.022  20.434  1.00 34.58 ? 259 HOH A O     1 
HETATM 1540 O O     . HOH D 4 .   ? 13.805  -1.757  18.964  1.00 26.83 ? 260 HOH A O     1 
HETATM 1541 O O     . HOH D 4 .   ? 0.581   -4.867  17.435  1.00 29.30 ? 261 HOH A O     1 
HETATM 1542 O O     . HOH D 4 .   ? -2.482  17.083  4.555   1.00 27.93 ? 262 HOH A O     1 
HETATM 1543 O O     . HOH D 4 .   ? -14.081 7.731   -6.658  1.00 22.46 ? 263 HOH A O     1 
HETATM 1544 O O     . HOH D 4 .   ? 2.671   -4.008  -21.864 1.00 40.09 ? 264 HOH A O     1 
HETATM 1545 O O     . HOH D 4 .   ? -6.029  10.146  -14.915 1.00 24.55 ? 265 HOH A O     1 
HETATM 1546 O O     . HOH D 4 .   ? 9.305   11.216  -5.501  1.00 25.95 ? 266 HOH A O     1 
HETATM 1547 O O     . HOH D 4 .   ? -10.989 -5.642  0.009   1.00 31.53 ? 267 HOH A O     1 
HETATM 1548 O O     . HOH D 4 .   ? -8.106  19.042  -0.380  1.00 20.85 ? 268 HOH A O     1 
HETATM 1549 O O     . HOH D 4 .   ? -0.943  -18.626 13.932  1.00 27.25 ? 269 HOH A O     1 
HETATM 1550 O O     . HOH D 4 .   ? 9.003   -21.266 8.891   1.00 30.00 ? 270 HOH A O     1 
HETATM 1551 O O     . HOH D 4 .   ? 14.345  -6.359  -5.894  1.00 24.86 ? 271 HOH A O     1 
HETATM 1552 O O     . HOH D 4 .   ? -7.194  12.844  6.516   1.00 29.49 ? 272 HOH A O     1 
HETATM 1553 O O     . HOH D 4 .   ? -13.781 -9.113  -5.978  1.00 31.02 ? 273 HOH A O     1 
HETATM 1554 O O     . HOH D 4 .   ? 12.934  -7.181  14.430  1.00 26.33 ? 274 HOH A O     1 
HETATM 1555 O O     . HOH D 4 .   ? 7.619   -10.936 13.966  1.00 23.65 ? 275 HOH A O     1 
HETATM 1556 O O     . HOH D 4 .   ? 12.867  -9.322  -7.471  1.00 31.77 ? 276 HOH A O     1 
HETATM 1557 O O     . HOH D 4 .   ? 2.221   1.264   -16.919 1.00 29.18 ? 277 HOH A O     1 
HETATM 1558 O O     . HOH D 4 .   ? 0.413   -4.221  -4.382  1.00 32.44 ? 278 HOH A O     1 
HETATM 1559 O O     . HOH D 4 .   ? 16.240  -5.854  -8.852  1.00 28.60 ? 279 HOH A O     1 
HETATM 1560 O O     . HOH D 4 .   ? -4.081  -5.000  -19.723 1.00 29.66 ? 280 HOH A O     1 
HETATM 1561 O O     . HOH D 4 .   ? -4.421  -8.553  -17.215 1.00 22.07 ? 281 HOH A O     1 
HETATM 1562 O O     . HOH D 4 .   ? -14.108 -3.622  -9.200  1.00 34.36 ? 282 HOH A O     1 
HETATM 1563 O O     . HOH D 4 .   ? 1.744   8.729   -15.411 1.00 30.80 ? 283 HOH A O     1 
HETATM 1564 O O     . HOH D 4 .   ? -17.357 -0.015  -8.493  1.00 31.74 ? 284 HOH A O     1 
HETATM 1565 O O     . HOH D 4 .   ? 11.383  -3.574  6.712   1.00 30.80 ? 285 HOH A O     1 
HETATM 1566 O O     . HOH D 4 .   ? -0.262  0.460   -17.693 1.00 30.27 ? 286 HOH A O     1 
HETATM 1567 O O     . HOH D 4 .   ? 18.552  3.455   7.144   1.00 31.38 ? 287 HOH A O     1 
HETATM 1568 O O     . HOH D 4 .   ? 0.288   -20.069 -6.314  1.00 28.93 ? 288 HOH A O     1 
HETATM 1569 O O     . HOH D 4 .   ? -2.148  13.235  -10.551 1.00 32.71 ? 289 HOH A O     1 
HETATM 1570 O O     . HOH D 4 .   ? 7.081   -3.442  -17.455 1.00 31.04 ? 290 HOH A O     1 
HETATM 1571 O O     . HOH D 4 .   ? -2.557  5.169   18.938  1.00 27.24 ? 291 HOH A O     1 
HETATM 1572 O O     . HOH D 4 .   ? -13.163 -9.677  -15.093 1.00 20.69 ? 292 HOH A O     1 
HETATM 1573 O O     . HOH D 4 .   ? 3.798   -6.040  -21.139 1.00 33.56 ? 293 HOH A O     1 
HETATM 1574 O O     . HOH D 4 .   ? 9.938   -11.089 13.726  1.00 30.08 ? 294 HOH A O     1 
HETATM 1575 O O     . HOH D 4 .   ? -4.623  -3.826  -21.952 1.00 29.32 ? 295 HOH A O     1 
HETATM 1576 O O     . HOH D 4 .   ? 9.672   -6.778  -17.717 1.00 33.42 ? 296 HOH A O     1 
HETATM 1577 O O     . HOH D 4 .   ? 3.831   -13.955 -0.348  1.00 50.15 ? 297 HOH A O     1 
# 
